data_4BMM
#
_entry.id   4BMM
#
_cell.length_a   272.469
_cell.length_b   66.452
_cell.length_c   122.219
_cell.angle_alpha   90.00
_cell.angle_beta   110.65
_cell.angle_gamma   90.00
#
_symmetry.space_group_name_H-M   'C 1 2 1'
#
loop_
_entity.id
_entity.type
_entity.pdbx_description
1 polymer 'STEROL 14-ALPHA DEMETHYLASE'
2 non-polymer 'PROTOPORPHYRIN IX CONTAINING FE'
3 non-polymer 4-[2,5-bis(fluoranyl)phenyl]-2-fluoranyl-N-[(2R)-3-(1H-indol-3-yl)-1-oxidanylidene-1-(pyridin-4-ylamino)propan-2-yl]benzamide
4 water water
#
_entity_poly.entity_id   1
_entity_poly.type   'polypeptide(L)'
_entity_poly.pdbx_seq_one_letter_code
;MAKKTSSKGKLPPVYPVTVPFLGHIVQFGKNPLEFMQRCKRDLKSGVFTISIGGQRVTIVGDPHEHSRFFSPRNEILSPR
EVYTIMTPVFGEGVAYAAPYPRMREQLNFLAEELTIAKFQNFVPAIQHEVRKFMAENWKEDEGVINLLEDCGAMIINTAC
QCLFGEDLRKRLNARHFAQLLSKMESSLIPAAVFMPWLLRLPLPQSARCREARAELQKILGEIIVAREKEEASKDNNTSD
LLGGLLKAVYRDGTRMSLHEVCGMIVAAMFAGQHTSTITTSWSMLHLMHPKNKKWLDKLHKEIDEFPAQLNYDNVMDEMP
FAERCVRESIRRDPPLLMVMRMVKAEVKVGSYVVPKGDIIACSPLLSHHDEEAFPNPRLWDPERDEKVDGAFIGFGAGVH
KCIGQKFALLQVKTILATAFREYDFQLLRDEVPDPDYHTMVVGPTLNQCLVKYTRKKKLPSHHHHHH
;
_entity_poly.pdbx_strand_id   A,B,C,D
#
# COMPACT_ATOMS: atom_id res chain seq x y z
N LYS A 10 32.01 23.20 -16.24
CA LYS A 10 31.00 22.42 -15.46
C LYS A 10 30.49 21.17 -16.21
N LEU A 11 30.54 21.16 -17.55
CA LEU A 11 30.18 19.96 -18.31
C LEU A 11 31.40 19.03 -18.44
N PRO A 12 31.29 17.77 -17.96
CA PRO A 12 32.40 16.81 -18.05
C PRO A 12 32.70 16.44 -19.50
N PRO A 13 33.95 16.00 -19.78
CA PRO A 13 34.31 15.48 -21.10
C PRO A 13 33.37 14.43 -21.66
N VAL A 14 33.22 14.44 -22.99
CA VAL A 14 32.47 13.41 -23.74
C VAL A 14 33.44 12.74 -24.71
N TYR A 15 33.38 11.42 -24.84
CA TYR A 15 34.17 10.79 -25.88
C TYR A 15 33.43 11.04 -27.19
N PRO A 16 34.16 11.32 -28.28
CA PRO A 16 33.48 11.65 -29.55
C PRO A 16 32.70 10.46 -30.15
N VAL A 17 31.45 10.68 -30.53
CA VAL A 17 30.63 9.64 -31.15
C VAL A 17 31.02 9.38 -32.61
N THR A 18 31.48 8.16 -32.90
CA THR A 18 31.79 7.78 -34.28
C THR A 18 30.56 8.08 -35.14
N VAL A 19 29.40 7.49 -34.82
CA VAL A 19 28.11 7.79 -35.45
C VAL A 19 26.96 7.77 -34.41
N PRO A 20 26.24 8.91 -34.25
CA PRO A 20 25.24 9.17 -33.22
C PRO A 20 24.35 8.02 -32.75
N PHE A 21 23.56 7.44 -33.65
CA PHE A 21 22.38 6.62 -33.25
C PHE A 21 22.68 5.40 -32.36
N LEU A 22 23.95 5.03 -32.23
CA LEU A 22 24.37 3.96 -31.31
C LEU A 22 25.44 4.37 -30.28
N GLY A 23 26.05 5.54 -30.43
CA GLY A 23 27.04 6.05 -29.48
C GLY A 23 28.38 5.30 -29.48
N HIS A 24 28.64 4.60 -28.37
CA HIS A 24 29.84 3.77 -28.19
C HIS A 24 29.50 2.32 -27.82
N ILE A 25 28.22 1.96 -27.91
CA ILE A 25 27.83 0.56 -27.69
C ILE A 25 28.83 -0.41 -28.35
N VAL A 26 29.26 -0.10 -29.57
CA VAL A 26 30.16 -0.98 -30.33
C VAL A 26 31.46 -1.20 -29.54
N GLN A 27 32.18 -0.12 -29.28
CA GLN A 27 33.48 -0.24 -28.62
C GLN A 27 33.26 -0.85 -27.25
N PHE A 28 32.37 -0.22 -26.50
CA PHE A 28 32.14 -0.58 -25.12
C PHE A 28 31.83 -2.08 -24.95
N GLY A 29 31.02 -2.63 -25.85
CA GLY A 29 30.67 -4.04 -25.77
C GLY A 29 31.88 -4.94 -25.96
N LYS A 30 32.79 -4.56 -26.86
CA LYS A 30 33.93 -5.42 -27.16
C LYS A 30 34.95 -5.40 -26.01
N ASN A 31 35.29 -4.21 -25.49
CA ASN A 31 36.16 -4.12 -24.31
C ASN A 31 35.85 -2.94 -23.42
N PRO A 32 35.12 -3.19 -22.33
CA PRO A 32 34.79 -2.03 -21.53
C PRO A 32 36.01 -1.54 -20.76
N LEU A 33 36.94 -2.44 -20.46
CA LEU A 33 38.13 -2.07 -19.69
C LEU A 33 39.03 -1.18 -20.55
N GLU A 34 39.48 -1.71 -21.69
CA GLU A 34 40.26 -0.98 -22.69
C GLU A 34 39.59 0.34 -22.96
N PHE A 35 38.29 0.29 -23.17
CA PHE A 35 37.59 1.46 -23.57
C PHE A 35 37.57 2.48 -22.46
N MET A 36 37.18 2.07 -21.25
CA MET A 36 37.03 3.01 -20.17
C MET A 36 38.41 3.53 -19.76
N GLN A 37 39.36 2.61 -19.70
CA GLN A 37 40.76 2.98 -19.48
C GLN A 37 41.24 4.04 -20.48
N ARG A 38 40.77 3.96 -21.72
CA ARG A 38 41.20 4.84 -22.80
C ARG A 38 40.51 6.21 -22.72
N CYS A 39 39.20 6.19 -22.49
CA CYS A 39 38.43 7.42 -22.36
C CYS A 39 39.05 8.26 -21.25
N LYS A 40 39.15 7.68 -20.07
CA LYS A 40 39.79 8.33 -18.89
C LYS A 40 41.18 8.91 -19.19
N ARG A 41 41.97 8.14 -19.94
CA ARG A 41 43.33 8.52 -20.30
C ARG A 41 43.33 9.71 -21.27
N ASP A 42 42.65 9.55 -22.40
CA ASP A 42 42.66 10.53 -23.50
C ASP A 42 42.05 11.88 -23.08
N LEU A 43 40.99 11.84 -22.26
CA LEU A 43 40.33 13.07 -21.79
C LEU A 43 40.91 13.55 -20.45
N LYS A 44 42.01 12.91 -20.03
CA LYS A 44 42.70 13.22 -18.78
C LYS A 44 41.73 13.65 -17.70
N SER A 45 40.91 12.70 -17.25
CA SER A 45 39.85 13.01 -16.31
C SER A 45 39.14 11.73 -15.83
N GLY A 46 39.14 11.51 -14.52
CA GLY A 46 38.43 10.37 -13.94
C GLY A 46 36.94 10.44 -14.23
N VAL A 47 36.36 11.64 -14.18
CA VAL A 47 34.94 11.77 -14.46
C VAL A 47 34.78 12.15 -15.93
N PHE A 48 33.96 11.39 -16.66
CA PHE A 48 33.73 11.62 -18.08
C PHE A 48 32.38 11.05 -18.52
N THR A 49 32.03 11.30 -19.79
CA THR A 49 30.66 11.12 -20.28
C THR A 49 30.66 10.31 -21.58
N ILE A 50 29.95 9.20 -21.59
CA ILE A 50 29.82 8.40 -22.80
C ILE A 50 28.35 8.34 -23.21
N SER A 51 28.12 8.02 -24.48
CA SER A 51 26.79 7.75 -25.02
C SER A 51 26.60 6.26 -25.31
N ILE A 52 25.49 5.69 -24.84
CA ILE A 52 25.01 4.41 -25.33
C ILE A 52 23.59 4.64 -25.85
N GLY A 53 23.39 4.42 -27.16
CA GLY A 53 22.09 4.62 -27.81
C GLY A 53 21.63 6.05 -27.77
N GLY A 54 22.56 6.97 -28.02
CA GLY A 54 22.31 8.40 -27.84
C GLY A 54 22.12 8.81 -26.37
N GLN A 55 21.88 7.83 -25.50
CA GLN A 55 21.65 8.06 -24.08
C GLN A 55 22.94 8.51 -23.45
N ARG A 56 22.86 9.53 -22.59
CA ARG A 56 24.06 10.06 -21.93
C ARG A 56 24.33 9.33 -20.60
N VAL A 57 25.60 9.10 -20.32
CA VAL A 57 26.07 8.31 -19.20
C VAL A 57 27.33 8.95 -18.66
N THR A 58 27.41 9.15 -17.36
CA THR A 58 28.60 9.74 -16.80
C THR A 58 29.19 8.82 -15.77
N ILE A 59 30.45 8.46 -15.98
CA ILE A 59 31.13 7.50 -15.13
C ILE A 59 31.99 8.22 -14.10
N VAL A 60 31.65 8.09 -12.82
CA VAL A 60 32.59 8.51 -11.79
C VAL A 60 33.62 7.40 -11.76
N GLY A 61 34.82 7.70 -12.26
CA GLY A 61 35.88 6.71 -12.39
C GLY A 61 37.16 7.21 -11.75
N ASP A 62 37.02 7.99 -10.68
CA ASP A 62 38.14 8.65 -10.02
C ASP A 62 37.93 8.41 -8.55
N PRO A 63 38.47 7.31 -8.01
CA PRO A 63 38.18 6.84 -6.66
C PRO A 63 38.02 7.94 -5.62
N HIS A 64 38.82 8.99 -5.76
CA HIS A 64 38.62 10.15 -4.92
C HIS A 64 37.13 10.51 -4.79
N GLU A 65 36.39 10.44 -5.89
CA GLU A 65 34.98 10.86 -5.88
C GLU A 65 33.97 9.69 -5.71
N HIS A 66 34.38 8.59 -5.11
CA HIS A 66 33.48 7.44 -4.98
C HIS A 66 32.26 7.77 -4.13
N SER A 67 32.44 8.44 -3.00
CA SER A 67 31.32 8.67 -2.05
C SER A 67 30.26 9.66 -2.56
N ARG A 68 30.65 10.48 -3.52
CA ARG A 68 29.71 11.37 -4.19
C ARG A 68 28.71 10.57 -5.01
N PHE A 69 29.12 9.41 -5.51
CA PHE A 69 28.18 8.54 -6.17
C PHE A 69 27.43 7.70 -5.15
N PHE A 70 28.15 7.06 -4.23
CA PHE A 70 27.55 5.98 -3.40
C PHE A 70 26.77 6.39 -2.14
N SER A 71 26.48 7.68 -1.98
CA SER A 71 25.80 8.14 -0.77
C SER A 71 24.38 8.66 -1.02
N PRO A 72 24.23 9.78 -1.76
CA PRO A 72 22.93 10.46 -1.87
C PRO A 72 21.82 9.45 -1.85
N ARG A 73 20.72 9.82 -1.22
CA ARG A 73 19.59 8.91 -1.09
C ARG A 73 18.90 8.71 -2.42
N ASN A 74 18.05 7.70 -2.40
CA ASN A 74 17.33 7.23 -3.55
C ASN A 74 16.71 8.39 -4.30
N GLU A 75 16.35 9.46 -3.60
CA GLU A 75 15.69 10.59 -4.25
C GLU A 75 16.55 11.33 -5.26
N ILE A 76 17.80 11.63 -4.93
CA ILE A 76 18.63 12.40 -5.85
C ILE A 76 19.16 11.53 -7.00
N LEU A 77 19.66 10.35 -6.67
CA LEU A 77 20.06 9.38 -7.68
C LEU A 77 19.32 8.12 -7.35
N SER A 78 18.43 7.70 -8.24
CA SER A 78 17.56 6.59 -7.94
C SER A 78 18.01 5.38 -8.70
N PRO A 79 18.14 4.22 -8.01
CA PRO A 79 18.34 3.05 -8.84
C PRO A 79 17.13 2.75 -9.71
N ARG A 80 15.95 2.86 -9.12
CA ARG A 80 14.79 2.12 -9.61
C ARG A 80 14.56 2.30 -11.08
N GLU A 81 14.89 3.50 -11.58
CA GLU A 81 14.70 3.82 -13.00
C GLU A 81 15.54 2.92 -13.89
N VAL A 82 16.70 2.49 -13.41
CA VAL A 82 17.62 1.70 -14.21
C VAL A 82 17.59 0.20 -13.95
N TYR A 83 16.95 -0.28 -12.91
CA TYR A 83 16.91 -1.73 -12.67
C TYR A 83 15.51 -2.25 -12.92
N THR A 84 14.79 -1.47 -13.72
CA THR A 84 13.43 -1.75 -14.13
C THR A 84 13.36 -3.12 -14.76
N ILE A 85 14.41 -3.45 -15.49
CA ILE A 85 14.43 -4.68 -16.23
C ILE A 85 14.16 -5.85 -15.28
N MET A 86 14.49 -5.66 -14.00
CA MET A 86 14.38 -6.73 -13.00
C MET A 86 12.93 -6.97 -12.53
N THR A 87 12.15 -5.90 -12.58
CA THR A 87 10.72 -5.89 -12.23
C THR A 87 9.88 -7.10 -12.65
N PRO A 88 10.06 -7.59 -13.89
CA PRO A 88 9.28 -8.79 -14.24
C PRO A 88 9.90 -10.10 -13.74
N VAL A 89 10.90 -10.04 -12.85
CA VAL A 89 11.45 -11.26 -12.21
C VAL A 89 11.23 -11.13 -10.70
N PHE A 90 11.52 -9.95 -10.16
CA PHE A 90 11.20 -9.65 -8.77
C PHE A 90 9.70 -9.46 -8.55
N GLY A 91 8.97 -9.19 -9.62
CA GLY A 91 7.54 -8.95 -9.55
C GLY A 91 7.30 -7.47 -9.41
N GLU A 92 6.08 -7.07 -9.73
CA GLU A 92 5.70 -5.68 -9.61
C GLU A 92 5.52 -5.34 -8.16
N GLY A 93 5.72 -4.07 -7.83
CA GLY A 93 5.60 -3.58 -6.46
C GLY A 93 6.65 -4.12 -5.53
N VAL A 94 7.66 -4.78 -6.09
CA VAL A 94 8.69 -5.40 -5.30
C VAL A 94 10.04 -4.75 -5.55
N ALA A 95 10.82 -4.58 -4.49
CA ALA A 95 12.16 -4.07 -4.63
C ALA A 95 12.14 -2.73 -5.37
N TYR A 96 12.76 -2.66 -6.54
CA TYR A 96 12.90 -1.38 -7.22
C TYR A 96 11.54 -0.86 -7.60
N ALA A 97 10.64 -1.77 -7.91
CA ALA A 97 9.24 -1.40 -8.18
C ALA A 97 8.58 -0.64 -7.02
N ALA A 98 8.74 -1.10 -5.79
CA ALA A 98 8.07 -0.45 -4.67
C ALA A 98 8.65 0.93 -4.53
N PRO A 99 7.91 1.86 -3.91
CA PRO A 99 8.51 3.16 -3.61
C PRO A 99 9.60 3.01 -2.58
N TYR A 100 10.52 3.97 -2.55
CA TYR A 100 11.79 3.82 -1.85
C TYR A 100 11.58 3.28 -0.46
N PRO A 101 10.77 3.99 0.36
CA PRO A 101 10.64 3.51 1.72
C PRO A 101 10.24 2.05 1.82
N ARG A 102 9.36 1.57 0.95
CA ARG A 102 9.05 0.15 1.00
C ARG A 102 10.23 -0.67 0.53
N MET A 103 11.03 -0.12 -0.38
CA MET A 103 12.14 -0.86 -0.95
C MET A 103 13.02 -1.37 0.19
N ARG A 104 13.38 -0.46 1.08
CA ARG A 104 14.30 -0.79 2.15
C ARG A 104 13.66 -1.80 3.09
N GLU A 105 12.50 -1.46 3.65
CA GLU A 105 11.79 -2.45 4.45
C GLU A 105 12.03 -3.82 3.82
N GLN A 106 11.75 -3.93 2.52
CA GLN A 106 11.83 -5.20 1.82
C GLN A 106 13.27 -5.73 1.66
N LEU A 107 14.23 -4.83 1.45
CA LEU A 107 15.60 -5.24 1.22
C LEU A 107 16.20 -5.66 2.56
N ASN A 108 16.06 -4.80 3.57
CA ASN A 108 16.50 -5.12 4.92
C ASN A 108 15.88 -6.35 5.50
N PHE A 109 14.67 -6.71 5.08
CA PHE A 109 14.12 -7.96 5.57
C PHE A 109 14.94 -9.17 5.11
N LEU A 110 15.37 -9.13 3.86
CA LEU A 110 16.31 -10.12 3.36
C LEU A 110 17.67 -9.93 4.02
N ALA A 111 18.07 -8.68 4.21
CA ALA A 111 19.38 -8.37 4.77
C ALA A 111 19.56 -9.14 6.05
N GLU A 112 18.59 -8.97 6.95
CA GLU A 112 18.67 -9.54 8.29
C GLU A 112 18.46 -11.06 8.25
N GLU A 113 18.16 -11.59 7.09
CA GLU A 113 18.11 -13.04 6.95
C GLU A 113 19.45 -13.62 6.53
N LEU A 114 20.38 -12.74 6.19
CA LEU A 114 21.73 -13.09 5.73
C LEU A 114 22.80 -12.52 6.65
N THR A 115 22.43 -12.27 7.89
CA THR A 115 23.37 -11.81 8.88
C THR A 115 24.09 -12.97 9.51
N ILE A 116 25.24 -12.66 10.06
CA ILE A 116 26.07 -13.63 10.75
C ILE A 116 25.28 -14.44 11.77
N ALA A 117 24.31 -13.80 12.39
CA ALA A 117 23.55 -14.39 13.45
C ALA A 117 22.96 -15.69 12.92
N LYS A 118 22.59 -15.67 11.65
CA LYS A 118 22.03 -16.83 11.03
C LYS A 118 23.04 -17.92 10.73
N PHE A 119 24.30 -17.55 10.57
CA PHE A 119 25.30 -18.43 9.93
C PHE A 119 25.65 -19.74 10.61
N GLN A 120 25.25 -19.89 11.86
CA GLN A 120 25.80 -20.93 12.73
C GLN A 120 25.72 -22.36 12.18
N ASN A 121 24.66 -22.69 11.45
CA ASN A 121 24.59 -24.02 10.83
C ASN A 121 25.11 -24.08 9.39
N PHE A 122 25.43 -22.92 8.83
CA PHE A 122 25.84 -22.87 7.44
C PHE A 122 27.14 -23.65 7.16
N VAL A 123 28.22 -23.33 7.86
CA VAL A 123 29.51 -23.90 7.50
C VAL A 123 29.45 -25.41 7.41
N PRO A 124 28.80 -26.09 8.38
CA PRO A 124 28.68 -27.54 8.27
C PRO A 124 27.93 -27.99 7.03
N ALA A 125 26.79 -27.36 6.79
CA ALA A 125 25.94 -27.69 5.64
C ALA A 125 26.72 -27.70 4.34
N ILE A 126 27.39 -26.58 4.12
CA ILE A 126 28.19 -26.36 2.94
C ILE A 126 29.22 -27.49 2.78
N GLN A 127 30.17 -27.58 3.70
CA GLN A 127 31.15 -28.66 3.66
C GLN A 127 30.51 -29.98 3.23
N HIS A 128 29.35 -30.29 3.81
CA HIS A 128 28.67 -31.56 3.55
C HIS A 128 28.25 -31.72 2.09
N GLU A 129 27.69 -30.65 1.54
CA GLU A 129 27.23 -30.65 0.15
C GLU A 129 28.40 -30.70 -0.82
N VAL A 130 29.48 -30.02 -0.47
CA VAL A 130 30.63 -30.00 -1.32
C VAL A 130 31.21 -31.41 -1.31
N ARG A 131 31.51 -31.94 -0.14
CA ARG A 131 31.98 -33.32 -0.08
C ARG A 131 31.05 -34.24 -0.89
N LYS A 132 29.75 -34.02 -0.79
CA LYS A 132 28.80 -34.77 -1.61
C LYS A 132 29.12 -34.57 -3.09
N PHE A 133 29.10 -33.31 -3.55
CA PHE A 133 29.37 -33.01 -4.95
C PHE A 133 30.60 -33.77 -5.45
N MET A 134 31.69 -33.69 -4.69
CA MET A 134 33.00 -34.21 -5.11
C MET A 134 33.08 -35.72 -4.95
N ALA A 135 32.20 -36.28 -4.13
CA ALA A 135 32.10 -37.71 -4.03
C ALA A 135 31.64 -38.22 -5.39
N GLU A 136 30.64 -37.55 -5.95
CA GLU A 136 30.04 -37.99 -7.22
C GLU A 136 30.75 -37.38 -8.40
N ASN A 137 30.87 -36.06 -8.40
CA ASN A 137 31.42 -35.36 -9.55
C ASN A 137 32.91 -35.55 -9.76
N TRP A 138 33.65 -35.93 -8.72
CA TRP A 138 35.11 -36.10 -8.84
C TRP A 138 35.57 -37.47 -8.35
N LYS A 139 35.11 -38.50 -9.05
CA LYS A 139 35.24 -39.91 -8.64
C LYS A 139 36.68 -40.42 -8.57
N GLU A 140 37.47 -40.10 -9.59
CA GLU A 140 38.78 -40.70 -9.81
C GLU A 140 39.90 -40.13 -8.94
N ASP A 141 41.11 -40.63 -9.16
CA ASP A 141 42.32 -40.03 -8.61
C ASP A 141 42.53 -38.71 -9.32
N GLU A 142 42.45 -38.75 -10.64
CA GLU A 142 42.64 -37.54 -11.41
C GLU A 142 41.62 -37.47 -12.53
N GLY A 143 41.05 -36.28 -12.70
CA GLY A 143 40.05 -36.06 -13.73
C GLY A 143 40.13 -34.67 -14.31
N VAL A 144 39.28 -34.39 -15.29
CA VAL A 144 39.36 -33.11 -15.98
C VAL A 144 38.01 -32.42 -16.15
N ILE A 145 37.57 -31.80 -15.06
CA ILE A 145 36.37 -30.98 -15.07
C ILE A 145 36.59 -29.60 -15.68
N ASN A 146 35.49 -28.92 -15.97
CA ASN A 146 35.55 -27.52 -16.33
C ASN A 146 35.12 -26.80 -15.07
N LEU A 147 36.06 -26.15 -14.42
CA LEU A 147 35.87 -25.69 -13.06
C LEU A 147 34.54 -24.99 -12.90
N LEU A 148 34.30 -24.06 -13.82
CA LEU A 148 33.20 -23.12 -13.73
C LEU A 148 31.79 -23.76 -13.68
N GLU A 149 31.52 -24.77 -14.50
CA GLU A 149 30.31 -25.57 -14.34
C GLU A 149 30.26 -26.12 -12.92
N ASP A 150 31.39 -26.68 -12.48
CA ASP A 150 31.43 -27.38 -11.22
C ASP A 150 31.34 -26.43 -10.03
N CYS A 151 32.07 -25.31 -10.07
CA CYS A 151 31.84 -24.24 -9.06
C CYS A 151 30.35 -23.89 -8.99
N GLY A 152 29.77 -23.46 -10.12
CA GLY A 152 28.35 -23.16 -10.21
C GLY A 152 27.44 -24.20 -9.56
N ALA A 153 27.67 -25.47 -9.88
CA ALA A 153 26.90 -26.55 -9.27
C ALA A 153 26.94 -26.48 -7.75
N MET A 154 28.14 -26.38 -7.18
CA MET A 154 28.32 -26.38 -5.71
C MET A 154 27.73 -25.12 -5.09
N ILE A 155 28.03 -23.96 -5.64
CA ILE A 155 27.54 -22.69 -5.10
C ILE A 155 26.03 -22.73 -4.88
N ILE A 156 25.30 -23.23 -5.89
CA ILE A 156 23.84 -23.31 -5.80
C ILE A 156 23.39 -24.44 -4.89
N ASN A 157 24.03 -25.61 -4.98
CA ASN A 157 23.66 -26.74 -4.12
C ASN A 157 23.79 -26.34 -2.67
N THR A 158 24.82 -25.56 -2.36
CA THR A 158 25.09 -25.18 -0.99
C THR A 158 24.24 -23.99 -0.54
N ALA A 159 23.81 -23.13 -1.46
CA ALA A 159 22.94 -22.01 -1.06
C ALA A 159 21.59 -22.54 -0.58
N CYS A 160 21.12 -23.57 -1.29
CA CYS A 160 19.93 -24.32 -0.91
C CYS A 160 20.06 -24.89 0.50
N GLN A 161 21.19 -25.52 0.82
CA GLN A 161 21.37 -25.98 2.19
C GLN A 161 21.20 -24.87 3.21
N CYS A 162 22.10 -23.91 3.20
CA CYS A 162 22.00 -22.79 4.10
C CYS A 162 20.57 -22.25 4.22
N LEU A 163 19.94 -21.94 3.10
CA LEU A 163 18.77 -21.07 3.15
C LEU A 163 17.38 -21.72 3.17
N PHE A 164 17.29 -22.98 2.75
CA PHE A 164 16.00 -23.63 2.56
C PHE A 164 15.79 -24.82 3.45
N GLY A 165 14.58 -24.97 3.95
CA GLY A 165 14.20 -26.10 4.80
C GLY A 165 14.12 -27.46 4.09
N GLU A 166 13.99 -28.53 4.87
CA GLU A 166 13.98 -29.89 4.32
C GLU A 166 12.79 -30.10 3.39
N ASP A 167 11.60 -29.64 3.82
CA ASP A 167 10.40 -29.71 3.00
C ASP A 167 10.69 -29.12 1.62
N LEU A 168 11.05 -27.83 1.63
CA LEU A 168 11.24 -27.05 0.42
C LEU A 168 12.29 -27.67 -0.47
N ARG A 169 13.47 -27.95 0.10
CA ARG A 169 14.50 -28.71 -0.62
C ARG A 169 13.97 -29.97 -1.31
N LYS A 170 13.10 -30.72 -0.63
CA LYS A 170 12.53 -31.95 -1.18
C LYS A 170 11.40 -31.69 -2.16
N ARG A 171 10.74 -30.54 -2.02
CA ARG A 171 9.71 -30.17 -2.99
C ARG A 171 10.31 -29.50 -4.20
N LEU A 172 11.58 -29.13 -4.11
CA LEU A 172 12.20 -28.23 -5.07
C LEU A 172 13.72 -28.34 -4.95
N ASN A 173 14.30 -29.32 -5.65
CA ASN A 173 15.73 -29.59 -5.49
C ASN A 173 16.58 -28.56 -6.25
N ALA A 174 17.87 -28.53 -5.93
CA ALA A 174 18.78 -27.53 -6.48
C ALA A 174 18.84 -27.59 -8.01
N ARG A 175 18.91 -28.78 -8.59
CA ARG A 175 19.00 -28.84 -10.05
C ARG A 175 17.83 -28.08 -10.67
N HIS A 176 16.66 -28.37 -10.13
CA HIS A 176 15.41 -27.79 -10.57
C HIS A 176 15.46 -26.26 -10.55
N PHE A 177 15.90 -25.76 -9.41
CA PHE A 177 15.77 -24.36 -9.08
C PHE A 177 16.67 -23.46 -9.93
N ALA A 178 17.87 -23.96 -10.20
CA ALA A 178 18.81 -23.28 -11.05
C ALA A 178 18.12 -23.04 -12.37
N GLN A 179 17.43 -24.06 -12.84
CA GLN A 179 16.78 -24.01 -14.13
C GLN A 179 15.67 -22.96 -14.21
N LEU A 180 14.88 -22.84 -13.15
CA LEU A 180 13.87 -21.78 -13.09
C LEU A 180 14.52 -20.39 -13.16
N LEU A 181 15.59 -20.25 -12.41
CA LEU A 181 16.27 -18.99 -12.36
C LEU A 181 16.78 -18.70 -13.75
N SER A 182 17.27 -19.75 -14.40
CA SER A 182 17.82 -19.60 -15.73
C SER A 182 16.80 -18.99 -16.65
N LYS A 183 15.57 -19.51 -16.62
CA LYS A 183 14.55 -18.96 -17.49
C LYS A 183 14.34 -17.46 -17.28
N MET A 184 14.25 -17.01 -16.03
CA MET A 184 14.03 -15.59 -15.76
C MET A 184 15.24 -14.75 -16.22
N GLU A 185 16.41 -15.29 -15.95
CA GLU A 185 17.61 -14.61 -16.30
C GLU A 185 17.67 -14.47 -17.79
N SER A 186 17.25 -15.51 -18.49
CA SER A 186 17.33 -15.52 -19.93
C SER A 186 16.43 -14.43 -20.49
N SER A 187 15.36 -14.13 -19.78
CA SER A 187 14.50 -13.03 -20.19
C SER A 187 15.13 -11.62 -20.14
N LEU A 188 16.18 -11.37 -19.36
CA LEU A 188 16.74 -9.97 -19.32
C LEU A 188 17.53 -9.36 -20.54
N ILE A 189 17.28 -8.08 -20.81
CA ILE A 189 17.88 -7.31 -21.91
C ILE A 189 18.66 -6.16 -21.26
N PRO A 190 19.97 -6.34 -21.08
CA PRO A 190 20.82 -5.43 -20.30
C PRO A 190 21.25 -4.18 -21.06
N ALA A 191 20.65 -3.93 -22.21
CA ALA A 191 20.77 -2.64 -22.88
C ALA A 191 19.54 -1.78 -22.60
N ALA A 192 18.47 -2.41 -22.11
CA ALA A 192 17.29 -1.67 -21.70
C ALA A 192 17.69 -0.71 -20.62
N VAL A 193 18.65 -1.14 -19.81
CA VAL A 193 19.26 -0.31 -18.77
C VAL A 193 19.69 1.06 -19.27
N PHE A 194 19.93 1.21 -20.58
CA PHE A 194 20.27 2.53 -21.18
C PHE A 194 19.23 3.07 -22.17
N MET A 195 18.50 2.16 -22.80
CA MET A 195 17.37 2.54 -23.66
C MET A 195 16.18 1.71 -23.17
N PRO A 196 15.41 2.26 -22.21
CA PRO A 196 14.36 1.45 -21.58
C PRO A 196 13.27 1.04 -22.56
N TRP A 197 13.22 1.73 -23.71
CA TRP A 197 12.21 1.46 -24.72
C TRP A 197 12.23 0.04 -25.22
N LEU A 198 13.38 -0.61 -25.12
CA LEU A 198 13.53 -2.02 -25.50
C LEU A 198 12.60 -2.94 -24.69
N LEU A 199 12.45 -2.65 -23.41
CA LEU A 199 11.60 -3.46 -22.53
C LEU A 199 10.15 -3.48 -23.00
N ARG A 200 9.81 -2.55 -23.87
CA ARG A 200 8.55 -2.56 -24.58
C ARG A 200 8.54 -3.64 -25.66
N LEU A 201 9.63 -3.73 -26.42
CA LEU A 201 9.62 -4.50 -27.68
C LEU A 201 9.40 -6.00 -27.40
N PRO A 202 8.32 -6.61 -27.97
CA PRO A 202 8.04 -7.96 -27.46
C PRO A 202 9.20 -8.92 -27.63
N LEU A 203 9.39 -9.78 -26.63
CA LEU A 203 10.46 -10.77 -26.67
C LEU A 203 9.90 -12.14 -26.30
N PRO A 204 10.49 -13.23 -26.84
CA PRO A 204 9.94 -14.53 -26.45
C PRO A 204 10.20 -14.83 -24.99
N GLN A 205 10.96 -13.95 -24.35
CA GLN A 205 11.44 -14.18 -23.01
C GLN A 205 10.36 -14.48 -21.99
N SER A 206 9.34 -13.64 -21.95
CA SER A 206 8.41 -13.65 -20.84
C SER A 206 7.78 -15.01 -20.66
N ALA A 207 7.38 -15.62 -21.77
CA ALA A 207 6.58 -16.84 -21.70
C ALA A 207 7.27 -17.86 -20.82
N ARG A 208 8.51 -18.16 -21.13
CA ARG A 208 9.26 -19.14 -20.35
C ARG A 208 9.50 -18.56 -18.96
N CYS A 209 9.77 -17.25 -18.90
CA CYS A 209 10.07 -16.56 -17.65
C CYS A 209 8.88 -16.43 -16.70
N ARG A 210 7.72 -16.07 -17.24
CA ARG A 210 6.56 -15.78 -16.41
C ARG A 210 6.03 -17.05 -15.76
N GLU A 211 6.00 -18.12 -16.54
CA GLU A 211 5.61 -19.43 -16.02
C GLU A 211 6.57 -19.79 -14.91
N ALA A 212 7.86 -19.54 -15.14
CA ALA A 212 8.89 -19.91 -14.17
C ALA A 212 8.72 -19.23 -12.82
N ARG A 213 8.49 -17.92 -12.83
CA ARG A 213 8.28 -17.19 -11.60
C ARG A 213 7.03 -17.75 -10.91
N ALA A 214 5.96 -17.96 -11.68
CA ALA A 214 4.73 -18.49 -11.13
C ALA A 214 4.82 -19.97 -10.82
N GLU A 215 5.69 -20.70 -11.52
CA GLU A 215 5.88 -22.10 -11.17
C GLU A 215 6.44 -22.12 -9.77
N LEU A 216 7.32 -21.17 -9.47
CA LEU A 216 7.98 -21.06 -8.18
C LEU A 216 7.05 -20.61 -7.08
N GLN A 217 6.33 -19.51 -7.33
CA GLN A 217 5.42 -18.95 -6.35
C GLN A 217 4.33 -19.97 -6.03
N LYS A 218 3.97 -20.75 -7.04
CA LYS A 218 2.99 -21.80 -6.86
C LYS A 218 3.49 -22.77 -5.81
N ILE A 219 4.75 -23.17 -5.90
CA ILE A 219 5.29 -24.13 -4.95
C ILE A 219 5.40 -23.54 -3.53
N LEU A 220 5.90 -22.32 -3.43
CA LEU A 220 6.14 -21.71 -2.12
C LEU A 220 4.87 -21.69 -1.31
N GLY A 221 3.77 -21.30 -1.95
CA GLY A 221 2.49 -21.29 -1.30
C GLY A 221 2.13 -22.69 -0.87
N GLU A 222 2.29 -23.62 -1.80
CA GLU A 222 2.02 -25.00 -1.48
C GLU A 222 2.95 -25.42 -0.35
N ILE A 223 4.16 -24.88 -0.36
CA ILE A 223 5.12 -25.14 0.71
C ILE A 223 4.69 -24.52 2.03
N ILE A 224 4.10 -23.34 1.99
CA ILE A 224 3.67 -22.70 3.21
C ILE A 224 2.54 -23.44 3.86
N VAL A 225 1.64 -23.97 3.03
CA VAL A 225 0.43 -24.59 3.51
C VAL A 225 0.78 -25.60 4.58
N ALA A 226 1.72 -26.47 4.26
CA ALA A 226 2.12 -27.55 5.15
C ALA A 226 2.66 -27.01 6.46
N ARG A 227 3.39 -25.90 6.41
CA ARG A 227 3.98 -25.34 7.61
C ARG A 227 2.87 -25.01 8.60
N GLU A 228 1.83 -24.32 8.12
CA GLU A 228 0.69 -24.00 8.98
C GLU A 228 -0.13 -25.26 9.37
N LYS A 229 -0.27 -26.20 8.44
CA LYS A 229 -1.11 -27.39 8.63
C LYS A 229 -0.59 -28.43 9.64
N GLU A 230 0.71 -28.68 9.71
CA GLU A 230 1.23 -29.71 10.61
C GLU A 230 2.42 -29.21 11.42
N GLU A 231 2.14 -28.35 12.38
CA GLU A 231 3.14 -27.84 13.30
C GLU A 231 2.74 -28.26 14.70
N SER A 239 14.27 -22.28 11.63
CA SER A 239 13.59 -21.37 10.72
C SER A 239 14.49 -20.99 9.54
N ASP A 240 14.11 -21.43 8.34
CA ASP A 240 14.89 -21.09 7.15
C ASP A 240 14.53 -19.71 6.61
N LEU A 241 15.23 -19.30 5.57
CA LEU A 241 15.10 -17.95 5.05
C LEU A 241 13.64 -17.67 4.82
N LEU A 242 12.98 -18.67 4.25
CA LEU A 242 11.58 -18.55 3.97
C LEU A 242 10.89 -18.28 5.27
N GLY A 243 11.24 -19.08 6.27
CA GLY A 243 10.63 -18.94 7.58
C GLY A 243 10.85 -17.53 8.09
N GLY A 244 12.07 -17.06 7.95
CA GLY A 244 12.40 -15.74 8.42
C GLY A 244 11.55 -14.66 7.79
N LEU A 245 11.30 -14.79 6.49
CA LEU A 245 10.64 -13.71 5.75
C LEU A 245 9.14 -13.64 6.04
N LEU A 246 8.49 -14.80 6.08
CA LEU A 246 7.08 -14.96 6.53
C LEU A 246 6.82 -14.45 7.95
N LYS A 247 7.84 -14.45 8.78
CA LYS A 247 7.74 -13.90 10.14
C LYS A 247 7.92 -12.37 10.14
N ALA A 248 8.04 -11.80 8.96
CA ALA A 248 8.37 -10.40 8.84
C ALA A 248 7.16 -9.50 9.02
N VAL A 249 7.37 -8.32 9.58
CA VAL A 249 6.27 -7.38 9.68
C VAL A 249 6.68 -5.93 9.43
N TYR A 250 5.90 -5.28 8.54
CA TYR A 250 6.18 -3.92 8.10
C TYR A 250 5.80 -2.89 9.15
N ARG A 251 6.30 -1.69 8.96
CA ARG A 251 5.87 -0.58 9.78
C ARG A 251 4.39 -0.29 9.54
N ASP A 252 3.83 -0.86 8.48
CA ASP A 252 2.42 -0.70 8.22
C ASP A 252 1.66 -1.87 8.77
N GLY A 253 2.31 -2.72 9.57
CA GLY A 253 1.60 -3.75 10.30
C GLY A 253 1.09 -4.93 9.49
N THR A 254 1.54 -5.06 8.24
CA THR A 254 1.10 -6.15 7.34
C THR A 254 2.19 -7.13 6.95
N ARG A 255 1.88 -8.41 6.98
CA ARG A 255 2.83 -9.42 6.52
C ARG A 255 3.00 -9.28 5.02
N MET A 256 4.21 -9.47 4.53
CA MET A 256 4.44 -9.31 3.10
C MET A 256 3.55 -10.31 2.36
N SER A 257 3.25 -10.01 1.10
CA SER A 257 2.45 -10.91 0.30
C SER A 257 3.27 -12.16 0.00
N LEU A 258 2.62 -13.27 -0.37
CA LEU A 258 3.34 -14.44 -0.89
C LEU A 258 4.15 -14.01 -2.11
N HIS A 259 3.60 -13.05 -2.86
CA HIS A 259 4.25 -12.44 -4.03
C HIS A 259 5.53 -11.69 -3.68
N GLU A 260 5.49 -10.91 -2.60
CA GLU A 260 6.67 -10.18 -2.17
C GLU A 260 7.78 -11.09 -1.66
N VAL A 261 7.41 -12.13 -0.95
CA VAL A 261 8.38 -13.06 -0.43
C VAL A 261 9.04 -13.74 -1.59
N CYS A 262 8.27 -14.03 -2.63
CA CYS A 262 8.84 -14.69 -3.78
C CYS A 262 9.90 -13.79 -4.36
N GLY A 263 9.58 -12.51 -4.44
CA GLY A 263 10.47 -11.58 -5.08
C GLY A 263 11.79 -11.55 -4.35
N MET A 264 11.71 -11.46 -3.04
CA MET A 264 12.92 -11.41 -2.24
C MET A 264 13.73 -12.68 -2.30
N ILE A 265 13.07 -13.83 -2.23
CA ILE A 265 13.82 -15.07 -2.29
C ILE A 265 14.50 -15.12 -3.62
N VAL A 266 13.80 -14.67 -4.64
CA VAL A 266 14.35 -14.77 -5.94
C VAL A 266 15.54 -13.87 -6.04
N ALA A 267 15.45 -12.67 -5.50
CA ALA A 267 16.56 -11.75 -5.60
C ALA A 267 17.73 -12.40 -4.91
N ALA A 268 17.46 -13.00 -3.77
CA ALA A 268 18.52 -13.57 -3.00
C ALA A 268 19.24 -14.65 -3.75
N MET A 269 18.50 -15.57 -4.35
CA MET A 269 19.14 -16.66 -5.05
C MET A 269 19.81 -16.16 -6.30
N PHE A 270 19.12 -15.24 -6.92
CA PHE A 270 19.53 -14.74 -8.20
C PHE A 270 20.86 -14.08 -8.08
N ALA A 271 20.95 -13.23 -7.06
CA ALA A 271 22.04 -12.30 -6.94
C ALA A 271 23.30 -13.04 -6.73
N GLY A 272 23.22 -14.19 -6.11
CA GLY A 272 24.42 -14.93 -5.79
C GLY A 272 24.87 -15.96 -6.82
N GLN A 273 24.02 -16.28 -7.79
CA GLN A 273 24.20 -17.53 -8.53
C GLN A 273 25.37 -17.44 -9.46
N HIS A 274 25.66 -16.24 -9.96
CA HIS A 274 26.81 -16.06 -10.82
C HIS A 274 27.99 -15.42 -10.11
N THR A 275 27.76 -14.29 -9.46
CA THR A 275 28.82 -13.53 -8.83
C THR A 275 29.69 -14.44 -7.95
N SER A 276 29.07 -15.19 -7.05
CA SER A 276 29.87 -16.02 -6.15
C SER A 276 30.57 -17.13 -6.94
N THR A 277 29.89 -17.65 -7.97
CA THR A 277 30.44 -18.76 -8.71
C THR A 277 31.74 -18.28 -9.33
N ILE A 278 31.65 -17.20 -10.10
CA ILE A 278 32.83 -16.49 -10.62
C ILE A 278 33.95 -16.27 -9.59
N THR A 279 33.62 -15.70 -8.44
CA THR A 279 34.57 -15.48 -7.36
C THR A 279 35.23 -16.82 -6.98
N THR A 280 34.44 -17.81 -6.57
CA THR A 280 35.00 -19.16 -6.34
C THR A 280 35.97 -19.58 -7.45
N SER A 281 35.53 -19.45 -8.69
CA SER A 281 36.40 -19.77 -9.82
C SER A 281 37.68 -18.92 -9.93
N TRP A 282 37.62 -17.56 -10.09
CA TRP A 282 38.85 -16.75 -10.24
C TRP A 282 39.72 -17.23 -9.14
N SER A 283 39.24 -17.22 -7.91
CA SER A 283 40.17 -17.46 -6.82
C SER A 283 40.81 -18.84 -6.92
N MET A 284 40.13 -19.84 -7.47
CA MET A 284 40.81 -21.12 -7.66
C MET A 284 41.74 -21.15 -8.87
N LEU A 285 41.36 -20.45 -9.91
CA LEU A 285 42.25 -20.36 -11.05
C LEU A 285 43.58 -19.67 -10.63
N HIS A 286 43.52 -18.53 -9.93
CA HIS A 286 44.76 -17.87 -9.52
C HIS A 286 45.56 -18.80 -8.59
N LEU A 287 44.90 -19.49 -7.68
CA LEU A 287 45.66 -20.23 -6.66
C LEU A 287 46.34 -21.51 -7.15
N MET A 288 45.79 -22.12 -8.20
CA MET A 288 46.40 -23.31 -8.80
C MET A 288 47.52 -23.00 -9.79
N HIS A 289 47.54 -21.78 -10.30
CA HIS A 289 48.57 -21.42 -11.23
C HIS A 289 49.93 -21.50 -10.57
N PRO A 290 50.90 -22.09 -11.27
CA PRO A 290 52.20 -22.35 -10.65
C PRO A 290 52.91 -21.07 -10.26
N LYS A 291 52.71 -20.02 -11.05
CA LYS A 291 53.26 -18.70 -10.76
C LYS A 291 53.01 -18.37 -9.31
N ASN A 292 51.80 -18.69 -8.85
CA ASN A 292 51.26 -18.25 -7.57
C ASN A 292 51.41 -19.27 -6.48
N LYS A 293 52.34 -20.19 -6.68
CA LYS A 293 52.48 -21.33 -5.80
C LYS A 293 52.77 -20.86 -4.40
N LYS A 294 53.46 -19.75 -4.24
CA LYS A 294 53.75 -19.28 -2.90
C LYS A 294 52.45 -18.97 -2.18
N TRP A 295 51.52 -18.37 -2.91
CA TRP A 295 50.25 -18.03 -2.34
C TRP A 295 49.45 -19.27 -2.00
N LEU A 296 49.47 -20.24 -2.89
CA LEU A 296 48.75 -21.46 -2.63
C LEU A 296 49.31 -22.06 -1.39
N ASP A 297 50.62 -22.02 -1.28
CA ASP A 297 51.29 -22.56 -0.14
C ASP A 297 51.02 -21.79 1.13
N LYS A 298 50.91 -20.48 1.02
CA LYS A 298 50.52 -19.69 2.17
C LYS A 298 49.20 -20.19 2.72
N LEU A 299 48.25 -20.39 1.82
CA LEU A 299 46.90 -20.71 2.23
C LEU A 299 46.84 -22.02 2.97
N HIS A 300 47.57 -23.02 2.49
CA HIS A 300 47.60 -24.31 3.16
C HIS A 300 48.12 -24.12 4.57
N LYS A 301 49.14 -23.30 4.68
CA LYS A 301 49.68 -22.97 5.99
C LYS A 301 48.55 -22.39 6.83
N GLU A 302 47.64 -21.66 6.19
CA GLU A 302 46.44 -21.19 6.88
C GLU A 302 45.46 -22.29 7.25
N ILE A 303 45.27 -23.31 6.42
CA ILE A 303 44.15 -24.24 6.65
C ILE A 303 44.50 -25.66 6.97
N ASP A 304 45.78 -26.00 7.00
CA ASP A 304 46.18 -27.40 7.19
C ASP A 304 46.04 -27.86 8.61
N GLU A 305 45.93 -26.91 9.54
CA GLU A 305 45.89 -27.22 10.97
C GLU A 305 44.44 -27.31 11.40
N PHE A 306 43.54 -27.26 10.41
CA PHE A 306 42.12 -27.31 10.67
C PHE A 306 41.60 -28.74 10.85
N PRO A 307 40.48 -28.89 11.58
CA PRO A 307 39.73 -30.15 11.61
C PRO A 307 39.19 -30.44 10.23
N ALA A 308 38.79 -31.69 10.00
CA ALA A 308 38.18 -32.07 8.72
C ALA A 308 36.71 -31.69 8.65
N GLN A 309 36.13 -31.33 9.81
CA GLN A 309 34.76 -30.81 9.88
C GLN A 309 34.78 -29.37 10.40
N LEU A 310 35.00 -28.40 9.53
CA LEU A 310 35.05 -27.01 9.98
C LEU A 310 33.74 -26.55 10.64
N ASN A 311 33.90 -25.56 11.52
CA ASN A 311 32.82 -24.92 12.27
C ASN A 311 32.75 -23.44 11.85
N TYR A 312 31.98 -22.64 12.59
CA TYR A 312 31.78 -21.22 12.24
C TYR A 312 32.99 -20.34 12.53
N ASP A 313 33.74 -20.68 13.57
CA ASP A 313 34.86 -19.86 14.03
C ASP A 313 36.04 -20.03 13.09
N ASN A 314 36.16 -21.23 12.52
CA ASN A 314 37.18 -21.51 11.53
C ASN A 314 37.15 -20.46 10.43
N VAL A 315 36.06 -20.45 9.69
CA VAL A 315 35.94 -19.66 8.50
C VAL A 315 35.77 -18.17 8.81
N MET A 316 35.09 -17.85 9.90
CA MET A 316 34.80 -16.44 10.15
C MET A 316 36.00 -15.72 10.78
N ASP A 317 36.78 -16.44 11.56
CA ASP A 317 37.79 -15.76 12.36
C ASP A 317 39.20 -16.10 11.92
N GLU A 318 39.42 -17.34 11.53
CA GLU A 318 40.76 -17.81 11.25
C GLU A 318 41.05 -18.12 9.76
N MET A 319 40.63 -17.25 8.85
CA MET A 319 41.04 -17.38 7.42
C MET A 319 41.27 -16.02 6.79
N PRO A 320 41.93 -15.13 7.54
CA PRO A 320 42.08 -13.76 7.05
C PRO A 320 42.81 -13.69 5.72
N PHE A 321 43.57 -14.73 5.38
CA PHE A 321 44.31 -14.77 4.11
C PHE A 321 43.41 -15.24 3.00
N ALA A 322 42.65 -16.29 3.24
CA ALA A 322 41.75 -16.79 2.21
C ALA A 322 40.82 -15.65 1.83
N GLU A 323 40.35 -14.90 2.80
CA GLU A 323 39.55 -13.74 2.47
C GLU A 323 40.34 -12.80 1.54
N ARG A 324 41.63 -12.65 1.80
CA ARG A 324 42.48 -11.76 1.00
C ARG A 324 42.52 -12.13 -0.48
N CYS A 325 42.71 -13.42 -0.74
CA CYS A 325 42.65 -13.95 -2.09
C CYS A 325 41.30 -13.56 -2.70
N VAL A 326 40.25 -13.98 -2.03
CA VAL A 326 38.89 -13.85 -2.56
C VAL A 326 38.56 -12.41 -2.87
N ARG A 327 38.89 -11.52 -1.97
CA ARG A 327 38.67 -10.10 -2.20
C ARG A 327 39.55 -9.60 -3.32
N GLU A 328 40.77 -10.10 -3.40
CA GLU A 328 41.61 -9.71 -4.51
C GLU A 328 41.05 -10.21 -5.84
N SER A 329 40.42 -11.37 -5.84
CA SER A 329 39.80 -11.91 -7.05
C SER A 329 38.67 -11.04 -7.57
N ILE A 330 37.77 -10.67 -6.68
CA ILE A 330 36.73 -9.69 -6.98
C ILE A 330 37.36 -8.35 -7.35
N ARG A 331 38.52 -8.05 -6.79
CA ARG A 331 39.20 -6.82 -7.09
C ARG A 331 39.70 -6.77 -8.52
N ARG A 332 40.35 -7.83 -8.95
CA ARG A 332 40.93 -7.87 -10.29
C ARG A 332 39.94 -8.12 -11.42
N ASP A 333 38.80 -8.67 -11.11
CA ASP A 333 37.85 -9.10 -12.12
C ASP A 333 36.50 -8.88 -11.50
N PRO A 334 36.06 -7.62 -11.32
CA PRO A 334 34.77 -7.55 -10.66
C PRO A 334 33.73 -8.34 -11.45
N PRO A 335 32.86 -9.13 -10.77
CA PRO A 335 31.86 -9.80 -11.61
C PRO A 335 30.81 -8.83 -12.05
N LEU A 336 30.47 -7.88 -11.19
CA LEU A 336 29.59 -6.80 -11.62
C LEU A 336 30.48 -5.71 -12.07
N LEU A 337 30.48 -5.50 -13.37
CA LEU A 337 31.32 -4.51 -13.98
C LEU A 337 31.00 -3.11 -13.59
N MET A 338 29.74 -2.79 -13.31
CA MET A 338 29.34 -1.36 -13.33
C MET A 338 28.01 -0.99 -12.67
N VAL A 339 28.05 -0.17 -11.63
CA VAL A 339 26.81 0.17 -10.95
C VAL A 339 26.23 1.52 -11.38
N MET A 340 24.91 1.63 -11.37
CA MET A 340 24.21 2.72 -12.05
C MET A 340 23.02 3.31 -11.27
N ARG A 341 22.67 4.55 -11.64
CA ARG A 341 21.66 5.33 -10.95
C ARG A 341 21.07 6.31 -11.95
N MET A 342 19.90 6.87 -11.62
CA MET A 342 19.33 7.95 -12.43
C MET A 342 19.56 9.32 -11.80
N VAL A 343 20.19 10.21 -12.55
CA VAL A 343 20.37 11.58 -12.08
C VAL A 343 19.08 12.37 -12.26
N LYS A 344 18.58 12.88 -11.16
CA LYS A 344 17.34 13.64 -11.16
C LYS A 344 17.61 15.09 -10.74
N ALA A 345 18.86 15.37 -10.40
CA ALA A 345 19.27 16.68 -9.91
C ALA A 345 20.78 16.89 -10.08
N GLU A 346 21.16 17.93 -10.82
CA GLU A 346 22.57 18.26 -11.02
C GLU A 346 23.34 18.12 -9.70
N VAL A 347 24.30 17.20 -9.68
CA VAL A 347 25.06 16.87 -8.47
C VAL A 347 26.48 17.43 -8.47
N LYS A 348 26.99 17.67 -7.27
CA LYS A 348 28.36 18.11 -7.09
C LYS A 348 29.26 16.89 -7.25
N VAL A 349 30.11 16.88 -8.29
CA VAL A 349 31.19 15.89 -8.40
C VAL A 349 32.52 16.54 -8.81
N GLY A 350 33.48 16.55 -7.89
CA GLY A 350 34.74 17.26 -8.08
C GLY A 350 34.45 18.69 -8.49
N SER A 351 35.04 19.12 -9.59
CA SER A 351 34.63 20.38 -10.22
C SER A 351 33.92 20.08 -11.55
N TYR A 352 33.09 19.04 -11.51
CA TYR A 352 32.18 18.75 -12.61
C TYR A 352 30.75 18.66 -12.07
N VAL A 353 29.82 18.98 -12.96
CA VAL A 353 28.39 18.97 -12.66
C VAL A 353 27.72 17.95 -13.57
N VAL A 354 26.98 17.03 -12.98
CA VAL A 354 26.21 16.08 -13.76
C VAL A 354 24.76 16.51 -13.84
N PRO A 355 24.31 16.98 -15.04
CA PRO A 355 22.90 17.40 -15.03
C PRO A 355 21.93 16.24 -14.98
N LYS A 356 20.69 16.54 -14.61
CA LYS A 356 19.71 15.51 -14.35
C LYS A 356 19.43 14.71 -15.59
N GLY A 357 18.98 13.49 -15.39
CA GLY A 357 18.55 12.65 -16.48
C GLY A 357 19.69 11.89 -17.11
N ASP A 358 20.91 12.18 -16.69
CA ASP A 358 22.04 11.36 -17.06
C ASP A 358 21.86 10.08 -16.32
N ILE A 359 22.50 9.02 -16.81
CA ILE A 359 22.67 7.84 -16.03
C ILE A 359 24.01 8.01 -15.39
N ILE A 360 24.11 7.92 -14.07
CA ILE A 360 25.43 8.04 -13.45
C ILE A 360 25.96 6.69 -12.96
N ALA A 361 27.27 6.49 -13.06
CA ALA A 361 27.85 5.15 -12.95
C ALA A 361 29.22 5.05 -12.26
N CYS A 362 29.41 3.99 -11.48
CA CYS A 362 30.73 3.64 -10.92
C CYS A 362 31.19 2.27 -11.36
N SER A 363 32.48 2.16 -11.66
CA SER A 363 32.99 0.92 -12.23
C SER A 363 33.99 0.21 -11.36
N PRO A 364 33.55 -0.88 -10.75
CA PRO A 364 34.41 -1.90 -10.19
C PRO A 364 35.51 -2.29 -11.19
N LEU A 365 35.14 -2.37 -12.46
CA LEU A 365 36.13 -2.57 -13.50
C LEU A 365 37.16 -1.49 -13.49
N LEU A 366 36.73 -0.24 -13.70
CA LEU A 366 37.65 0.81 -13.99
C LEU A 366 38.41 1.17 -12.75
N SER A 367 37.76 1.10 -11.60
CA SER A 367 38.38 1.70 -10.42
C SER A 367 39.38 0.68 -9.94
N HIS A 368 38.93 -0.53 -9.76
CA HIS A 368 39.85 -1.63 -9.50
C HIS A 368 41.10 -1.63 -10.39
N HIS A 369 41.01 -1.05 -11.58
CA HIS A 369 42.19 -0.86 -12.43
C HIS A 369 42.89 0.54 -12.44
N ASP A 370 42.41 1.53 -11.67
CA ASP A 370 43.11 2.83 -11.46
C ASP A 370 44.52 2.66 -10.91
N GLU A 371 45.48 3.29 -11.57
CA GLU A 371 46.89 3.04 -11.30
C GLU A 371 47.28 3.57 -9.92
N GLU A 372 46.83 4.77 -9.60
CA GLU A 372 47.18 5.40 -8.32
C GLU A 372 46.46 4.76 -7.12
N ALA A 373 45.34 4.10 -7.35
CA ALA A 373 44.66 3.28 -6.31
C ALA A 373 45.21 1.86 -6.20
N PHE A 374 45.46 1.24 -7.35
CA PHE A 374 46.02 -0.12 -7.39
C PHE A 374 47.17 -0.19 -8.40
N PRO A 375 48.43 -0.02 -7.96
CA PRO A 375 49.50 -0.16 -8.94
C PRO A 375 49.53 -1.56 -9.61
N ASN A 376 49.84 -1.60 -10.90
CA ASN A 376 49.83 -2.82 -11.71
C ASN A 376 48.56 -3.64 -11.46
N PRO A 377 47.40 -3.05 -11.77
CA PRO A 377 46.12 -3.67 -11.54
C PRO A 377 45.96 -5.08 -12.08
N ARG A 378 46.65 -5.44 -13.15
CA ARG A 378 46.34 -6.75 -13.73
C ARG A 378 47.07 -7.87 -13.01
N LEU A 379 47.73 -7.52 -11.91
CA LEU A 379 48.48 -8.47 -11.09
C LEU A 379 47.66 -8.97 -9.90
N TRP A 380 47.50 -10.28 -9.80
CA TRP A 380 46.82 -10.84 -8.64
C TRP A 380 47.80 -10.92 -7.48
N ASP A 381 47.51 -10.18 -6.43
CA ASP A 381 48.40 -10.02 -5.31
C ASP A 381 47.51 -9.99 -4.09
N PRO A 382 47.25 -11.16 -3.49
CA PRO A 382 46.34 -11.20 -2.37
C PRO A 382 46.74 -10.30 -1.24
N GLU A 383 48.05 -10.01 -1.15
CA GLU A 383 48.57 -9.20 -0.04
C GLU A 383 48.66 -7.69 -0.31
N ARG A 384 48.15 -7.25 -1.45
CA ARG A 384 48.11 -5.81 -1.74
C ARG A 384 46.99 -5.12 -0.99
N ASP A 385 47.09 -3.80 -0.91
CA ASP A 385 46.09 -3.02 -0.24
C ASP A 385 45.68 -1.86 -1.12
N GLU A 386 44.48 -1.36 -0.90
CA GLU A 386 44.02 -0.24 -1.69
C GLU A 386 44.74 1.01 -1.22
N LYS A 387 45.51 1.61 -2.12
CA LYS A 387 46.23 2.81 -1.79
C LYS A 387 45.27 3.98 -1.55
N VAL A 388 44.13 3.98 -2.23
CA VAL A 388 43.10 4.97 -1.90
C VAL A 388 41.97 4.34 -1.14
N ASP A 389 41.55 5.00 -0.05
CA ASP A 389 40.58 4.44 0.85
C ASP A 389 39.21 4.39 0.19
N GLY A 390 38.59 3.21 0.29
CA GLY A 390 37.25 3.02 -0.16
C GLY A 390 37.23 2.92 -1.66
N ALA A 391 38.41 2.78 -2.26
CA ALA A 391 38.53 2.57 -3.72
C ALA A 391 38.06 1.20 -4.16
N PHE A 392 38.07 0.20 -3.29
CA PHE A 392 37.53 -1.11 -3.69
C PHE A 392 36.00 -1.10 -3.55
N ILE A 393 35.31 -1.31 -4.66
CA ILE A 393 33.87 -1.24 -4.68
C ILE A 393 33.26 -2.47 -5.30
N GLY A 394 33.94 -3.59 -5.16
CA GLY A 394 33.47 -4.85 -5.71
C GLY A 394 32.14 -5.28 -5.14
N PHE A 395 31.95 -5.05 -3.85
CA PHE A 395 30.69 -5.34 -3.16
C PHE A 395 29.88 -4.07 -2.94
N GLY A 396 30.24 -2.99 -3.63
CA GLY A 396 29.44 -1.80 -3.60
C GLY A 396 29.70 -1.06 -2.31
N ALA A 397 29.10 0.11 -2.17
CA ALA A 397 29.42 0.99 -1.06
C ALA A 397 28.20 1.81 -0.71
N GLY A 398 28.15 2.22 0.56
CA GLY A 398 27.11 3.13 1.01
C GLY A 398 25.80 2.45 1.28
N VAL A 399 24.72 3.19 1.11
CA VAL A 399 23.38 2.72 1.35
C VAL A 399 23.12 1.43 0.60
N HIS A 400 23.61 1.38 -0.62
CA HIS A 400 23.32 0.26 -1.48
C HIS A 400 24.39 -0.83 -1.44
N LYS A 401 25.24 -0.76 -0.44
CA LYS A 401 26.23 -1.76 -0.23
C LYS A 401 25.55 -3.11 -0.07
N CYS A 402 26.27 -4.17 -0.29
CA CYS A 402 25.72 -5.49 -0.60
C CYS A 402 25.31 -6.29 0.63
N ILE A 403 24.01 -6.49 0.81
CA ILE A 403 23.50 -7.26 1.94
C ILE A 403 23.89 -8.76 1.89
N GLY A 404 24.71 -9.15 0.93
CA GLY A 404 25.12 -10.53 0.80
C GLY A 404 26.62 -10.80 0.91
N GLN A 405 27.46 -9.77 1.05
CA GLN A 405 28.92 -9.97 1.16
C GLN A 405 29.18 -11.13 2.10
N LYS A 406 28.74 -10.97 3.34
CA LYS A 406 29.12 -11.86 4.41
C LYS A 406 28.80 -13.32 4.09
N PHE A 407 27.62 -13.57 3.54
CA PHE A 407 27.19 -14.94 3.24
C PHE A 407 27.96 -15.51 2.08
N ALA A 408 28.20 -14.67 1.08
CA ALA A 408 28.96 -15.08 -0.09
C ALA A 408 30.39 -15.44 0.30
N LEU A 409 30.98 -14.60 1.15
CA LEU A 409 32.37 -14.80 1.56
C LEU A 409 32.49 -16.06 2.34
N LEU A 410 31.52 -16.31 3.19
CA LEU A 410 31.50 -17.53 3.94
C LEU A 410 31.43 -18.69 2.96
N GLN A 411 30.62 -18.50 1.92
CA GLN A 411 30.36 -19.55 0.97
C GLN A 411 31.60 -19.91 0.15
N VAL A 412 32.34 -18.91 -0.30
CA VAL A 412 33.54 -19.13 -1.09
C VAL A 412 34.65 -19.80 -0.29
N LYS A 413 34.90 -19.21 0.89
CA LYS A 413 36.00 -19.63 1.75
C LYS A 413 35.89 -21.06 2.17
N THR A 414 34.67 -21.46 2.53
CA THR A 414 34.41 -22.80 2.98
C THR A 414 34.67 -23.82 1.87
N ILE A 415 34.32 -23.44 0.66
CA ILE A 415 34.59 -24.22 -0.52
C ILE A 415 36.09 -24.39 -0.73
N LEU A 416 36.81 -23.28 -0.63
CA LEU A 416 38.25 -23.27 -0.85
C LEU A 416 38.95 -24.17 0.15
N ALA A 417 38.59 -24.05 1.42
CA ALA A 417 39.16 -24.90 2.43
C ALA A 417 38.82 -26.33 2.12
N THR A 418 37.57 -26.57 1.78
CA THR A 418 37.15 -27.91 1.51
C THR A 418 37.86 -28.41 0.29
N ALA A 419 37.90 -27.55 -0.72
CA ALA A 419 38.38 -27.97 -2.02
C ALA A 419 39.80 -28.42 -1.90
N PHE A 420 40.65 -27.52 -1.41
CA PHE A 420 42.08 -27.71 -1.50
C PHE A 420 42.62 -28.77 -0.52
N ARG A 421 41.95 -28.95 0.61
CA ARG A 421 42.35 -29.93 1.57
C ARG A 421 42.46 -31.27 0.90
N GLU A 422 41.42 -31.62 0.14
CA GLU A 422 41.34 -32.96 -0.41
C GLU A 422 41.84 -33.07 -1.86
N TYR A 423 41.97 -31.95 -2.57
CA TYR A 423 42.35 -32.00 -3.97
C TYR A 423 43.46 -31.02 -4.35
N ASP A 424 44.14 -31.35 -5.46
CA ASP A 424 45.14 -30.51 -6.09
C ASP A 424 44.66 -30.27 -7.50
N PHE A 425 44.84 -29.05 -8.00
CA PHE A 425 44.31 -28.77 -9.32
C PHE A 425 45.38 -28.24 -10.24
N GLN A 426 45.25 -28.60 -11.51
CA GLN A 426 46.23 -28.22 -12.52
C GLN A 426 45.51 -27.51 -13.64
N LEU A 427 45.97 -26.31 -13.95
CA LEU A 427 45.38 -25.57 -15.05
C LEU A 427 45.96 -26.10 -16.36
N LEU A 428 45.09 -26.25 -17.34
CA LEU A 428 45.43 -26.83 -18.64
C LEU A 428 45.59 -25.75 -19.70
N ARG A 429 46.15 -24.63 -19.28
CA ARG A 429 46.32 -23.50 -20.12
C ARG A 429 47.65 -22.92 -19.78
N ASP A 430 48.18 -22.14 -20.70
CA ASP A 430 49.36 -21.34 -20.43
C ASP A 430 49.08 -20.49 -19.21
N GLU A 431 47.97 -19.76 -19.26
CA GLU A 431 47.74 -18.67 -18.33
C GLU A 431 46.40 -18.80 -17.69
N VAL A 432 46.17 -17.94 -16.71
CA VAL A 432 44.88 -17.83 -16.10
C VAL A 432 43.98 -17.24 -17.18
N PRO A 433 42.70 -17.67 -17.23
CA PRO A 433 41.87 -17.37 -18.38
C PRO A 433 41.59 -15.91 -18.54
N ASP A 434 41.37 -15.50 -19.77
CA ASP A 434 40.81 -14.19 -20.07
C ASP A 434 39.45 -14.07 -19.40
N PRO A 435 39.13 -12.86 -18.87
CA PRO A 435 37.74 -12.50 -18.64
C PRO A 435 36.96 -12.60 -19.94
N ASP A 436 35.64 -12.74 -19.85
CA ASP A 436 34.76 -12.81 -20.99
C ASP A 436 33.74 -11.72 -20.77
N TYR A 437 34.01 -10.55 -21.32
CA TYR A 437 33.20 -9.39 -20.97
C TYR A 437 31.85 -9.47 -21.62
N HIS A 438 31.50 -10.62 -22.19
CA HIS A 438 30.28 -10.71 -22.94
C HIS A 438 29.03 -11.06 -22.13
N THR A 439 29.12 -12.01 -21.20
CA THR A 439 28.02 -12.37 -20.30
C THR A 439 27.72 -11.26 -19.33
N MET A 440 26.50 -11.16 -18.83
CA MET A 440 26.15 -9.94 -18.06
C MET A 440 26.83 -9.84 -16.70
N VAL A 441 27.12 -11.00 -16.09
CA VAL A 441 28.02 -11.01 -14.97
C VAL A 441 29.30 -11.62 -15.48
N VAL A 442 30.40 -10.92 -15.24
CA VAL A 442 31.66 -11.19 -15.91
C VAL A 442 32.56 -12.07 -15.10
N GLY A 443 32.82 -13.25 -15.62
CA GLY A 443 33.68 -14.23 -14.98
C GLY A 443 34.69 -14.64 -16.01
N PRO A 444 35.51 -15.65 -15.69
CA PRO A 444 36.51 -16.10 -16.65
C PRO A 444 35.84 -16.72 -17.85
N THR A 445 36.55 -16.77 -18.96
CA THR A 445 36.04 -17.34 -20.20
C THR A 445 35.83 -18.86 -20.04
N LEU A 446 34.71 -19.33 -20.55
CA LEU A 446 34.23 -20.65 -20.19
C LEU A 446 35.07 -21.78 -20.79
N ASN A 447 35.38 -21.68 -22.08
CA ASN A 447 36.15 -22.73 -22.76
C ASN A 447 37.53 -22.89 -22.12
N GLN A 448 37.97 -21.82 -21.43
CA GLN A 448 39.32 -21.73 -20.88
C GLN A 448 39.44 -22.20 -19.44
N CYS A 449 38.36 -22.73 -18.88
CA CYS A 449 38.37 -23.13 -17.48
C CYS A 449 38.45 -24.66 -17.31
N LEU A 450 39.11 -25.37 -18.21
CA LEU A 450 39.34 -26.79 -17.97
C LEU A 450 40.44 -27.00 -16.98
N VAL A 451 40.22 -27.90 -16.04
CA VAL A 451 41.16 -28.08 -14.95
C VAL A 451 41.38 -29.54 -14.72
N LYS A 452 42.56 -29.90 -14.23
CA LYS A 452 42.87 -31.28 -13.93
C LYS A 452 43.00 -31.43 -12.43
N TYR A 453 42.10 -32.20 -11.84
CA TYR A 453 42.13 -32.40 -10.40
C TYR A 453 42.79 -33.74 -10.06
N THR A 454 43.42 -33.77 -8.88
CA THR A 454 44.03 -34.96 -8.39
C THR A 454 43.61 -35.19 -6.96
N ARG A 455 42.97 -36.33 -6.71
CA ARG A 455 42.57 -36.67 -5.36
C ARG A 455 43.83 -36.87 -4.57
N LYS A 456 43.87 -36.36 -3.34
CA LYS A 456 45.02 -36.58 -2.48
C LYS A 456 45.14 -38.02 -1.98
N LYS A 457 44.02 -38.71 -1.78
CA LYS A 457 44.04 -40.15 -1.46
C LYS A 457 44.94 -40.92 -2.42
N LYS B 10 -16.10 -25.32 16.76
CA LYS B 10 -16.62 -24.55 15.59
C LYS B 10 -16.90 -23.08 15.99
N LEU B 11 -15.84 -22.33 16.25
CA LEU B 11 -15.95 -20.89 16.58
C LEU B 11 -14.62 -20.18 16.39
N PRO B 12 -14.62 -18.94 15.84
CA PRO B 12 -13.38 -18.20 15.58
C PRO B 12 -12.45 -18.09 16.78
N PRO B 13 -11.13 -17.96 16.54
CA PRO B 13 -10.17 -17.75 17.61
C PRO B 13 -10.51 -16.51 18.42
N VAL B 14 -10.26 -16.56 19.72
CA VAL B 14 -10.62 -15.48 20.63
C VAL B 14 -9.34 -14.85 21.17
N TYR B 15 -9.19 -13.55 20.97
CA TYR B 15 -8.01 -12.84 21.43
C TYR B 15 -8.13 -12.64 22.94
N PRO B 16 -7.18 -13.22 23.69
CA PRO B 16 -7.27 -13.35 25.14
C PRO B 16 -7.44 -12.01 25.84
N VAL B 17 -8.18 -12.04 26.94
CA VAL B 17 -8.53 -10.82 27.68
C VAL B 17 -7.69 -10.75 28.95
N THR B 18 -7.47 -9.56 29.48
CA THR B 18 -6.81 -9.44 30.78
C THR B 18 -7.71 -8.79 31.83
N VAL B 19 -7.94 -7.48 31.71
CA VAL B 19 -8.77 -6.76 32.67
C VAL B 19 -10.23 -7.12 32.38
N PRO B 20 -10.76 -8.14 33.07
CA PRO B 20 -11.86 -8.88 32.45
C PRO B 20 -13.11 -8.05 32.18
N PHE B 21 -13.54 -7.24 33.13
CA PHE B 21 -14.81 -6.52 32.93
C PHE B 21 -14.68 -5.46 31.84
N LEU B 22 -13.49 -4.89 31.67
CA LEU B 22 -13.21 -4.03 30.52
C LEU B 22 -13.12 -4.75 29.21
N GLY B 23 -12.40 -5.87 29.22
CA GLY B 23 -11.98 -6.49 27.98
C GLY B 23 -11.03 -5.63 27.16
N HIS B 24 -11.23 -5.65 25.85
CA HIS B 24 -10.25 -5.15 24.91
C HIS B 24 -10.42 -3.69 24.63
N ILE B 25 -11.31 -3.03 25.37
CA ILE B 25 -11.68 -1.66 25.02
C ILE B 25 -10.44 -0.77 25.07
N VAL B 26 -9.58 -1.00 26.03
CA VAL B 26 -8.49 -0.10 26.24
C VAL B 26 -7.66 -0.02 24.99
N GLN B 27 -7.33 -1.18 24.44
CA GLN B 27 -6.46 -1.21 23.29
C GLN B 27 -7.20 -0.73 22.08
N PHE B 28 -8.42 -1.23 21.92
CA PHE B 28 -9.26 -0.90 20.79
C PHE B 28 -9.56 0.59 20.75
N GLY B 29 -9.73 1.21 21.89
CA GLY B 29 -9.99 2.64 21.91
C GLY B 29 -8.81 3.45 21.42
N LYS B 30 -7.59 3.00 21.73
CA LYS B 30 -6.39 3.83 21.53
C LYS B 30 -6.05 3.85 20.05
N ASN B 31 -5.86 2.67 19.48
CA ASN B 31 -5.64 2.54 18.05
C ASN B 31 -6.26 1.25 17.51
N PRO B 32 -7.49 1.37 16.95
CA PRO B 32 -8.34 0.30 16.44
C PRO B 32 -7.68 -0.61 15.45
N LEU B 33 -6.85 -0.03 14.58
CA LEU B 33 -6.21 -0.73 13.47
C LEU B 33 -5.06 -1.61 13.96
N GLU B 34 -4.03 -1.00 14.55
CA GLU B 34 -2.91 -1.75 15.14
C GLU B 34 -3.47 -2.90 15.93
N PHE B 35 -4.54 -2.63 16.65
CA PHE B 35 -5.08 -3.63 17.53
C PHE B 35 -5.71 -4.74 16.73
N MET B 36 -6.61 -4.38 15.84
CA MET B 36 -7.28 -5.37 15.03
C MET B 36 -6.30 -6.05 14.08
N GLN B 37 -5.22 -5.37 13.71
CA GLN B 37 -4.19 -6.03 12.91
C GLN B 37 -3.47 -7.06 13.77
N ARG B 38 -2.91 -6.61 14.89
CA ARG B 38 -2.28 -7.50 15.86
C ARG B 38 -3.15 -8.74 16.05
N CYS B 39 -4.41 -8.52 16.39
CA CYS B 39 -5.36 -9.62 16.55
C CYS B 39 -5.29 -10.63 15.41
N LYS B 40 -5.33 -10.12 14.20
CA LYS B 40 -5.41 -10.94 12.99
C LYS B 40 -4.12 -11.72 12.80
N ARG B 41 -3.01 -11.00 12.89
CA ARG B 41 -1.70 -11.56 12.73
C ARG B 41 -1.44 -12.68 13.74
N ASP B 42 -1.45 -12.31 15.02
CA ASP B 42 -1.16 -13.22 16.13
C ASP B 42 -2.19 -14.33 16.32
N LEU B 43 -3.35 -14.21 15.70
CA LEU B 43 -4.33 -15.30 15.68
C LEU B 43 -4.32 -16.08 14.36
N LYS B 44 -3.60 -15.58 13.37
CA LYS B 44 -3.49 -16.25 12.07
C LYS B 44 -4.87 -16.49 11.42
N SER B 45 -5.75 -15.52 11.59
CA SER B 45 -7.09 -15.57 11.00
C SER B 45 -7.66 -14.16 10.84
N GLY B 46 -8.27 -13.90 9.69
CA GLY B 46 -8.90 -12.61 9.40
C GLY B 46 -10.31 -12.55 9.95
N VAL B 47 -10.70 -13.61 10.66
CA VAL B 47 -11.98 -13.70 11.30
C VAL B 47 -11.75 -14.00 12.77
N PHE B 48 -12.08 -13.08 13.65
CA PHE B 48 -11.77 -13.27 15.05
C PHE B 48 -12.71 -12.52 15.98
N THR B 49 -12.71 -12.94 17.24
CA THR B 49 -13.65 -12.45 18.22
C THR B 49 -12.90 -11.65 19.27
N ILE B 50 -13.41 -10.49 19.62
CA ILE B 50 -12.82 -9.70 20.67
C ILE B 50 -13.95 -9.29 21.59
N SER B 51 -13.60 -8.72 22.74
CA SER B 51 -14.57 -8.44 23.79
C SER B 51 -14.56 -6.96 24.18
N ILE B 52 -15.75 -6.37 24.18
CA ILE B 52 -15.92 -5.05 24.73
C ILE B 52 -16.75 -5.26 25.95
N GLY B 53 -16.24 -4.86 27.11
CA GLY B 53 -16.91 -5.15 28.35
C GLY B 53 -17.31 -6.59 28.38
N GLY B 54 -18.57 -6.88 28.66
CA GLY B 54 -19.05 -8.25 28.52
C GLY B 54 -19.08 -8.69 27.07
N GLN B 55 -19.42 -7.78 26.19
CA GLN B 55 -19.88 -8.18 24.88
C GLN B 55 -18.81 -8.85 24.06
N ARG B 56 -19.19 -10.00 23.54
CA ARG B 56 -18.42 -10.64 22.52
C ARG B 56 -18.61 -9.83 21.25
N VAL B 57 -17.54 -9.72 20.46
CA VAL B 57 -17.59 -9.11 19.13
C VAL B 57 -16.71 -9.91 18.17
N THR B 58 -17.30 -10.44 17.10
CA THR B 58 -16.56 -11.25 16.14
C THR B 58 -16.41 -10.52 14.83
N ILE B 59 -15.16 -10.22 14.48
CA ILE B 59 -14.86 -9.30 13.40
C ILE B 59 -14.60 -10.00 12.05
N VAL B 60 -14.88 -9.30 10.96
CA VAL B 60 -14.56 -9.82 9.63
C VAL B 60 -13.57 -8.92 8.85
N GLY B 61 -12.32 -9.38 8.85
CA GLY B 61 -11.23 -8.79 8.10
C GLY B 61 -10.67 -9.82 7.14
N ASP B 62 -11.55 -10.66 6.61
CA ASP B 62 -11.21 -11.55 5.51
C ASP B 62 -12.09 -11.21 4.31
N PRO B 63 -11.66 -10.25 3.48
CA PRO B 63 -12.37 -9.83 2.29
C PRO B 63 -12.99 -10.98 1.53
N HIS B 64 -12.34 -12.13 1.58
CA HIS B 64 -12.88 -13.33 1.00
C HIS B 64 -14.18 -13.75 1.69
N GLU B 65 -14.55 -13.05 2.77
CA GLU B 65 -15.73 -13.42 3.55
C GLU B 65 -16.81 -12.38 3.58
N HIS B 66 -16.56 -11.28 2.89
CA HIS B 66 -17.36 -10.11 3.09
C HIS B 66 -18.81 -10.41 2.89
N SER B 67 -19.10 -11.18 1.84
CA SER B 67 -20.48 -11.46 1.50
C SER B 67 -21.21 -12.04 2.68
N ARG B 68 -20.50 -12.86 3.45
CA ARG B 68 -21.12 -13.54 4.58
C ARG B 68 -21.77 -12.57 5.54
N PHE B 69 -21.08 -11.48 5.82
CA PHE B 69 -21.63 -10.45 6.69
C PHE B 69 -22.76 -9.71 5.97
N PHE B 70 -22.48 -9.29 4.75
CA PHE B 70 -23.37 -8.38 4.05
C PHE B 70 -24.64 -8.99 3.46
N SER B 71 -24.53 -10.20 2.95
CA SER B 71 -25.65 -10.79 2.20
C SER B 71 -26.86 -11.31 3.01
N PRO B 72 -26.64 -11.91 4.16
CA PRO B 72 -27.74 -12.51 4.92
C PRO B 72 -28.84 -11.55 5.31
N ARG B 73 -30.05 -12.10 5.37
CA ARG B 73 -31.26 -11.31 5.55
C ARG B 73 -31.34 -10.72 6.93
N ASN B 74 -32.14 -9.68 7.09
CA ASN B 74 -32.34 -9.09 8.41
C ASN B 74 -32.78 -10.15 9.37
N GLU B 75 -33.39 -11.20 8.84
CA GLU B 75 -33.84 -12.31 9.65
C GLU B 75 -32.66 -12.87 10.37
N ILE B 76 -31.58 -13.11 9.65
CA ILE B 76 -30.40 -13.67 10.29
C ILE B 76 -29.57 -12.63 11.07
N LEU B 77 -29.34 -11.44 10.52
CA LEU B 77 -28.56 -10.41 11.21
C LEU B 77 -29.23 -9.06 11.20
N SER B 78 -29.55 -8.56 12.37
CA SER B 78 -30.38 -7.38 12.50
C SER B 78 -29.50 -6.19 12.76
N PRO B 79 -29.61 -5.13 11.94
CA PRO B 79 -28.77 -3.99 12.22
C PRO B 79 -29.39 -3.09 13.26
N ARG B 80 -30.45 -3.55 13.89
CA ARG B 80 -31.28 -2.68 14.73
C ARG B 80 -30.77 -2.60 16.16
N GLU B 81 -30.66 -3.74 16.83
CA GLU B 81 -30.22 -3.77 18.22
C GLU B 81 -28.91 -3.03 18.34
N VAL B 82 -28.17 -2.97 17.24
CA VAL B 82 -26.88 -2.29 17.23
C VAL B 82 -27.01 -0.77 17.07
N TYR B 83 -27.78 -0.29 16.07
CA TYR B 83 -27.84 1.17 15.80
C TYR B 83 -28.98 1.90 16.53
N THR B 84 -29.57 1.28 17.56
CA THR B 84 -30.62 1.96 18.33
C THR B 84 -30.03 3.04 19.23
N ILE B 85 -28.72 3.24 19.13
CA ILE B 85 -28.08 4.35 19.81
C ILE B 85 -28.46 5.69 19.17
N MET B 86 -28.92 5.63 17.92
CA MET B 86 -29.37 6.82 17.18
C MET B 86 -30.74 7.27 17.62
N THR B 87 -31.54 6.36 18.17
CA THR B 87 -32.96 6.61 18.44
C THR B 87 -33.31 7.97 19.06
N PRO B 88 -32.47 8.53 19.95
CA PRO B 88 -32.75 9.90 20.38
C PRO B 88 -32.76 10.89 19.22
N VAL B 89 -31.90 10.64 18.23
CA VAL B 89 -31.68 11.57 17.13
C VAL B 89 -32.74 11.47 16.01
N PHE B 90 -33.20 10.27 15.69
CA PHE B 90 -34.28 10.09 14.71
C PHE B 90 -35.68 9.99 15.36
N GLY B 91 -35.72 9.77 16.66
CA GLY B 91 -36.98 9.70 17.40
C GLY B 91 -37.52 8.28 17.39
N GLU B 92 -38.44 8.02 18.32
CA GLU B 92 -38.97 6.67 18.50
C GLU B 92 -39.72 6.20 17.28
N GLY B 93 -39.66 4.90 17.05
CA GLY B 93 -40.31 4.28 15.91
C GLY B 93 -39.92 4.87 14.56
N VAL B 94 -38.69 5.32 14.43
CA VAL B 94 -38.17 5.71 13.14
C VAL B 94 -36.93 4.90 12.90
N ALA B 95 -36.65 4.55 11.65
CA ALA B 95 -35.44 3.83 11.33
C ALA B 95 -35.36 2.53 12.11
N TYR B 96 -34.31 2.33 12.91
CA TYR B 96 -34.10 1.05 13.58
C TYR B 96 -35.08 0.87 14.71
N ALA B 97 -35.63 1.98 15.18
CA ALA B 97 -36.74 1.94 16.12
C ALA B 97 -37.96 1.32 15.46
N ALA B 98 -38.19 1.65 14.19
CA ALA B 98 -39.38 1.18 13.49
C ALA B 98 -39.29 -0.32 13.30
N PRO B 99 -40.42 -0.95 12.96
CA PRO B 99 -40.34 -2.38 12.62
C PRO B 99 -39.71 -2.57 11.25
N TYR B 100 -39.15 -3.76 11.03
CA TYR B 100 -38.31 -4.02 9.86
C TYR B 100 -38.97 -3.49 8.59
N PRO B 101 -40.16 -4.02 8.25
CA PRO B 101 -40.82 -3.55 7.06
C PRO B 101 -40.93 -2.04 7.00
N ARG B 102 -41.32 -1.43 8.11
CA ARG B 102 -41.45 0.02 8.12
C ARG B 102 -40.08 0.66 8.00
N MET B 103 -39.11 0.09 8.70
CA MET B 103 -37.75 0.59 8.63
C MET B 103 -37.34 0.53 7.18
N ARG B 104 -37.56 -0.63 6.56
CA ARG B 104 -37.20 -0.82 5.18
C ARG B 104 -37.91 0.22 4.36
N GLU B 105 -39.18 0.44 4.64
CA GLU B 105 -39.99 1.35 3.84
C GLU B 105 -39.47 2.77 3.87
N GLN B 106 -39.16 3.25 5.06
CA GLN B 106 -38.70 4.62 5.20
C GLN B 106 -37.40 4.84 4.45
N LEU B 107 -36.57 3.82 4.46
CA LEU B 107 -35.28 3.93 3.82
C LEU B 107 -35.41 4.09 2.31
N ASN B 108 -36.31 3.33 1.70
CA ASN B 108 -36.55 3.51 0.27
C ASN B 108 -36.95 4.93 0.01
N PHE B 109 -37.85 5.45 0.84
CA PHE B 109 -38.38 6.77 0.59
C PHE B 109 -37.25 7.77 0.58
N LEU B 110 -36.27 7.55 1.44
CA LEU B 110 -35.11 8.39 1.45
C LEU B 110 -34.27 8.19 0.21
N ALA B 111 -34.10 6.94 -0.22
CA ALA B 111 -33.31 6.66 -1.40
C ALA B 111 -33.88 7.38 -2.61
N GLU B 112 -35.17 7.17 -2.82
CA GLU B 112 -35.83 7.64 -4.04
C GLU B 112 -35.66 9.14 -4.18
N GLU B 113 -35.67 9.83 -3.05
CA GLU B 113 -35.43 11.26 -3.07
C GLU B 113 -33.94 11.52 -3.27
N LEU B 114 -33.14 10.47 -3.26
CA LEU B 114 -31.70 10.63 -3.41
C LEU B 114 -31.14 10.08 -4.69
N THR B 115 -32.00 9.62 -5.59
CA THR B 115 -31.51 9.01 -6.84
C THR B 115 -31.07 10.10 -7.80
N ILE B 116 -30.36 9.69 -8.83
CA ILE B 116 -29.64 10.59 -9.71
C ILE B 116 -30.57 11.63 -10.32
N ALA B 117 -31.80 11.22 -10.57
CA ALA B 117 -32.77 12.04 -11.27
C ALA B 117 -32.78 13.44 -10.68
N LYS B 118 -32.75 13.48 -9.35
CA LYS B 118 -32.85 14.73 -8.63
C LYS B 118 -31.64 15.63 -8.88
N PHE B 119 -30.54 15.03 -9.29
CA PHE B 119 -29.24 15.71 -9.29
C PHE B 119 -29.05 16.85 -10.27
N GLN B 120 -29.81 16.85 -11.37
CA GLN B 120 -29.47 17.71 -12.49
C GLN B 120 -29.35 19.15 -12.06
N ASN B 121 -30.24 19.60 -11.18
CA ASN B 121 -30.12 20.95 -10.65
C ASN B 121 -28.94 21.15 -9.70
N PHE B 122 -28.44 20.07 -9.12
CA PHE B 122 -27.46 20.15 -8.03
C PHE B 122 -26.13 20.77 -8.39
N VAL B 123 -25.55 20.32 -9.49
CA VAL B 123 -24.18 20.68 -9.80
C VAL B 123 -23.98 22.18 -9.83
N PRO B 124 -24.88 22.93 -10.50
CA PRO B 124 -24.70 24.36 -10.39
C PRO B 124 -24.91 24.86 -8.97
N ALA B 125 -25.87 24.27 -8.26
CA ALA B 125 -26.20 24.70 -6.90
C ALA B 125 -24.98 24.65 -6.00
N ILE B 126 -24.26 23.53 -6.08
CA ILE B 126 -23.06 23.36 -5.30
C ILE B 126 -22.07 24.44 -5.66
N GLN B 127 -21.82 24.56 -6.95
CA GLN B 127 -20.77 25.42 -7.43
C GLN B 127 -21.02 26.80 -6.91
N HIS B 128 -22.29 27.19 -6.92
CA HIS B 128 -22.70 28.50 -6.46
C HIS B 128 -22.33 28.73 -4.99
N GLU B 129 -22.62 27.75 -4.14
CA GLU B 129 -22.32 27.90 -2.74
C GLU B 129 -20.81 27.92 -2.49
N VAL B 130 -20.12 27.00 -3.13
CA VAL B 130 -18.71 26.85 -2.90
C VAL B 130 -18.00 28.15 -3.24
N ARG B 131 -18.31 28.66 -4.42
CA ARG B 131 -17.74 29.92 -4.86
C ARG B 131 -18.12 30.98 -3.87
N LYS B 132 -19.37 30.93 -3.42
CA LYS B 132 -19.85 31.93 -2.51
C LYS B 132 -19.01 31.90 -1.27
N PHE B 133 -18.82 30.70 -0.73
CA PHE B 133 -17.99 30.55 0.44
C PHE B 133 -16.57 30.97 0.15
N MET B 134 -16.08 30.55 -1.01
CA MET B 134 -14.68 30.75 -1.40
C MET B 134 -14.35 32.23 -1.51
N ALA B 135 -15.16 32.96 -2.26
CA ALA B 135 -14.98 34.41 -2.37
C ALA B 135 -15.33 35.04 -1.03
N GLU B 136 -16.38 34.54 -0.39
CA GLU B 136 -16.76 35.09 0.91
C GLU B 136 -15.74 34.80 2.00
N ASN B 137 -15.11 33.63 1.97
CA ASN B 137 -14.24 33.23 3.08
C ASN B 137 -12.75 33.15 2.76
N TRP B 138 -12.35 33.28 1.49
CA TRP B 138 -10.92 33.27 1.15
C TRP B 138 -10.58 34.48 0.30
N LYS B 139 -10.56 35.66 0.92
CA LYS B 139 -10.58 36.94 0.17
C LYS B 139 -9.24 37.51 -0.28
N GLU B 140 -8.12 37.06 0.29
CA GLU B 140 -6.79 37.55 -0.11
C GLU B 140 -6.26 36.81 -1.34
N ASP B 141 -5.03 37.12 -1.74
CA ASP B 141 -4.33 36.35 -2.78
C ASP B 141 -3.88 35.04 -2.17
N GLU B 142 -3.69 35.08 -0.85
CA GLU B 142 -3.22 33.95 -0.09
C GLU B 142 -3.53 34.13 1.41
N GLY B 143 -3.54 33.02 2.15
CA GLY B 143 -3.86 33.04 3.57
C GLY B 143 -3.94 31.65 4.20
N VAL B 144 -4.25 31.62 5.48
CA VAL B 144 -4.18 30.39 6.26
C VAL B 144 -5.54 30.01 6.78
N ILE B 145 -5.94 28.77 6.50
CA ILE B 145 -7.24 28.27 6.87
C ILE B 145 -7.06 26.90 7.42
N ASN B 146 -7.99 26.47 8.27
CA ASN B 146 -7.98 25.09 8.72
C ASN B 146 -8.87 24.30 7.79
N LEU B 147 -8.27 23.54 6.89
CA LEU B 147 -9.03 22.99 5.77
C LEU B 147 -10.27 22.25 6.17
N LEU B 148 -10.15 21.42 7.21
CA LEU B 148 -11.25 20.57 7.63
C LEU B 148 -12.45 21.42 8.05
N GLU B 149 -12.18 22.47 8.79
CA GLU B 149 -13.22 23.38 9.26
C GLU B 149 -13.90 24.05 8.09
N ASP B 150 -13.08 24.61 7.20
CA ASP B 150 -13.60 25.41 6.12
C ASP B 150 -14.38 24.52 5.18
N CYS B 151 -13.84 23.31 4.94
CA CYS B 151 -14.51 22.29 4.13
C CYS B 151 -15.88 21.96 4.64
N GLY B 152 -15.98 21.80 5.95
CA GLY B 152 -17.22 21.30 6.55
C GLY B 152 -18.40 22.21 6.31
N ALA B 153 -18.14 23.51 6.40
CA ALA B 153 -19.14 24.53 6.17
C ALA B 153 -19.61 24.39 4.74
N MET B 154 -18.65 24.25 3.84
CA MET B 154 -18.99 24.07 2.45
C MET B 154 -19.91 22.88 2.29
N ILE B 155 -19.62 21.77 2.96
CA ILE B 155 -20.45 20.61 2.81
C ILE B 155 -21.86 20.86 3.30
N ILE B 156 -22.00 21.54 4.43
CA ILE B 156 -23.32 21.76 4.95
C ILE B 156 -24.12 22.71 4.07
N ASN B 157 -23.47 23.74 3.56
CA ASN B 157 -24.13 24.65 2.69
C ASN B 157 -24.56 23.95 1.43
N THR B 158 -23.68 23.10 0.91
CA THR B 158 -23.91 22.42 -0.36
C THR B 158 -25.17 21.57 -0.28
N ALA B 159 -25.31 20.83 0.81
CA ALA B 159 -26.41 19.91 0.90
C ALA B 159 -27.71 20.66 0.89
N CYS B 160 -27.77 21.70 1.69
CA CYS B 160 -28.99 22.45 1.80
C CYS B 160 -29.34 23.07 0.48
N GLN B 161 -28.37 23.70 -0.15
CA GLN B 161 -28.71 24.27 -1.42
C GLN B 161 -29.39 23.19 -2.22
N CYS B 162 -28.78 22.02 -2.26
CA CYS B 162 -29.32 20.91 -3.03
C CYS B 162 -30.62 20.32 -2.54
N LEU B 163 -30.82 20.20 -1.23
CA LEU B 163 -31.90 19.35 -0.73
C LEU B 163 -33.09 20.10 -0.12
N PHE B 164 -32.92 21.39 0.13
CA PHE B 164 -33.99 22.19 0.71
C PHE B 164 -34.44 23.27 -0.28
N GLY B 165 -35.54 23.94 0.05
CA GLY B 165 -36.15 24.96 -0.82
C GLY B 165 -35.96 26.37 -0.29
N GLU B 166 -35.90 27.35 -1.18
CA GLU B 166 -35.59 28.73 -0.81
C GLU B 166 -36.39 29.14 0.42
N ASP B 167 -37.64 28.71 0.46
CA ASP B 167 -38.50 28.96 1.60
C ASP B 167 -37.83 28.48 2.87
N LEU B 168 -37.39 27.22 2.85
CA LEU B 168 -36.85 26.59 4.04
C LEU B 168 -35.56 27.27 4.42
N ARG B 169 -34.75 27.56 3.43
CA ARG B 169 -33.44 28.17 3.64
C ARG B 169 -33.65 29.48 4.37
N LYS B 170 -34.74 30.16 4.05
CA LYS B 170 -35.07 31.43 4.67
C LYS B 170 -35.38 31.27 6.15
N ARG B 171 -35.98 30.15 6.53
CA ARG B 171 -36.27 29.92 7.95
C ARG B 171 -35.24 29.03 8.63
N LEU B 172 -34.21 28.64 7.89
CA LEU B 172 -33.23 27.71 8.41
C LEU B 172 -31.90 27.87 7.66
N ASN B 173 -31.08 28.80 8.15
CA ASN B 173 -29.82 29.10 7.48
C ASN B 173 -28.78 28.01 7.77
N ALA B 174 -27.95 27.75 6.77
CA ALA B 174 -27.02 26.63 6.83
C ALA B 174 -26.31 26.51 8.18
N ARG B 175 -25.67 27.60 8.59
CA ARG B 175 -24.90 27.63 9.84
C ARG B 175 -25.73 27.07 10.99
N HIS B 176 -26.97 27.53 11.10
CA HIS B 176 -27.83 27.23 12.23
C HIS B 176 -28.36 25.81 12.17
N PHE B 177 -28.49 25.29 10.96
CA PHE B 177 -28.89 23.92 10.84
C PHE B 177 -27.81 23.04 11.42
N ALA B 178 -26.56 23.44 11.20
CA ALA B 178 -25.40 22.71 11.68
C ALA B 178 -25.34 22.64 13.19
N GLN B 179 -25.61 23.76 13.84
CA GLN B 179 -25.61 23.81 15.29
C GLN B 179 -26.69 22.88 15.81
N LEU B 180 -27.83 22.89 15.14
CA LEU B 180 -28.94 22.07 15.56
C LEU B 180 -28.52 20.65 15.55
N LEU B 181 -27.81 20.29 14.49
CA LEU B 181 -27.36 18.93 14.33
C LEU B 181 -26.32 18.48 15.33
N SER B 182 -25.44 19.39 15.74
CA SER B 182 -24.44 19.05 16.73
C SER B 182 -25.14 18.61 17.97
N LYS B 183 -26.18 19.37 18.30
CA LYS B 183 -26.78 19.27 19.60
C LYS B 183 -27.28 17.87 19.83
N MET B 184 -27.84 17.29 18.78
CA MET B 184 -28.25 15.92 18.81
C MET B 184 -27.03 15.05 18.90
N GLU B 185 -25.98 15.49 18.22
CA GLU B 185 -24.80 14.69 18.12
C GLU B 185 -24.29 14.41 19.51
N SER B 186 -24.30 15.43 20.34
CA SER B 186 -23.78 15.27 21.70
C SER B 186 -24.54 14.20 22.49
N SER B 187 -25.80 13.94 22.11
CA SER B 187 -26.62 12.95 22.81
C SER B 187 -26.09 11.52 22.69
N LEU B 188 -25.11 11.30 21.83
CA LEU B 188 -24.68 9.95 21.49
C LEU B 188 -23.49 9.43 22.28
N ILE B 189 -23.59 8.18 22.68
CA ILE B 189 -22.44 7.49 23.25
C ILE B 189 -22.19 6.36 22.29
N PRO B 190 -21.21 6.50 21.39
CA PRO B 190 -20.99 5.35 20.52
C PRO B 190 -20.58 4.11 21.28
N ALA B 191 -20.26 4.24 22.55
CA ALA B 191 -19.90 3.09 23.36
C ALA B 191 -21.00 2.00 23.36
N ALA B 192 -22.24 2.44 23.53
CA ALA B 192 -23.38 1.54 23.75
C ALA B 192 -23.64 0.54 22.63
N VAL B 193 -23.03 0.74 21.47
CA VAL B 193 -23.27 -0.13 20.32
C VAL B 193 -22.97 -1.60 20.66
N PHE B 194 -22.20 -1.81 21.73
CA PHE B 194 -21.95 -3.14 22.29
C PHE B 194 -22.43 -3.20 23.74
N MET B 195 -22.78 -2.06 24.28
CA MET B 195 -23.23 -1.99 25.65
C MET B 195 -24.50 -1.17 25.75
N PRO B 196 -25.67 -1.73 25.46
CA PRO B 196 -26.84 -0.86 25.57
C PRO B 196 -27.17 -0.20 26.93
N TRP B 197 -26.98 -0.89 28.04
CA TRP B 197 -27.42 -0.34 29.32
C TRP B 197 -26.76 1.02 29.56
N LEU B 198 -25.70 1.22 28.81
CA LEU B 198 -25.11 2.49 28.60
C LEU B 198 -26.20 3.36 27.98
N LEU B 199 -27.01 2.80 27.10
CA LEU B 199 -28.05 3.61 26.48
C LEU B 199 -28.99 4.05 27.56
N ARG B 200 -29.21 3.14 28.49
CA ARG B 200 -30.03 3.44 29.67
C ARG B 200 -29.54 4.52 30.66
N LEU B 201 -28.24 4.80 30.69
CA LEU B 201 -27.68 5.80 31.59
C LEU B 201 -28.24 7.17 31.24
N PRO B 202 -28.31 8.12 32.24
CA PRO B 202 -28.94 9.38 31.84
C PRO B 202 -27.95 10.55 31.57
N LEU B 203 -28.18 11.28 30.49
CA LEU B 203 -27.24 12.32 30.07
C LEU B 203 -27.86 13.72 30.00
N PRO B 204 -27.08 14.77 30.41
CA PRO B 204 -27.69 16.09 30.23
C PRO B 204 -27.96 16.44 28.81
N GLN B 205 -27.03 16.08 27.95
CA GLN B 205 -27.08 16.42 26.54
C GLN B 205 -28.44 16.12 25.95
N SER B 206 -29.07 15.07 26.46
CA SER B 206 -30.31 14.61 25.91
C SER B 206 -31.23 15.79 25.86
N ALA B 207 -31.22 16.59 26.90
CA ALA B 207 -32.15 17.69 26.98
C ALA B 207 -31.96 18.63 25.82
N ARG B 208 -30.71 18.96 25.57
CA ARG B 208 -30.41 19.88 24.49
C ARG B 208 -30.78 19.23 23.17
N CYS B 209 -30.54 17.93 23.07
CA CYS B 209 -30.83 17.22 21.85
C CYS B 209 -32.29 17.35 21.56
N ARG B 210 -33.10 17.04 22.56
CA ARG B 210 -34.54 17.10 22.38
C ARG B 210 -35.02 18.48 22.12
N GLU B 211 -34.46 19.46 22.81
CA GLU B 211 -34.94 20.80 22.60
C GLU B 211 -34.71 21.09 21.14
N ALA B 212 -33.52 20.77 20.70
CA ALA B 212 -33.10 21.09 19.37
C ALA B 212 -33.96 20.39 18.37
N ARG B 213 -34.25 19.14 18.69
CA ARG B 213 -35.00 18.29 17.83
C ARG B 213 -36.42 18.78 17.74
N ALA B 214 -37.00 19.05 18.88
CA ALA B 214 -38.37 19.47 18.94
C ALA B 214 -38.43 20.75 18.18
N GLU B 215 -37.49 21.62 18.48
CA GLU B 215 -37.57 22.93 17.89
C GLU B 215 -37.66 22.83 16.38
N LEU B 216 -36.87 21.93 15.82
CA LEU B 216 -36.74 21.83 14.38
C LEU B 216 -38.10 21.61 13.77
N GLN B 217 -38.81 20.65 14.35
CA GLN B 217 -40.10 20.23 13.84
C GLN B 217 -40.98 21.44 13.61
N LYS B 218 -40.97 22.32 14.60
CA LYS B 218 -41.80 23.50 14.55
C LYS B 218 -41.48 24.25 13.28
N ILE B 219 -40.19 24.40 13.02
CA ILE B 219 -39.79 25.12 11.83
C ILE B 219 -40.32 24.38 10.63
N LEU B 220 -40.27 23.05 10.69
CA LEU B 220 -40.78 22.26 9.59
C LEU B 220 -42.26 22.48 9.44
N GLY B 221 -42.96 22.38 10.56
CA GLY B 221 -44.41 22.50 10.56
C GLY B 221 -44.78 23.73 9.76
N GLU B 222 -44.39 24.87 10.28
CA GLU B 222 -44.85 26.15 9.74
C GLU B 222 -44.53 26.21 8.27
N ILE B 223 -43.34 25.75 7.91
CA ILE B 223 -42.96 25.70 6.53
C ILE B 223 -43.93 24.82 5.78
N ILE B 224 -44.25 23.68 6.36
CA ILE B 224 -45.15 22.78 5.68
C ILE B 224 -46.47 23.45 5.48
N VAL B 225 -47.04 23.94 6.56
CA VAL B 225 -48.39 24.42 6.55
C VAL B 225 -48.55 25.49 5.50
N ALA B 226 -47.61 26.42 5.49
CA ALA B 226 -47.69 27.51 4.55
C ALA B 226 -47.62 27.01 3.13
N ARG B 227 -46.80 25.99 2.91
CA ARG B 227 -46.64 25.44 1.58
C ARG B 227 -47.96 24.85 1.12
N GLU B 228 -48.65 24.19 2.06
CA GLU B 228 -49.92 23.60 1.78
C GLU B 228 -50.86 24.70 1.34
N LYS B 229 -50.87 25.81 2.07
CA LYS B 229 -51.75 26.92 1.71
C LYS B 229 -51.42 27.46 0.31
N GLU B 230 -50.14 27.59 0.01
CA GLU B 230 -49.72 28.13 -1.29
C GLU B 230 -50.19 27.23 -2.42
N GLU B 231 -50.13 25.92 -2.20
CA GLU B 231 -50.58 24.89 -3.16
C GLU B 231 -51.53 25.36 -4.27
N THR B 238 -40.97 22.98 -3.28
CA THR B 238 -41.98 21.93 -3.15
C THR B 238 -41.46 20.60 -3.72
N SER B 239 -40.50 20.68 -4.64
CA SER B 239 -39.96 19.48 -5.23
C SER B 239 -38.74 19.01 -4.46
N ASP B 240 -38.51 19.57 -3.27
CA ASP B 240 -37.34 19.17 -2.49
C ASP B 240 -37.57 17.89 -1.71
N LEU B 241 -36.56 17.56 -0.92
CA LEU B 241 -36.49 16.33 -0.17
C LEU B 241 -37.65 16.20 0.79
N LEU B 242 -37.92 17.27 1.53
CA LEU B 242 -38.98 17.22 2.51
C LEU B 242 -40.29 16.98 1.79
N GLY B 243 -40.50 17.78 0.77
CA GLY B 243 -41.75 17.77 0.08
C GLY B 243 -41.84 16.42 -0.54
N GLY B 244 -40.72 15.98 -1.10
CA GLY B 244 -40.67 14.68 -1.71
C GLY B 244 -41.05 13.63 -0.67
N LEU B 245 -40.57 13.83 0.55
CA LEU B 245 -40.82 12.86 1.60
C LEU B 245 -42.29 12.81 1.95
N LEU B 246 -42.95 13.96 1.95
CA LEU B 246 -44.36 14.05 2.32
C LEU B 246 -45.23 13.25 1.39
N LYS B 247 -44.93 13.33 0.10
CA LYS B 247 -45.78 12.73 -0.90
C LYS B 247 -45.65 11.21 -0.85
N ALA B 248 -44.71 10.71 -0.05
CA ALA B 248 -44.51 9.28 0.07
C ALA B 248 -45.69 8.61 0.76
N VAL B 249 -45.91 7.34 0.43
CA VAL B 249 -46.97 6.55 1.06
C VAL B 249 -46.58 5.08 1.29
N TYR B 250 -46.95 4.54 2.44
CA TYR B 250 -46.55 3.20 2.83
C TYR B 250 -47.36 2.11 2.14
N ARG B 251 -46.92 0.87 2.29
CA ARG B 251 -47.64 -0.27 1.73
C ARG B 251 -49.02 -0.34 2.34
N ASP B 252 -49.14 0.18 3.55
CA ASP B 252 -50.44 0.41 4.16
C ASP B 252 -51.18 1.36 3.26
N GLY B 253 -50.47 2.29 2.65
CA GLY B 253 -51.14 3.35 1.91
C GLY B 253 -51.34 4.56 2.81
N THR B 254 -50.84 4.46 4.04
CA THR B 254 -50.76 5.57 4.96
C THR B 254 -49.60 6.52 4.65
N ARG B 255 -49.80 7.80 4.89
CA ARG B 255 -48.75 8.81 4.71
C ARG B 255 -47.78 8.83 5.90
N MET B 256 -46.62 9.46 5.71
CA MET B 256 -45.64 9.57 6.79
C MET B 256 -46.05 10.64 7.79
N SER B 257 -45.70 10.44 9.06
CA SER B 257 -45.95 11.47 10.09
C SER B 257 -44.85 12.51 10.11
N LEU B 258 -45.17 13.69 10.67
CA LEU B 258 -44.21 14.81 10.78
C LEU B 258 -43.08 14.49 11.76
N HIS B 259 -43.27 13.46 12.57
CA HIS B 259 -42.18 12.92 13.37
C HIS B 259 -41.25 12.22 12.40
N GLU B 260 -41.83 11.41 11.53
CA GLU B 260 -41.05 10.53 10.66
C GLU B 260 -40.26 11.32 9.64
N VAL B 261 -40.92 12.32 9.05
CA VAL B 261 -40.30 13.22 8.07
C VAL B 261 -39.12 13.98 8.67
N CYS B 262 -39.18 14.28 9.96
CA CYS B 262 -38.06 14.92 10.63
C CYS B 262 -36.91 13.93 10.80
N GLY B 263 -37.21 12.76 11.35
CA GLY B 263 -36.23 11.70 11.52
C GLY B 263 -35.56 11.33 10.22
N MET B 264 -36.32 11.16 9.15
CA MET B 264 -35.66 10.84 7.90
C MET B 264 -34.74 11.95 7.44
N ILE B 265 -35.18 13.18 7.51
CA ILE B 265 -34.36 14.28 7.07
C ILE B 265 -33.09 14.21 7.85
N VAL B 266 -33.27 13.97 9.13
CA VAL B 266 -32.17 14.06 10.03
C VAL B 266 -31.12 13.02 9.72
N ALA B 267 -31.54 11.80 9.42
CA ALA B 267 -30.59 10.75 9.18
C ALA B 267 -29.73 11.16 8.01
N ALA B 268 -30.40 11.63 6.98
CA ALA B 268 -29.74 12.00 5.77
C ALA B 268 -28.81 13.14 6.05
N MET B 269 -29.28 14.07 6.85
CA MET B 269 -28.42 15.19 7.19
C MET B 269 -27.24 14.70 7.98
N PHE B 270 -27.47 13.79 8.88
CA PHE B 270 -26.42 13.30 9.73
C PHE B 270 -25.36 12.53 8.98
N ALA B 271 -25.78 11.65 8.09
CA ALA B 271 -24.84 10.78 7.47
C ALA B 271 -23.88 11.62 6.65
N GLY B 272 -24.41 12.61 5.98
CA GLY B 272 -23.58 13.44 5.14
C GLY B 272 -22.55 14.34 5.79
N GLN B 273 -22.92 14.98 6.88
CA GLN B 273 -22.18 16.14 7.32
C GLN B 273 -20.75 15.86 7.59
N HIS B 274 -20.49 14.76 8.29
CA HIS B 274 -19.13 14.51 8.73
C HIS B 274 -18.45 13.68 7.72
N THR B 275 -19.16 12.68 7.27
CA THR B 275 -18.56 11.69 6.46
C THR B 275 -18.11 12.27 5.12
N SER B 276 -18.97 13.05 4.49
CA SER B 276 -18.64 13.70 3.23
C SER B 276 -17.64 14.80 3.44
N THR B 277 -17.77 15.51 4.54
CA THR B 277 -16.89 16.60 4.82
C THR B 277 -15.47 16.07 5.04
N ILE B 278 -15.37 14.96 5.75
CA ILE B 278 -14.08 14.38 6.03
C ILE B 278 -13.44 13.98 4.73
N THR B 279 -14.21 13.35 3.86
CA THR B 279 -13.64 12.81 2.64
C THR B 279 -13.13 13.88 1.71
N THR B 280 -13.85 14.99 1.63
CA THR B 280 -13.39 16.05 0.79
C THR B 280 -12.06 16.54 1.31
N SER B 281 -11.93 16.60 2.63
CA SER B 281 -10.68 17.05 3.23
C SER B 281 -9.56 16.09 2.94
N TRP B 282 -9.79 14.80 3.18
CA TRP B 282 -8.71 13.84 3.02
C TRP B 282 -8.23 13.95 1.59
N SER B 283 -9.17 14.03 0.68
CA SER B 283 -8.83 14.05 -0.72
C SER B 283 -7.98 15.25 -1.11
N MET B 284 -8.30 16.43 -0.61
CA MET B 284 -7.51 17.59 -0.94
C MET B 284 -6.14 17.46 -0.31
N LEU B 285 -6.08 17.05 0.96
CA LEU B 285 -4.78 16.90 1.63
C LEU B 285 -3.82 16.05 0.78
N HIS B 286 -4.26 14.89 0.30
CA HIS B 286 -3.40 14.06 -0.56
C HIS B 286 -2.94 14.81 -1.81
N LEU B 287 -3.86 15.47 -2.52
CA LEU B 287 -3.54 16.09 -3.83
C LEU B 287 -2.60 17.29 -3.74
N MET B 288 -2.70 18.05 -2.66
CA MET B 288 -1.79 19.15 -2.44
C MET B 288 -0.42 18.66 -1.97
N HIS B 289 -0.26 17.36 -1.74
CA HIS B 289 1.03 16.88 -1.24
C HIS B 289 2.05 16.76 -2.36
N PRO B 290 3.20 17.42 -2.19
CA PRO B 290 4.22 17.47 -3.22
C PRO B 290 4.56 16.10 -3.74
N LYS B 291 4.58 15.12 -2.86
CA LYS B 291 4.89 13.77 -3.27
C LYS B 291 3.84 13.26 -4.22
N ASN B 292 2.65 13.84 -4.18
CA ASN B 292 1.56 13.38 -5.01
C ASN B 292 1.32 14.23 -6.25
N LYS B 293 2.25 15.13 -6.54
CA LYS B 293 2.00 16.18 -7.51
C LYS B 293 1.66 15.61 -8.85
N LYS B 294 2.19 14.44 -9.16
CA LYS B 294 1.84 13.81 -10.41
C LYS B 294 0.35 13.61 -10.42
N TRP B 295 -0.17 13.12 -9.32
CA TRP B 295 -1.59 12.85 -9.22
C TRP B 295 -2.39 14.11 -9.30
N LEU B 296 -1.83 15.17 -8.72
CA LEU B 296 -2.50 16.45 -8.76
C LEU B 296 -2.60 16.96 -10.18
N ASP B 297 -1.51 16.81 -10.95
CA ASP B 297 -1.49 17.21 -12.36
C ASP B 297 -2.42 16.41 -13.24
N LYS B 298 -2.40 15.09 -13.12
CA LYS B 298 -3.34 14.22 -13.83
C LYS B 298 -4.83 14.52 -13.50
N LEU B 299 -5.07 15.49 -12.61
CA LEU B 299 -6.42 15.98 -12.29
C LEU B 299 -6.80 17.17 -13.16
N HIS B 300 -5.85 18.08 -13.39
CA HIS B 300 -6.11 19.26 -14.22
C HIS B 300 -6.23 18.85 -15.71
N LYS B 301 -5.45 17.85 -16.11
CA LYS B 301 -5.68 17.16 -17.39
C LYS B 301 -7.16 16.89 -17.59
N GLU B 302 -7.85 16.62 -16.48
CA GLU B 302 -9.23 16.22 -16.52
C GLU B 302 -10.24 17.36 -16.42
N ILE B 303 -9.87 18.48 -15.79
CA ILE B 303 -10.88 19.51 -15.44
C ILE B 303 -10.64 20.93 -15.95
N ASP B 304 -9.50 21.22 -16.57
CA ASP B 304 -9.18 22.60 -16.98
C ASP B 304 -9.73 23.02 -18.34
N GLU B 305 -10.30 22.06 -19.07
CA GLU B 305 -10.95 22.35 -20.34
C GLU B 305 -12.46 22.53 -20.09
N PHE B 306 -12.85 22.43 -18.83
CA PHE B 306 -14.25 22.48 -18.46
C PHE B 306 -14.80 23.89 -18.52
N PRO B 307 -16.11 24.02 -18.78
CA PRO B 307 -16.79 25.29 -18.62
C PRO B 307 -16.52 25.90 -17.24
N ALA B 308 -16.67 27.22 -17.13
CA ALA B 308 -16.65 27.90 -15.83
C ALA B 308 -17.98 27.71 -15.11
N GLN B 309 -18.92 27.02 -15.76
CA GLN B 309 -20.19 26.59 -15.17
C GLN B 309 -20.31 25.09 -15.40
N LEU B 310 -19.90 24.28 -14.43
CA LEU B 310 -19.90 22.83 -14.61
C LEU B 310 -21.31 22.31 -14.88
N ASN B 311 -21.41 21.26 -15.68
CA ASN B 311 -22.69 20.64 -15.95
C ASN B 311 -22.71 19.19 -15.44
N TYR B 312 -23.91 18.71 -15.15
CA TYR B 312 -24.11 17.38 -14.60
C TYR B 312 -23.17 16.38 -15.24
N ASP B 313 -23.18 16.30 -16.57
CA ASP B 313 -22.42 15.27 -17.29
C ASP B 313 -20.92 15.35 -16.99
N ASN B 314 -20.39 16.56 -16.99
CA ASN B 314 -18.97 16.82 -16.68
C ASN B 314 -18.49 16.00 -15.51
N VAL B 315 -19.35 15.88 -14.52
CA VAL B 315 -19.03 15.29 -13.23
C VAL B 315 -19.43 13.81 -13.16
N MET B 316 -20.62 13.48 -13.62
CA MET B 316 -21.07 12.10 -13.55
C MET B 316 -20.23 11.23 -14.45
N ASP B 317 -20.20 11.57 -15.73
CA ASP B 317 -19.58 10.72 -16.74
C ASP B 317 -18.20 11.21 -17.16
N GLU B 318 -17.94 12.52 -17.03
CA GLU B 318 -16.68 13.08 -17.53
C GLU B 318 -15.59 13.27 -16.47
N MET B 319 -15.76 12.67 -15.29
CA MET B 319 -14.78 12.85 -14.22
C MET B 319 -14.29 11.52 -13.61
N PRO B 320 -13.73 10.62 -14.45
CA PRO B 320 -13.39 9.32 -13.86
C PRO B 320 -12.19 9.32 -12.94
N PHE B 321 -11.23 10.23 -13.16
CA PHE B 321 -10.05 10.24 -12.33
C PHE B 321 -10.36 10.60 -10.89
N ALA B 322 -11.05 11.71 -10.72
CA ALA B 322 -11.25 12.24 -9.39
C ALA B 322 -12.00 11.21 -8.57
N GLU B 323 -12.93 10.52 -9.21
CA GLU B 323 -13.70 9.50 -8.53
C GLU B 323 -12.74 8.50 -7.94
N ARG B 324 -11.70 8.17 -8.70
CA ARG B 324 -10.67 7.28 -8.18
C ARG B 324 -9.97 7.86 -6.97
N CYS B 325 -9.70 9.16 -7.02
CA CYS B 325 -9.11 9.87 -5.89
C CYS B 325 -10.05 9.77 -4.69
N VAL B 326 -11.27 10.24 -4.88
CA VAL B 326 -12.23 10.30 -3.78
C VAL B 326 -12.39 8.89 -3.20
N ARG B 327 -12.62 7.90 -4.05
CA ARG B 327 -12.62 6.52 -3.58
C ARG B 327 -11.34 6.11 -2.84
N GLU B 328 -10.16 6.39 -3.38
CA GLU B 328 -8.93 6.03 -2.66
C GLU B 328 -8.94 6.64 -1.28
N SER B 329 -9.25 7.93 -1.18
CA SER B 329 -9.29 8.57 0.12
C SER B 329 -10.07 7.70 1.10
N ILE B 330 -11.33 7.42 0.76
CA ILE B 330 -12.23 6.54 1.54
C ILE B 330 -11.75 5.09 1.75
N ARG B 331 -10.74 4.67 1.01
CA ARG B 331 -10.23 3.31 1.13
C ARG B 331 -9.15 3.26 2.20
N ARG B 332 -8.22 4.20 2.08
CA ARG B 332 -7.12 4.41 3.02
C ARG B 332 -7.54 4.86 4.43
N ASP B 333 -8.65 5.58 4.52
CA ASP B 333 -9.12 6.18 5.75
C ASP B 333 -10.65 6.17 5.77
N PRO B 334 -11.23 4.98 5.85
CA PRO B 334 -12.66 4.91 5.88
C PRO B 334 -13.16 5.74 7.07
N PRO B 335 -14.10 6.70 6.84
CA PRO B 335 -14.58 7.38 8.03
C PRO B 335 -15.44 6.52 8.96
N LEU B 336 -16.06 5.45 8.48
CA LEU B 336 -16.75 4.54 9.38
C LEU B 336 -15.94 3.29 9.52
N LEU B 337 -15.36 3.07 10.70
CA LEU B 337 -14.43 1.96 10.90
C LEU B 337 -15.17 0.65 10.91
N MET B 338 -16.36 0.67 11.49
CA MET B 338 -17.10 -0.54 11.62
C MET B 338 -18.51 -0.40 11.15
N VAL B 339 -18.96 -1.43 10.45
CA VAL B 339 -20.38 -1.74 10.31
C VAL B 339 -20.61 -3.03 11.07
N MET B 340 -21.80 -3.20 11.62
CA MET B 340 -22.03 -4.27 12.57
C MET B 340 -23.49 -4.69 12.69
N ARG B 341 -23.70 -5.92 13.14
CA ARG B 341 -25.03 -6.49 13.28
C ARG B 341 -25.07 -7.26 14.55
N MET B 342 -26.28 -7.57 15.01
CA MET B 342 -26.54 -8.64 15.98
C MET B 342 -26.84 -9.92 15.21
N VAL B 343 -26.43 -11.05 15.77
CA VAL B 343 -26.61 -12.34 15.09
C VAL B 343 -27.87 -12.98 15.65
N LYS B 344 -28.84 -13.19 14.79
CA LYS B 344 -30.08 -13.82 15.20
C LYS B 344 -29.88 -15.33 15.31
N ALA B 345 -29.14 -15.90 14.37
CA ALA B 345 -28.90 -17.35 14.35
C ALA B 345 -27.50 -17.70 13.88
N GLU B 346 -26.98 -18.82 14.37
CA GLU B 346 -25.65 -19.27 13.99
C GLU B 346 -25.52 -19.25 12.50
N VAL B 347 -24.50 -18.58 11.97
CA VAL B 347 -24.24 -18.60 10.55
C VAL B 347 -22.78 -18.85 10.28
N LYS B 348 -22.49 -19.84 9.45
CA LYS B 348 -21.12 -20.20 9.14
C LYS B 348 -20.45 -19.04 8.44
N VAL B 349 -19.26 -18.70 8.92
CA VAL B 349 -18.39 -17.78 8.24
C VAL B 349 -17.04 -18.46 8.24
N GLY B 350 -16.36 -18.43 7.10
CA GLY B 350 -15.10 -19.15 6.96
C GLY B 350 -15.28 -20.55 7.48
N SER B 351 -14.24 -21.10 8.11
CA SER B 351 -14.36 -22.40 8.73
C SER B 351 -15.34 -22.35 9.89
N TYR B 352 -15.31 -21.25 10.62
CA TYR B 352 -15.94 -21.18 11.93
C TYR B 352 -17.44 -20.92 11.84
N VAL B 353 -18.10 -20.96 12.99
CA VAL B 353 -19.52 -20.69 13.10
C VAL B 353 -19.75 -19.69 14.21
N VAL B 354 -20.67 -18.75 14.00
CA VAL B 354 -20.91 -17.66 14.95
C VAL B 354 -22.28 -17.82 15.60
N PRO B 355 -22.32 -17.87 16.95
CA PRO B 355 -23.59 -18.06 17.65
C PRO B 355 -24.36 -16.78 17.87
N LYS B 356 -25.69 -16.87 17.94
CA LYS B 356 -26.49 -15.69 18.29
C LYS B 356 -26.14 -15.22 19.70
N GLY B 357 -26.15 -13.91 19.88
CA GLY B 357 -25.70 -13.29 21.12
C GLY B 357 -24.45 -12.46 20.88
N ASP B 358 -23.76 -12.78 19.78
CA ASP B 358 -22.57 -12.06 19.32
C ASP B 358 -22.92 -10.82 18.52
N ILE B 359 -22.32 -9.68 18.87
CA ILE B 359 -22.25 -8.59 17.91
C ILE B 359 -21.28 -9.10 16.86
N ILE B 360 -21.75 -9.32 15.64
CA ILE B 360 -20.84 -9.54 14.52
C ILE B 360 -20.57 -8.18 13.88
N ALA B 361 -19.39 -8.02 13.28
CA ALA B 361 -19.04 -6.72 12.73
C ALA B 361 -17.98 -6.83 11.65
N CYS B 362 -18.17 -6.06 10.59
CA CYS B 362 -17.19 -6.01 9.52
C CYS B 362 -16.56 -4.61 9.49
N SER B 363 -15.25 -4.55 9.26
CA SER B 363 -14.57 -3.26 9.29
C SER B 363 -14.10 -2.80 7.93
N PRO B 364 -14.49 -1.57 7.55
CA PRO B 364 -13.77 -0.98 6.44
C PRO B 364 -12.29 -0.79 6.77
N LEU B 365 -11.94 -0.56 8.03
CA LEU B 365 -10.58 -0.18 8.36
C LEU B 365 -9.69 -1.38 8.23
N LEU B 366 -10.08 -2.45 8.93
CA LEU B 366 -9.29 -3.66 8.89
C LEU B 366 -9.29 -4.24 7.49
N SER B 367 -10.42 -4.19 6.79
CA SER B 367 -10.52 -4.89 5.52
C SER B 367 -9.71 -4.20 4.44
N HIS B 368 -9.64 -2.87 4.53
CA HIS B 368 -8.98 -2.08 3.51
C HIS B 368 -7.49 -2.07 3.66
N HIS B 369 -7.00 -2.56 4.77
CA HIS B 369 -5.56 -2.62 5.00
C HIS B 369 -5.02 -4.01 4.80
N ASP B 370 -5.88 -4.89 4.32
CA ASP B 370 -5.50 -6.26 4.03
C ASP B 370 -4.50 -6.30 2.89
N GLU B 371 -3.28 -6.69 3.23
CA GLU B 371 -2.16 -6.76 2.27
C GLU B 371 -2.49 -7.58 1.00
N GLU B 372 -3.15 -8.72 1.16
CA GLU B 372 -3.52 -9.57 0.01
C GLU B 372 -4.57 -8.92 -0.87
N ALA B 373 -5.21 -7.86 -0.38
CA ALA B 373 -6.26 -7.16 -1.12
C ALA B 373 -5.81 -5.76 -1.51
N PHE B 374 -5.06 -5.11 -0.63
CA PHE B 374 -4.60 -3.74 -0.82
C PHE B 374 -3.11 -3.60 -0.43
N PRO B 375 -2.21 -4.24 -1.19
CA PRO B 375 -0.82 -4.19 -0.72
C PRO B 375 -0.28 -2.75 -0.64
N ASN B 376 0.60 -2.48 0.33
CA ASN B 376 1.03 -1.12 0.69
C ASN B 376 -0.23 -0.29 0.93
N PRO B 377 -0.97 -0.64 2.00
CA PRO B 377 -2.27 -0.02 2.25
C PRO B 377 -2.21 1.40 2.69
N ARG B 378 -1.14 1.81 3.37
CA ARG B 378 -1.03 3.23 3.74
C ARG B 378 -0.66 4.11 2.56
N LEU B 379 -0.45 3.52 1.39
CA LEU B 379 -0.05 4.29 0.22
C LEU B 379 -1.31 4.69 -0.51
N TRP B 380 -1.46 5.99 -0.71
CA TRP B 380 -2.64 6.54 -1.36
C TRP B 380 -2.41 6.48 -2.85
N ASP B 381 -2.65 5.31 -3.45
CA ASP B 381 -2.46 5.09 -4.89
C ASP B 381 -3.85 4.98 -5.56
N PRO B 382 -4.38 6.11 -6.09
CA PRO B 382 -5.73 6.19 -6.70
C PRO B 382 -5.98 5.20 -7.82
N GLU B 383 -4.92 4.91 -8.58
CA GLU B 383 -5.00 4.08 -9.75
C GLU B 383 -4.84 2.58 -9.40
N ARG B 384 -4.69 2.26 -8.11
CA ARG B 384 -4.76 0.87 -7.66
C ARG B 384 -6.20 0.44 -7.81
N ASP B 385 -6.42 -0.88 -7.79
CA ASP B 385 -7.76 -1.43 -7.65
C ASP B 385 -7.70 -2.48 -6.58
N GLU B 386 -8.85 -2.82 -5.98
CA GLU B 386 -8.89 -3.94 -5.06
C GLU B 386 -8.32 -5.14 -5.80
N LYS B 387 -7.68 -6.06 -5.08
CA LYS B 387 -7.16 -7.29 -5.68
C LYS B 387 -7.87 -8.50 -5.09
N VAL B 388 -9.02 -8.25 -4.46
CA VAL B 388 -9.96 -9.27 -3.98
C VAL B 388 -11.35 -8.71 -4.25
N ASP B 389 -12.26 -9.58 -4.65
CA ASP B 389 -13.58 -9.18 -5.10
C ASP B 389 -14.43 -8.62 -3.95
N GLY B 390 -14.79 -7.34 -4.06
CA GLY B 390 -15.62 -6.68 -3.07
C GLY B 390 -14.89 -6.50 -1.76
N ALA B 391 -13.58 -6.30 -1.85
CA ALA B 391 -12.74 -6.02 -0.69
C ALA B 391 -12.78 -4.56 -0.30
N PHE B 392 -13.38 -3.70 -1.11
CA PHE B 392 -13.63 -2.32 -0.70
C PHE B 392 -15.03 -2.34 -0.14
N ILE B 393 -15.24 -1.64 0.98
CA ILE B 393 -16.53 -1.57 1.64
C ILE B 393 -16.75 -0.23 2.31
N GLY B 394 -16.13 0.82 1.78
CA GLY B 394 -16.29 2.18 2.27
C GLY B 394 -17.72 2.66 2.33
N PHE B 395 -18.52 2.31 1.33
CA PHE B 395 -19.98 2.46 1.39
C PHE B 395 -20.66 1.13 1.66
N GLY B 396 -19.89 0.14 2.08
CA GLY B 396 -20.46 -1.10 2.48
C GLY B 396 -20.98 -1.80 1.26
N ALA B 397 -21.93 -2.70 1.48
CA ALA B 397 -22.42 -3.61 0.44
C ALA B 397 -23.73 -4.21 0.88
N GLY B 398 -24.36 -4.96 -0.02
CA GLY B 398 -25.53 -5.76 0.31
C GLY B 398 -26.84 -4.99 0.33
N VAL B 399 -27.79 -5.52 1.09
CA VAL B 399 -29.06 -4.87 1.31
C VAL B 399 -28.77 -3.46 1.78
N HIS B 400 -27.82 -3.37 2.72
CA HIS B 400 -27.60 -2.14 3.48
C HIS B 400 -26.52 -1.27 2.88
N LYS B 401 -26.27 -1.48 1.60
CA LYS B 401 -25.30 -0.70 0.87
C LYS B 401 -25.74 0.73 0.97
N CYS B 402 -24.83 1.67 0.81
CA CYS B 402 -25.17 3.06 1.06
C CYS B 402 -26.15 3.55 0.04
N ILE B 403 -27.07 4.39 0.47
CA ILE B 403 -28.04 5.00 -0.42
C ILE B 403 -27.68 6.46 -0.60
N GLY B 404 -26.48 6.83 -0.21
CA GLY B 404 -26.05 8.21 -0.33
C GLY B 404 -24.83 8.39 -1.19
N GLN B 405 -24.24 7.27 -1.61
CA GLN B 405 -22.94 7.35 -2.24
C GLN B 405 -22.95 8.19 -3.48
N LYS B 406 -23.97 8.06 -4.31
CA LYS B 406 -23.94 8.79 -5.56
C LYS B 406 -24.02 10.27 -5.25
N PHE B 407 -24.93 10.65 -4.37
CA PHE B 407 -25.06 12.05 -4.05
C PHE B 407 -23.76 12.55 -3.47
N ALA B 408 -23.21 11.74 -2.59
CA ALA B 408 -22.06 12.12 -1.82
C ALA B 408 -20.89 12.33 -2.72
N LEU B 409 -20.72 11.39 -3.62
CA LEU B 409 -19.58 11.39 -4.51
C LEU B 409 -19.73 12.57 -5.41
N LEU B 410 -20.94 12.79 -5.86
CA LEU B 410 -21.22 13.87 -6.77
C LEU B 410 -20.78 15.15 -6.12
N GLN B 411 -21.21 15.26 -4.88
CA GLN B 411 -21.03 16.48 -4.16
C GLN B 411 -19.54 16.75 -4.11
N VAL B 412 -18.82 15.72 -3.72
CA VAL B 412 -17.41 15.88 -3.45
C VAL B 412 -16.66 16.23 -4.72
N LYS B 413 -16.98 15.56 -5.82
CA LYS B 413 -16.27 15.82 -7.06
C LYS B 413 -16.47 17.24 -7.49
N THR B 414 -17.71 17.72 -7.39
CA THR B 414 -17.99 19.08 -7.76
C THR B 414 -17.11 19.99 -6.95
N ILE B 415 -17.06 19.73 -5.66
CA ILE B 415 -16.30 20.58 -4.79
C ILE B 415 -14.85 20.64 -5.21
N LEU B 416 -14.27 19.47 -5.44
CA LEU B 416 -12.87 19.42 -5.81
C LEU B 416 -12.62 20.25 -7.03
N ALA B 417 -13.40 20.01 -8.07
CA ALA B 417 -13.13 20.68 -9.32
C ALA B 417 -13.20 22.16 -9.08
N THR B 418 -14.24 22.60 -8.38
CA THR B 418 -14.44 24.02 -8.19
C THR B 418 -13.28 24.68 -7.48
N ALA B 419 -12.85 24.09 -6.38
CA ALA B 419 -11.81 24.71 -5.59
C ALA B 419 -10.51 24.71 -6.35
N PHE B 420 -10.23 23.61 -7.02
CA PHE B 420 -8.92 23.41 -7.59
C PHE B 420 -8.80 24.12 -8.91
N ARG B 421 -9.91 24.66 -9.40
CA ARG B 421 -9.88 25.42 -10.61
C ARG B 421 -9.24 26.77 -10.35
N GLU B 422 -9.63 27.40 -9.25
CA GLU B 422 -9.23 28.76 -9.00
C GLU B 422 -8.04 28.84 -8.06
N TYR B 423 -8.08 28.05 -7.00
CA TYR B 423 -7.13 28.19 -5.91
C TYR B 423 -6.06 27.12 -5.90
N ASP B 424 -4.95 27.46 -5.26
CA ASP B 424 -3.77 26.61 -5.14
C ASP B 424 -3.48 26.46 -3.66
N PHE B 425 -3.04 25.28 -3.24
CA PHE B 425 -2.95 24.98 -1.80
C PHE B 425 -1.59 24.43 -1.39
N GLN B 426 -1.09 24.86 -0.24
CA GLN B 426 0.10 24.24 0.36
C GLN B 426 -0.14 23.78 1.82
N LEU B 427 0.10 22.50 2.06
CA LEU B 427 -0.11 21.90 3.38
C LEU B 427 1.01 22.33 4.32
N LEU B 428 0.68 22.79 5.53
CA LEU B 428 1.71 23.37 6.42
C LEU B 428 2.43 22.33 7.28
N ARG B 429 2.87 21.25 6.65
CA ARG B 429 3.38 20.08 7.36
C ARG B 429 4.17 19.21 6.43
N ASP B 430 5.09 18.45 6.98
CA ASP B 430 5.84 17.51 6.19
C ASP B 430 4.91 16.45 5.66
N GLU B 431 4.05 15.93 6.54
CA GLU B 431 3.24 14.78 6.18
C GLU B 431 1.76 15.01 6.21
N VAL B 432 1.04 14.18 5.45
CA VAL B 432 -0.41 14.20 5.42
C VAL B 432 -0.88 13.98 6.86
N PRO B 433 -1.91 14.72 7.33
CA PRO B 433 -2.17 14.57 8.76
C PRO B 433 -2.49 13.14 9.12
N ASP B 434 -2.29 12.77 10.39
CA ASP B 434 -2.64 11.43 10.86
C ASP B 434 -4.14 11.32 11.00
N PRO B 435 -4.68 10.11 10.99
CA PRO B 435 -6.08 9.97 11.34
C PRO B 435 -6.28 10.19 12.81
N ASP B 436 -7.36 10.89 13.18
CA ASP B 436 -7.74 11.03 14.57
C ASP B 436 -8.88 10.07 14.85
N TYR B 437 -8.55 9.01 15.59
CA TYR B 437 -9.43 7.85 15.72
C TYR B 437 -10.38 7.98 16.87
N HIS B 438 -10.34 9.13 17.54
CA HIS B 438 -11.02 9.29 18.80
C HIS B 438 -12.40 9.87 18.62
N THR B 439 -12.85 10.00 17.38
CA THR B 439 -14.18 10.49 17.11
C THR B 439 -14.94 9.35 16.47
N MET B 440 -16.26 9.37 16.57
CA MET B 440 -17.06 8.26 16.06
C MET B 440 -17.01 8.17 14.53
N VAL B 441 -16.98 9.32 13.87
CA VAL B 441 -16.62 9.37 12.47
C VAL B 441 -15.20 9.94 12.38
N VAL B 442 -14.35 9.20 11.67
CA VAL B 442 -12.91 9.33 11.79
C VAL B 442 -12.35 10.21 10.73
N GLY B 443 -11.49 11.14 11.08
CA GLY B 443 -11.05 12.12 10.10
C GLY B 443 -9.59 12.50 10.23
N PRO B 444 -9.12 13.36 9.31
CA PRO B 444 -7.79 13.86 9.53
C PRO B 444 -7.77 14.60 10.84
N THR B 445 -6.64 14.55 11.52
CA THR B 445 -6.51 15.23 12.79
C THR B 445 -6.71 16.72 12.63
N LEU B 446 -7.62 17.26 13.43
CA LEU B 446 -8.07 18.63 13.24
C LEU B 446 -6.95 19.65 13.27
N ASN B 447 -6.05 19.55 14.24
CA ASN B 447 -4.98 20.54 14.40
C ASN B 447 -3.86 20.45 13.37
N GLN B 448 -3.87 19.41 12.54
CA GLN B 448 -2.82 19.18 11.54
C GLN B 448 -3.23 19.68 10.14
N CYS B 449 -4.46 20.17 10.03
CA CYS B 449 -5.13 20.41 8.74
C CYS B 449 -5.01 21.87 8.30
N LEU B 450 -3.97 22.55 8.80
CA LEU B 450 -3.72 23.95 8.46
C LEU B 450 -3.08 24.00 7.09
N VAL B 451 -3.75 24.64 6.14
CA VAL B 451 -3.29 24.72 4.75
C VAL B 451 -3.24 26.19 4.34
N LYS B 452 -2.31 26.50 3.43
CA LYS B 452 -2.26 27.84 2.84
C LYS B 452 -2.69 27.82 1.38
N TYR B 453 -3.63 28.69 1.04
CA TYR B 453 -4.10 28.79 -0.32
C TYR B 453 -3.54 30.04 -1.01
N THR B 454 -3.43 29.98 -2.32
CA THR B 454 -3.04 31.14 -3.09
C THR B 454 -4.01 31.27 -4.23
N ARG B 455 -4.62 32.44 -4.36
CA ARG B 455 -5.52 32.71 -5.48
C ARG B 455 -4.72 32.48 -6.75
N LYS B 456 -5.21 31.63 -7.63
CA LYS B 456 -4.46 31.37 -8.84
C LYS B 456 -4.31 32.66 -9.60
N LYS B 457 -5.38 33.44 -9.65
CA LYS B 457 -5.40 34.71 -10.38
C LYS B 457 -4.12 35.51 -10.19
N LYS C 10 17.47 10.51 -54.55
CA LYS C 10 18.12 9.24 -54.94
C LYS C 10 17.91 8.21 -53.86
N LEU C 11 18.03 8.60 -52.61
CA LEU C 11 17.65 7.72 -51.53
C LEU C 11 16.19 7.40 -51.71
N PRO C 12 15.73 6.16 -51.34
CA PRO C 12 14.29 5.96 -51.49
C PRO C 12 13.52 6.72 -50.43
N PRO C 13 12.16 6.79 -50.57
CA PRO C 13 11.49 7.58 -49.54
C PRO C 13 11.63 6.87 -48.24
N VAL C 14 11.36 7.58 -47.15
CA VAL C 14 11.33 6.97 -45.83
C VAL C 14 9.97 7.22 -45.22
N TYR C 15 9.37 6.17 -44.68
CA TYR C 15 8.03 6.26 -44.11
C TYR C 15 8.08 7.16 -42.90
N PRO C 16 7.04 8.00 -42.71
CA PRO C 16 7.19 8.98 -41.64
C PRO C 16 7.16 8.39 -40.24
N VAL C 17 7.83 9.08 -39.33
CA VAL C 17 8.13 8.55 -38.01
C VAL C 17 7.35 9.25 -36.91
N THR C 18 6.64 8.46 -36.08
CA THR C 18 5.83 8.99 -34.96
C THR C 18 6.59 9.20 -33.66
N VAL C 19 7.44 8.24 -33.30
CA VAL C 19 8.04 8.18 -31.96
C VAL C 19 9.55 7.89 -32.09
N PRO C 20 10.33 8.91 -32.49
CA PRO C 20 11.54 8.60 -33.27
C PRO C 20 12.48 7.54 -32.73
N PHE C 21 12.98 7.73 -31.51
CA PHE C 21 13.97 6.81 -30.94
C PHE C 21 13.50 5.37 -31.00
N LEU C 22 12.20 5.16 -30.85
CA LEU C 22 11.61 3.84 -30.91
C LEU C 22 11.59 3.28 -32.35
N GLY C 23 11.20 4.10 -33.32
CA GLY C 23 11.05 3.63 -34.70
C GLY C 23 9.71 2.94 -34.97
N HIS C 24 9.65 2.20 -36.08
CA HIS C 24 8.40 1.67 -36.62
C HIS C 24 8.11 0.24 -36.17
N ILE C 25 8.93 -0.26 -35.26
CA ILE C 25 8.84 -1.66 -34.90
C ILE C 25 7.47 -1.97 -34.34
N VAL C 26 6.90 -1.02 -33.61
CA VAL C 26 5.61 -1.26 -32.98
C VAL C 26 4.60 -1.56 -34.04
N GLN C 27 4.55 -0.68 -35.03
CA GLN C 27 3.56 -0.81 -36.08
C GLN C 27 3.84 -2.14 -36.76
N PHE C 28 5.13 -2.40 -36.99
CA PHE C 28 5.56 -3.61 -37.66
C PHE C 28 5.19 -4.90 -36.91
N GLY C 29 5.30 -4.87 -35.59
CA GLY C 29 4.96 -6.03 -34.76
C GLY C 29 3.50 -6.43 -34.81
N LYS C 30 2.59 -5.46 -34.75
CA LYS C 30 1.17 -5.79 -34.64
C LYS C 30 0.67 -6.43 -35.93
N ASN C 31 1.00 -5.81 -37.07
CA ASN C 31 0.83 -6.47 -38.36
C ASN C 31 1.89 -6.05 -39.36
N PRO C 32 2.89 -6.93 -39.60
CA PRO C 32 3.86 -6.54 -40.60
C PRO C 32 3.22 -6.31 -41.98
N LEU C 33 2.35 -7.21 -42.41
CA LEU C 33 1.73 -7.12 -43.72
C LEU C 33 0.98 -5.79 -43.89
N GLU C 34 0.11 -5.49 -42.93
CA GLU C 34 -0.65 -4.26 -43.02
C GLU C 34 0.32 -3.12 -43.03
N PHE C 35 1.33 -3.23 -42.17
CA PHE C 35 2.26 -2.15 -42.00
C PHE C 35 3.01 -1.88 -43.30
N MET C 36 3.41 -2.95 -43.96
CA MET C 36 4.17 -2.82 -45.17
C MET C 36 3.29 -2.30 -46.31
N GLN C 37 2.12 -2.90 -46.49
CA GLN C 37 1.28 -2.52 -47.60
C GLN C 37 0.95 -1.07 -47.49
N ARG C 38 0.62 -0.64 -46.28
CA ARG C 38 0.27 0.77 -46.07
C ARG C 38 1.42 1.66 -46.51
N CYS C 39 2.64 1.24 -46.18
CA CYS C 39 3.83 2.02 -46.53
C CYS C 39 4.01 2.16 -48.02
N LYS C 40 3.74 1.08 -48.73
CA LYS C 40 3.78 1.10 -50.18
C LYS C 40 2.76 2.12 -50.72
N ARG C 41 1.56 2.10 -50.18
CA ARG C 41 0.51 2.98 -50.68
C ARG C 41 0.80 4.45 -50.48
N ASP C 42 1.05 4.82 -49.23
CA ASP C 42 1.25 6.22 -48.91
C ASP C 42 2.54 6.70 -49.54
N LEU C 43 3.56 5.85 -49.46
CA LEU C 43 4.88 6.21 -49.97
C LEU C 43 4.94 6.20 -51.51
N LYS C 44 4.22 5.26 -52.12
CA LYS C 44 4.13 5.16 -53.57
C LYS C 44 5.30 4.42 -54.20
N SER C 45 6.15 3.82 -53.38
CA SER C 45 7.31 3.13 -53.92
C SER C 45 7.34 1.69 -53.43
N GLY C 46 7.60 0.76 -54.34
CA GLY C 46 7.76 -0.63 -53.96
C GLY C 46 9.03 -0.75 -53.16
N VAL C 47 9.83 0.31 -53.23
CA VAL C 47 11.02 0.43 -52.47
C VAL C 47 10.89 1.60 -51.52
N PHE C 48 11.04 1.34 -50.24
CA PHE C 48 10.96 2.37 -49.24
C PHE C 48 11.86 2.04 -48.07
N THR C 49 12.17 3.05 -47.27
CA THR C 49 13.06 2.88 -46.14
C THR C 49 12.26 3.00 -44.85
N ILE C 50 12.65 2.28 -43.82
CA ILE C 50 12.13 2.54 -42.49
C ILE C 50 13.15 2.32 -41.40
N SER C 51 12.86 2.94 -40.27
CA SER C 51 13.73 2.94 -39.12
C SER C 51 13.25 2.00 -38.04
N ILE C 52 14.13 1.14 -37.57
CA ILE C 52 13.87 0.34 -36.40
C ILE C 52 15.01 0.66 -35.49
N GLY C 53 14.79 0.71 -34.18
CA GLY C 53 15.82 1.20 -33.27
C GLY C 53 16.19 2.56 -33.79
N GLY C 54 17.47 2.86 -33.93
CA GLY C 54 17.86 3.97 -34.80
C GLY C 54 18.06 3.48 -36.23
N GLN C 55 18.12 2.16 -36.39
CA GLN C 55 18.70 1.55 -37.58
C GLN C 55 17.82 1.79 -38.78
N ARG C 56 18.46 1.87 -39.95
CA ARG C 56 17.73 2.20 -41.16
C ARG C 56 17.56 1.00 -42.06
N VAL C 57 16.33 0.69 -42.42
CA VAL C 57 16.05 -0.49 -43.19
C VAL C 57 15.32 -0.12 -44.47
N THR C 58 15.77 -0.70 -45.58
CA THR C 58 15.14 -0.49 -46.87
C THR C 58 14.54 -1.79 -47.38
N ILE C 59 13.29 -1.75 -47.82
CA ILE C 59 12.61 -2.96 -48.22
C ILE C 59 12.33 -2.97 -49.70
N VAL C 60 12.61 -4.10 -50.31
CA VAL C 60 12.34 -4.28 -51.71
C VAL C 60 10.94 -4.82 -51.79
N GLY C 61 9.99 -3.93 -52.02
CA GLY C 61 8.58 -4.32 -52.00
C GLY C 61 8.05 -4.69 -53.37
N ASP C 62 8.90 -4.57 -54.39
CA ASP C 62 8.47 -4.78 -55.75
C ASP C 62 9.06 -6.07 -56.26
N PRO C 63 8.24 -6.97 -56.77
CA PRO C 63 8.77 -8.21 -57.30
C PRO C 63 9.55 -7.97 -58.56
N HIS C 64 9.39 -6.78 -59.12
CA HIS C 64 10.12 -6.42 -60.31
C HIS C 64 11.58 -6.15 -60.05
N GLU C 65 11.89 -5.57 -58.90
CA GLU C 65 13.27 -5.28 -58.58
C GLU C 65 13.95 -6.39 -57.78
N HIS C 66 13.28 -7.53 -57.66
CA HIS C 66 13.81 -8.63 -56.91
C HIS C 66 15.25 -8.92 -57.28
N SER C 67 15.52 -8.99 -58.57
CA SER C 67 16.80 -9.48 -59.05
C SER C 67 17.90 -8.67 -58.42
N ARG C 68 17.61 -7.40 -58.15
CA ARG C 68 18.61 -6.56 -57.56
C ARG C 68 18.93 -7.01 -56.14
N PHE C 69 17.97 -7.59 -55.43
CA PHE C 69 18.26 -8.14 -54.13
C PHE C 69 19.07 -9.45 -54.13
N PHE C 70 18.73 -10.41 -54.97
CA PHE C 70 19.30 -11.76 -54.81
C PHE C 70 20.55 -12.01 -55.64
N SER C 71 20.89 -11.05 -56.47
CA SER C 71 22.05 -11.19 -57.34
C SER C 71 23.32 -10.71 -56.64
N PRO C 72 23.38 -9.42 -56.25
CA PRO C 72 24.65 -8.90 -55.73
C PRO C 72 25.35 -9.90 -54.82
N ARG C 73 26.66 -10.00 -54.99
CA ARG C 73 27.47 -11.03 -54.37
C ARG C 73 27.71 -10.72 -52.92
N ASN C 74 28.09 -11.77 -52.19
CA ASN C 74 28.21 -11.74 -50.73
C ASN C 74 29.04 -10.59 -50.25
N GLU C 75 30.04 -10.24 -51.04
CA GLU C 75 30.91 -9.13 -50.71
C GLU C 75 30.16 -7.81 -50.66
N ILE C 76 29.04 -7.72 -51.36
CA ILE C 76 28.28 -6.49 -51.34
C ILE C 76 27.09 -6.55 -50.42
N LEU C 77 26.19 -7.49 -50.64
CA LEU C 77 25.04 -7.63 -49.78
C LEU C 77 25.38 -8.82 -48.97
N SER C 78 25.62 -8.61 -47.68
CA SER C 78 26.25 -9.62 -46.86
C SER C 78 25.25 -10.21 -45.87
N PRO C 79 25.02 -11.51 -45.95
CA PRO C 79 24.11 -12.15 -45.03
C PRO C 79 24.66 -12.17 -43.63
N ARG C 80 25.96 -12.36 -43.52
CA ARG C 80 26.55 -12.83 -42.28
C ARG C 80 26.33 -11.89 -41.10
N GLU C 81 26.38 -10.60 -41.32
CA GLU C 81 26.26 -9.72 -40.20
C GLU C 81 24.89 -9.88 -39.60
N VAL C 82 23.87 -9.92 -40.43
CA VAL C 82 22.52 -9.91 -39.89
C VAL C 82 22.09 -11.23 -39.30
N TYR C 83 22.84 -12.28 -39.53
CA TYR C 83 22.48 -13.59 -39.04
C TYR C 83 23.31 -14.01 -37.83
N THR C 84 23.80 -13.08 -37.03
CA THR C 84 24.70 -13.42 -35.91
C THR C 84 24.16 -14.28 -34.72
N ILE C 85 22.92 -14.03 -34.34
CA ILE C 85 22.31 -14.77 -33.23
C ILE C 85 22.44 -16.26 -33.51
N MET C 86 22.32 -16.52 -34.79
CA MET C 86 22.58 -17.80 -35.27
C MET C 86 24.03 -18.13 -34.98
N THR C 87 24.90 -17.14 -34.83
CA THR C 87 26.30 -17.48 -34.64
C THR C 87 26.39 -18.24 -33.35
N PRO C 88 25.81 -17.67 -32.24
CA PRO C 88 25.98 -18.55 -31.07
C PRO C 88 25.32 -19.87 -31.25
N VAL C 89 24.15 -19.92 -31.86
CA VAL C 89 23.51 -21.23 -31.98
C VAL C 89 24.18 -22.24 -32.90
N PHE C 90 24.77 -21.80 -34.00
CA PHE C 90 25.35 -22.71 -34.98
C PHE C 90 26.75 -23.11 -34.62
N GLY C 91 27.34 -22.46 -33.64
CA GLY C 91 28.72 -22.70 -33.32
C GLY C 91 29.46 -21.56 -33.96
N GLU C 92 30.77 -21.61 -33.85
CA GLU C 92 31.59 -20.47 -34.07
C GLU C 92 32.45 -20.70 -35.27
N GLY C 93 32.52 -19.70 -36.12
CA GLY C 93 33.26 -19.84 -37.36
C GLY C 93 32.47 -20.67 -38.34
N VAL C 94 31.31 -21.17 -37.93
CA VAL C 94 30.50 -22.03 -38.75
C VAL C 94 29.46 -21.18 -39.46
N ALA C 95 29.31 -21.37 -40.75
CA ALA C 95 28.35 -20.58 -41.48
C ALA C 95 28.74 -19.12 -41.46
N TYR C 96 27.79 -18.27 -41.13
CA TYR C 96 28.01 -16.84 -41.26
C TYR C 96 29.19 -16.41 -40.41
N ALA C 97 29.52 -17.25 -39.44
CA ALA C 97 30.71 -17.05 -38.63
C ALA C 97 31.98 -17.10 -39.46
N ALA C 98 32.06 -18.04 -40.38
CA ALA C 98 33.25 -18.19 -41.24
C ALA C 98 33.26 -17.20 -42.40
N PRO C 99 34.46 -16.95 -43.02
CA PRO C 99 34.38 -16.14 -44.23
C PRO C 99 33.70 -16.83 -45.40
N TYR C 100 33.21 -15.98 -46.29
CA TYR C 100 32.20 -16.36 -47.26
C TYR C 100 32.61 -17.59 -48.02
N PRO C 101 33.84 -17.59 -48.52
CA PRO C 101 34.22 -18.76 -49.28
C PRO C 101 34.06 -19.95 -48.39
N ARG C 102 34.55 -19.85 -47.16
CA ARG C 102 34.45 -20.96 -46.21
C ARG C 102 33.00 -21.32 -45.87
N MET C 103 32.19 -20.29 -45.66
CA MET C 103 30.79 -20.50 -45.36
C MET C 103 30.19 -21.23 -46.53
N ARG C 104 30.55 -20.78 -47.73
CA ARG C 104 29.96 -21.37 -48.91
C ARG C 104 30.28 -22.85 -48.96
N GLU C 105 31.54 -23.17 -48.69
CA GLU C 105 32.01 -24.53 -48.86
C GLU C 105 31.20 -25.42 -47.96
N GLN C 106 31.02 -24.97 -46.74
CA GLN C 106 30.36 -25.81 -45.76
C GLN C 106 28.95 -26.04 -46.28
N LEU C 107 28.34 -24.95 -46.70
CA LEU C 107 26.95 -25.00 -47.11
C LEU C 107 26.83 -25.98 -48.23
N ASN C 108 27.80 -25.97 -49.13
CA ASN C 108 27.73 -26.84 -50.29
C ASN C 108 27.86 -28.32 -49.99
N PHE C 109 28.71 -28.68 -49.04
CA PHE C 109 28.83 -30.07 -48.67
C PHE C 109 27.47 -30.47 -48.11
N LEU C 110 26.89 -29.54 -47.35
CA LEU C 110 25.56 -29.75 -46.79
C LEU C 110 24.48 -29.90 -47.87
N ALA C 111 24.62 -29.11 -48.92
CA ALA C 111 23.71 -29.13 -50.04
C ALA C 111 23.79 -30.44 -50.75
N GLU C 112 25.01 -30.90 -50.97
CA GLU C 112 25.16 -32.17 -51.61
C GLU C 112 24.40 -33.14 -50.73
N GLU C 113 24.52 -32.96 -49.43
CA GLU C 113 23.90 -33.85 -48.48
C GLU C 113 22.42 -33.91 -48.79
N LEU C 114 21.88 -32.78 -49.22
CA LEU C 114 20.47 -32.70 -49.60
C LEU C 114 20.27 -33.08 -51.03
N THR C 115 21.34 -33.45 -51.72
CA THR C 115 21.23 -33.83 -53.11
C THR C 115 20.32 -35.03 -53.19
N ILE C 116 19.42 -34.99 -54.19
CA ILE C 116 18.29 -35.90 -54.32
C ILE C 116 18.73 -37.35 -54.47
N ALA C 117 19.95 -37.54 -54.94
CA ALA C 117 20.47 -38.87 -55.09
C ALA C 117 20.33 -39.58 -53.77
N LYS C 118 20.60 -38.86 -52.70
CA LYS C 118 20.62 -39.48 -51.40
C LYS C 118 19.27 -40.06 -51.08
N PHE C 119 18.27 -39.52 -51.76
CA PHE C 119 16.86 -39.70 -51.48
C PHE C 119 16.32 -41.11 -51.57
N GLN C 120 16.95 -41.91 -52.42
CA GLN C 120 16.25 -43.03 -53.00
C GLN C 120 15.58 -43.91 -51.98
N ASN C 121 16.16 -44.07 -50.80
CA ASN C 121 15.50 -44.85 -49.77
C ASN C 121 14.51 -44.09 -48.86
N PHE C 122 14.42 -42.78 -49.01
CA PHE C 122 13.65 -41.95 -48.07
C PHE C 122 12.15 -42.20 -47.99
N VAL C 123 11.53 -42.25 -49.15
CA VAL C 123 10.10 -42.02 -49.20
C VAL C 123 9.35 -42.97 -48.32
N PRO C 124 9.75 -44.25 -48.32
CA PRO C 124 9.05 -45.14 -47.41
C PRO C 124 9.29 -44.74 -45.96
N ALA C 125 10.50 -44.26 -45.70
CA ALA C 125 10.85 -43.84 -44.34
C ALA C 125 9.77 -42.93 -43.76
N ILE C 126 9.35 -41.96 -44.56
CA ILE C 126 8.37 -40.94 -44.15
C ILE C 126 7.01 -41.58 -43.85
N GLN C 127 6.49 -42.33 -44.80
CA GLN C 127 5.18 -42.96 -44.65
C GLN C 127 5.11 -43.85 -43.41
N HIS C 128 5.87 -44.94 -43.42
CA HIS C 128 5.91 -45.86 -42.27
C HIS C 128 5.84 -45.08 -40.95
N GLU C 129 6.59 -43.96 -40.88
CA GLU C 129 6.72 -43.13 -39.67
C GLU C 129 5.53 -42.21 -39.40
N VAL C 130 4.98 -41.66 -40.48
CA VAL C 130 3.74 -40.87 -40.43
C VAL C 130 2.60 -41.78 -39.98
N ARG C 131 2.58 -43.00 -40.51
CA ARG C 131 1.57 -44.00 -40.15
C ARG C 131 1.72 -44.51 -38.71
N LYS C 132 2.95 -44.80 -38.30
CA LYS C 132 3.27 -45.15 -36.91
C LYS C 132 2.85 -44.03 -35.96
N PHE C 133 2.82 -42.79 -36.45
CA PHE C 133 2.34 -41.66 -35.65
C PHE C 133 0.81 -41.66 -35.53
N MET C 134 0.12 -41.80 -36.67
CA MET C 134 -1.35 -41.77 -36.67
C MET C 134 -1.89 -42.94 -35.84
N ALA C 135 -1.33 -44.13 -36.07
CA ALA C 135 -1.72 -45.32 -35.31
C ALA C 135 -1.52 -45.13 -33.82
N GLU C 136 -0.45 -44.42 -33.44
CA GLU C 136 -0.16 -44.15 -32.04
C GLU C 136 -1.02 -43.02 -31.45
N ASN C 137 -1.39 -42.04 -32.28
CA ASN C 137 -1.96 -40.78 -31.76
C ASN C 137 -3.38 -40.44 -32.17
N TRP C 138 -3.80 -40.83 -33.36
CA TRP C 138 -5.17 -40.60 -33.83
C TRP C 138 -6.00 -41.89 -33.74
N LYS C 139 -6.12 -42.41 -32.51
CA LYS C 139 -6.64 -43.76 -32.26
C LYS C 139 -8.13 -43.95 -32.63
N GLU C 140 -9.00 -43.22 -31.94
CA GLU C 140 -10.46 -43.36 -32.06
C GLU C 140 -10.97 -43.09 -33.47
N ASP C 141 -12.18 -43.55 -33.78
CA ASP C 141 -12.78 -43.36 -35.10
C ASP C 141 -12.90 -41.89 -35.51
N GLU C 142 -13.02 -41.01 -34.51
CA GLU C 142 -12.87 -39.57 -34.71
C GLU C 142 -12.41 -38.88 -33.43
N GLY C 143 -11.82 -37.70 -33.56
CA GLY C 143 -11.37 -36.93 -32.40
C GLY C 143 -10.81 -35.56 -32.71
N VAL C 144 -10.38 -34.86 -31.67
CA VAL C 144 -9.82 -33.51 -31.83
C VAL C 144 -8.31 -33.53 -31.53
N ILE C 145 -7.60 -32.68 -32.28
CA ILE C 145 -6.15 -32.57 -32.23
C ILE C 145 -5.74 -31.11 -32.49
N ASN C 146 -4.53 -30.75 -32.06
CA ASN C 146 -3.92 -29.53 -32.57
C ASN C 146 -2.99 -29.91 -33.73
N LEU C 147 -3.52 -29.72 -34.94
CA LEU C 147 -2.86 -30.12 -36.18
C LEU C 147 -1.44 -29.56 -36.30
N LEU C 148 -1.23 -28.34 -35.79
CA LEU C 148 0.13 -27.77 -35.77
C LEU C 148 1.09 -28.64 -34.95
N GLU C 149 0.85 -28.73 -33.65
CA GLU C 149 1.65 -29.56 -32.75
C GLU C 149 1.74 -30.99 -33.25
N ASP C 150 0.68 -31.44 -33.92
CA ASP C 150 0.68 -32.76 -34.54
C ASP C 150 1.54 -32.79 -35.81
N CYS C 151 1.49 -31.72 -36.59
CA CYS C 151 2.36 -31.56 -37.76
C CYS C 151 3.84 -31.49 -37.37
N GLY C 152 4.12 -30.90 -36.22
CA GLY C 152 5.50 -30.77 -35.74
C GLY C 152 6.14 -32.10 -35.40
N ALA C 153 5.42 -32.93 -34.67
CA ALA C 153 5.90 -34.24 -34.31
C ALA C 153 6.17 -35.08 -35.54
N MET C 154 5.44 -34.79 -36.62
CA MET C 154 5.58 -35.51 -37.88
C MET C 154 6.75 -35.06 -38.77
N ILE C 155 7.16 -33.81 -38.63
CA ILE C 155 8.27 -33.26 -39.42
C ILE C 155 9.62 -33.79 -38.92
N ILE C 156 9.81 -33.84 -37.60
CA ILE C 156 11.08 -34.26 -37.00
C ILE C 156 11.21 -35.78 -37.02
N ASN C 157 10.13 -36.47 -36.68
CA ASN C 157 10.12 -37.93 -36.70
C ASN C 157 10.57 -38.43 -38.05
N THR C 158 9.98 -37.88 -39.10
CA THR C 158 10.30 -38.33 -40.44
C THR C 158 11.66 -37.83 -40.88
N ALA C 159 11.96 -36.55 -40.59
CA ALA C 159 13.24 -35.95 -40.97
C ALA C 159 14.39 -36.77 -40.41
N CYS C 160 14.30 -37.12 -39.13
CA CYS C 160 15.24 -38.04 -38.50
C CYS C 160 15.24 -39.39 -39.20
N GLN C 161 14.08 -40.01 -39.37
CA GLN C 161 14.00 -41.33 -40.03
C GLN C 161 14.52 -41.33 -41.48
N CYS C 162 14.78 -40.14 -42.04
CA CYS C 162 15.39 -40.01 -43.37
C CYS C 162 16.90 -39.79 -43.25
N LEU C 163 17.29 -38.85 -42.39
CA LEU C 163 18.64 -38.30 -42.38
C LEU C 163 19.61 -39.00 -41.47
N PHE C 164 19.10 -39.70 -40.46
CA PHE C 164 19.99 -40.31 -39.48
C PHE C 164 20.08 -41.81 -39.69
N GLY C 165 21.29 -42.34 -39.52
CA GLY C 165 21.49 -43.78 -39.51
C GLY C 165 20.77 -44.34 -38.30
N GLU C 166 20.25 -45.56 -38.42
CA GLU C 166 19.43 -46.15 -37.35
C GLU C 166 20.15 -46.12 -35.99
N ASP C 167 21.46 -46.37 -35.98
CA ASP C 167 22.29 -46.36 -34.76
C ASP C 167 22.21 -45.07 -33.94
N LEU C 168 21.95 -43.96 -34.64
CA LEU C 168 21.90 -42.62 -34.07
C LEU C 168 20.51 -42.26 -33.54
N ARG C 169 19.48 -42.85 -34.14
CA ARG C 169 18.10 -42.67 -33.66
C ARG C 169 17.81 -43.47 -32.38
N LYS C 170 18.67 -44.44 -32.05
CA LYS C 170 18.58 -45.16 -30.77
C LYS C 170 19.37 -44.44 -29.69
N ARG C 171 20.52 -43.90 -30.04
CA ARG C 171 21.25 -43.03 -29.12
C ARG C 171 20.59 -41.66 -29.01
N LEU C 172 19.94 -41.20 -30.07
CA LEU C 172 19.23 -39.92 -30.05
C LEU C 172 17.92 -39.99 -30.85
N ASN C 173 16.80 -39.94 -30.11
CA ASN C 173 15.49 -39.97 -30.72
C ASN C 173 14.95 -38.56 -30.91
N ALA C 174 14.04 -38.43 -31.87
CA ALA C 174 13.46 -37.15 -32.24
C ALA C 174 12.84 -36.37 -31.07
N ARG C 175 12.28 -37.07 -30.08
CA ARG C 175 11.65 -36.42 -28.90
C ARG C 175 12.71 -35.62 -28.16
N HIS C 176 13.81 -36.30 -27.81
CA HIS C 176 14.97 -35.73 -27.15
C HIS C 176 15.57 -34.65 -28.05
N PHE C 177 15.68 -35.00 -29.34
CA PHE C 177 16.24 -34.09 -30.32
C PHE C 177 15.39 -32.84 -30.58
N ALA C 178 14.07 -32.96 -30.49
CA ALA C 178 13.17 -31.81 -30.68
C ALA C 178 13.44 -30.75 -29.61
N GLN C 179 13.36 -31.16 -28.35
CA GLN C 179 13.59 -30.23 -27.24
C GLN C 179 15.01 -29.70 -27.23
N LEU C 180 15.96 -30.53 -27.63
CA LEU C 180 17.34 -30.11 -27.81
C LEU C 180 17.46 -28.85 -28.68
N LEU C 181 16.76 -28.86 -29.81
CA LEU C 181 16.74 -27.71 -30.72
C LEU C 181 15.88 -26.58 -30.13
N SER C 182 14.82 -26.93 -29.42
CA SER C 182 13.97 -25.93 -28.79
C SER C 182 14.78 -25.16 -27.74
N LYS C 183 15.64 -25.86 -27.02
CA LYS C 183 16.50 -25.23 -26.00
C LYS C 183 17.55 -24.35 -26.67
N MET C 184 17.98 -24.75 -27.86
CA MET C 184 18.87 -23.91 -28.65
C MET C 184 18.10 -22.70 -29.14
N GLU C 185 16.82 -22.92 -29.46
CA GLU C 185 15.93 -21.89 -30.00
C GLU C 185 15.54 -20.82 -28.98
N SER C 186 15.55 -21.21 -27.71
CA SER C 186 15.19 -20.31 -26.63
C SER C 186 16.14 -19.12 -26.52
N SER C 187 17.37 -19.28 -27.02
CA SER C 187 18.41 -18.24 -26.91
C SER C 187 18.27 -17.12 -27.93
N LEU C 188 17.22 -17.12 -28.75
CA LEU C 188 17.18 -16.27 -29.92
C LEU C 188 16.32 -15.03 -29.75
N ILE C 189 16.94 -13.87 -29.97
CA ILE C 189 16.30 -12.56 -29.81
C ILE C 189 15.90 -11.90 -31.15
N PRO C 190 14.58 -11.79 -31.44
CA PRO C 190 14.05 -11.18 -32.66
C PRO C 190 14.71 -9.85 -33.07
N ALA C 191 14.68 -8.87 -32.17
CA ALA C 191 15.18 -7.53 -32.44
C ALA C 191 16.56 -7.49 -33.09
N ALA C 192 17.47 -8.33 -32.58
CA ALA C 192 18.86 -8.34 -33.03
C ALA C 192 19.00 -8.50 -34.55
N VAL C 193 18.05 -9.18 -35.17
CA VAL C 193 18.03 -9.32 -36.62
C VAL C 193 17.97 -7.94 -37.28
N PHE C 194 17.29 -6.99 -36.64
CA PHE C 194 17.31 -5.59 -37.11
C PHE C 194 18.43 -4.76 -36.48
N MET C 195 18.63 -4.89 -35.17
CA MET C 195 19.58 -4.04 -34.42
C MET C 195 20.73 -4.87 -33.90
N PRO C 196 21.60 -5.37 -34.80
CA PRO C 196 22.52 -6.44 -34.41
C PRO C 196 23.48 -5.98 -33.33
N TRP C 197 23.64 -4.66 -33.21
CA TRP C 197 24.47 -4.05 -32.18
C TRP C 197 24.12 -4.50 -30.76
N LEU C 198 22.84 -4.63 -30.44
CA LEU C 198 22.42 -5.08 -29.11
C LEU C 198 23.24 -6.25 -28.65
N LEU C 199 23.49 -7.20 -29.55
CA LEU C 199 24.27 -8.34 -29.20
C LEU C 199 25.71 -7.97 -28.88
N ARG C 200 26.12 -6.76 -29.23
CA ARG C 200 27.50 -6.33 -28.99
C ARG C 200 27.76 -6.10 -27.50
N LEU C 201 26.77 -5.63 -26.76
CA LEU C 201 26.97 -5.42 -25.33
C LEU C 201 26.43 -6.63 -24.55
N PRO C 202 26.62 -6.65 -23.21
CA PRO C 202 26.32 -7.88 -22.50
C PRO C 202 24.94 -8.44 -22.73
N LEU C 203 24.86 -9.76 -22.67
CA LEU C 203 23.62 -10.49 -22.87
C LEU C 203 23.57 -11.55 -21.77
N PRO C 204 22.36 -11.90 -21.29
CA PRO C 204 22.36 -12.92 -20.25
C PRO C 204 22.84 -14.20 -20.84
N GLN C 205 23.45 -15.05 -20.02
CA GLN C 205 23.98 -16.33 -20.48
C GLN C 205 22.86 -17.25 -20.95
N SER C 206 23.20 -18.24 -21.76
CA SER C 206 22.20 -19.15 -22.31
C SER C 206 22.59 -20.59 -22.05
N ALA C 207 22.53 -20.96 -20.77
CA ALA C 207 23.08 -22.22 -20.31
C ALA C 207 22.36 -23.42 -20.90
N ARG C 208 21.04 -23.38 -20.99
CA ARG C 208 20.31 -24.49 -21.56
C ARG C 208 20.79 -24.69 -22.99
N CYS C 209 20.91 -23.59 -23.71
CA CYS C 209 21.32 -23.65 -25.09
C CYS C 209 22.69 -24.30 -25.22
N ARG C 210 23.62 -23.85 -24.39
CA ARG C 210 25.00 -24.33 -24.49
C ARG C 210 25.03 -25.78 -24.16
N GLU C 211 24.36 -26.12 -23.07
CA GLU C 211 24.44 -27.49 -22.61
C GLU C 211 23.86 -28.34 -23.71
N ALA C 212 22.80 -27.84 -24.33
CA ALA C 212 22.10 -28.58 -25.35
C ALA C 212 22.96 -28.82 -26.57
N ARG C 213 23.64 -27.77 -27.03
CA ARG C 213 24.44 -27.92 -28.21
C ARG C 213 25.53 -28.92 -27.89
N ALA C 214 26.12 -28.81 -26.71
CA ALA C 214 27.22 -29.67 -26.37
C ALA C 214 26.71 -31.09 -26.30
N GLU C 215 25.55 -31.19 -25.65
CA GLU C 215 24.95 -32.44 -25.27
C GLU C 215 24.73 -33.12 -26.57
N LEU C 216 24.34 -32.32 -27.54
CA LEU C 216 24.26 -32.89 -28.85
C LEU C 216 25.66 -33.31 -29.26
N GLN C 217 26.54 -32.32 -29.50
CA GLN C 217 27.91 -32.60 -29.93
C GLN C 217 28.51 -33.81 -29.19
N LYS C 218 28.30 -33.84 -27.87
CA LYS C 218 28.74 -34.95 -27.03
C LYS C 218 28.31 -36.32 -27.56
N ILE C 219 27.03 -36.45 -27.90
CA ILE C 219 26.50 -37.72 -28.39
C ILE C 219 26.93 -37.94 -29.85
N LEU C 220 27.54 -36.92 -30.46
CA LEU C 220 28.09 -37.06 -31.81
C LEU C 220 29.56 -37.46 -31.74
N GLY C 221 30.28 -36.91 -30.77
CA GLY C 221 31.61 -37.40 -30.44
C GLY C 221 31.55 -38.88 -30.14
N GLU C 222 30.68 -39.24 -29.18
CA GLU C 222 30.50 -40.62 -28.72
C GLU C 222 29.95 -41.60 -29.79
N ILE C 223 29.81 -41.13 -31.04
CA ILE C 223 29.24 -41.93 -32.13
C ILE C 223 30.18 -42.06 -33.32
N ILE C 224 31.16 -41.16 -33.44
CA ILE C 224 32.29 -41.36 -34.35
C ILE C 224 33.09 -42.55 -33.82
N VAL C 225 33.20 -42.62 -32.49
CA VAL C 225 33.96 -43.66 -31.82
C VAL C 225 33.56 -45.06 -32.30
N ALA C 226 32.27 -45.39 -32.22
CA ALA C 226 31.79 -46.68 -32.69
C ALA C 226 31.99 -46.78 -34.20
N ARG C 227 31.61 -45.71 -34.87
CA ARG C 227 31.73 -45.65 -36.32
C ARG C 227 33.20 -45.87 -36.65
N GLU C 228 34.06 -45.11 -35.96
CA GLU C 228 35.48 -45.23 -36.15
C GLU C 228 35.91 -46.62 -35.73
N LYS C 229 35.43 -47.04 -34.56
CA LYS C 229 35.85 -48.31 -33.96
C LYS C 229 35.58 -49.47 -34.90
N GLU C 230 34.36 -49.52 -35.42
CA GLU C 230 33.95 -50.65 -36.23
C GLU C 230 33.87 -50.25 -37.68
N GLU C 231 34.74 -50.85 -38.49
CA GLU C 231 34.69 -50.71 -39.94
C GLU C 231 34.80 -52.10 -40.56
N ASP C 240 24.70 -42.40 -45.18
CA ASP C 240 24.02 -41.53 -44.21
C ASP C 240 24.34 -40.06 -44.41
N LEU C 241 23.48 -39.21 -43.87
CA LEU C 241 23.77 -37.79 -43.81
C LEU C 241 25.03 -37.58 -43.00
N LEU C 242 25.08 -38.20 -41.83
CA LEU C 242 26.16 -37.92 -40.93
C LEU C 242 27.43 -38.34 -41.60
N GLY C 243 27.42 -39.54 -42.13
CA GLY C 243 28.64 -40.09 -42.67
C GLY C 243 29.06 -39.19 -43.80
N GLY C 244 28.10 -38.87 -44.65
CA GLY C 244 28.41 -38.14 -45.85
C GLY C 244 29.06 -36.84 -45.44
N LEU C 245 28.46 -36.22 -44.44
CA LEU C 245 28.88 -34.91 -44.05
C LEU C 245 30.34 -34.99 -43.72
N LEU C 246 30.67 -35.93 -42.86
CA LEU C 246 32.04 -36.06 -42.47
C LEU C 246 32.93 -36.15 -43.68
N LYS C 247 32.68 -37.16 -44.49
CA LYS C 247 33.64 -37.55 -45.51
C LYS C 247 34.23 -36.34 -46.25
N ALA C 248 33.38 -35.40 -46.64
CA ALA C 248 33.81 -34.32 -47.52
C ALA C 248 34.96 -33.56 -46.91
N VAL C 249 35.77 -32.94 -47.76
CA VAL C 249 36.84 -32.05 -47.29
C VAL C 249 37.07 -30.82 -48.14
N TYR C 250 37.56 -29.79 -47.48
CA TYR C 250 37.65 -28.46 -48.07
C TYR C 250 38.76 -28.40 -49.09
N ARG C 251 38.80 -27.30 -49.83
CA ARG C 251 39.81 -27.11 -50.85
C ARG C 251 41.16 -27.10 -50.19
N ASP C 252 41.20 -26.64 -48.94
CA ASP C 252 42.43 -26.55 -48.18
C ASP C 252 43.06 -27.92 -48.11
N GLY C 253 42.22 -28.94 -48.04
CA GLY C 253 42.69 -30.27 -47.70
C GLY C 253 42.38 -30.54 -46.24
N THR C 254 41.56 -29.68 -45.65
CA THR C 254 41.10 -29.88 -44.29
C THR C 254 39.71 -30.52 -44.26
N ARG C 255 39.57 -31.59 -43.48
CA ARG C 255 38.27 -32.21 -43.23
C ARG C 255 37.52 -31.41 -42.20
N MET C 256 36.20 -31.58 -42.16
CA MET C 256 35.38 -30.78 -41.26
C MET C 256 35.62 -31.12 -39.81
N SER C 257 35.70 -30.08 -38.99
CA SER C 257 35.92 -30.24 -37.58
C SER C 257 34.61 -30.70 -37.04
N LEU C 258 34.65 -31.42 -35.94
CA LEU C 258 33.42 -31.89 -35.35
C LEU C 258 32.52 -30.69 -35.10
N HIS C 259 33.13 -29.54 -34.81
CA HIS C 259 32.39 -28.31 -34.67
C HIS C 259 31.61 -28.09 -35.95
N GLU C 260 32.32 -28.19 -37.05
CA GLU C 260 31.72 -27.94 -38.34
C GLU C 260 30.56 -28.91 -38.54
N VAL C 261 30.80 -30.18 -38.26
CA VAL C 261 29.76 -31.18 -38.47
C VAL C 261 28.55 -30.95 -37.57
N CYS C 262 28.78 -30.66 -36.30
CA CYS C 262 27.67 -30.51 -35.40
C CYS C 262 26.84 -29.37 -35.91
N GLY C 263 27.53 -28.30 -36.29
CA GLY C 263 26.85 -27.10 -36.69
C GLY C 263 25.95 -27.40 -37.85
N MET C 264 26.51 -28.04 -38.86
CA MET C 264 25.76 -28.25 -40.06
C MET C 264 24.61 -29.20 -39.84
N ILE C 265 24.80 -30.21 -38.99
CA ILE C 265 23.69 -31.08 -38.69
C ILE C 265 22.58 -30.25 -38.04
N VAL C 266 22.93 -29.49 -37.02
CA VAL C 266 21.92 -28.69 -36.33
C VAL C 266 21.19 -27.85 -37.35
N ALA C 267 21.93 -27.12 -38.18
CA ALA C 267 21.28 -26.21 -39.12
C ALA C 267 20.22 -26.92 -39.94
N ALA C 268 20.57 -28.11 -40.44
CA ALA C 268 19.68 -28.89 -41.30
C ALA C 268 18.38 -29.30 -40.61
N MET C 269 18.48 -29.68 -39.34
CA MET C 269 17.27 -29.98 -38.58
C MET C 269 16.55 -28.71 -38.17
N PHE C 270 17.32 -27.67 -37.85
CA PHE C 270 16.73 -26.44 -37.40
C PHE C 270 15.85 -25.83 -38.49
N ALA C 271 16.33 -25.91 -39.71
CA ALA C 271 15.67 -25.25 -40.81
C ALA C 271 14.27 -25.79 -41.04
N GLY C 272 14.17 -27.12 -41.13
CA GLY C 272 12.90 -27.78 -41.39
C GLY C 272 11.90 -27.60 -40.26
N GLN C 273 12.38 -27.71 -39.03
CA GLN C 273 11.48 -27.91 -37.90
C GLN C 273 10.20 -27.09 -38.04
N HIS C 274 10.31 -25.80 -38.30
CA HIS C 274 9.11 -24.96 -38.28
C HIS C 274 8.55 -24.70 -39.64
N THR C 275 9.42 -24.38 -40.57
CA THR C 275 9.01 -23.99 -41.89
C THR C 275 8.19 -25.08 -42.51
N SER C 276 8.76 -26.29 -42.52
CA SER C 276 8.10 -27.41 -43.17
C SER C 276 6.85 -27.78 -42.42
N THR C 277 6.94 -27.77 -41.09
CA THR C 277 5.78 -28.10 -40.26
C THR C 277 4.65 -27.12 -40.54
N ILE C 278 4.96 -25.83 -40.50
CA ILE C 278 3.97 -24.81 -40.83
C ILE C 278 3.43 -25.10 -42.22
N THR C 279 4.33 -25.34 -43.16
CA THR C 279 3.93 -25.52 -44.54
C THR C 279 3.01 -26.74 -44.72
N THR C 280 3.30 -27.85 -44.04
CA THR C 280 2.39 -29.00 -44.03
C THR C 280 1.02 -28.60 -43.48
N SER C 281 1.01 -28.00 -42.28
CA SER C 281 -0.24 -27.50 -41.70
C SER C 281 -1.02 -26.64 -42.68
N TRP C 282 -0.52 -25.43 -42.95
CA TRP C 282 -1.27 -24.45 -43.73
C TRP C 282 -1.95 -25.08 -44.94
N SER C 283 -1.27 -26.01 -45.60
CA SER C 283 -1.83 -26.66 -46.76
C SER C 283 -3.08 -27.38 -46.33
N MET C 284 -2.92 -28.27 -45.36
CA MET C 284 -4.06 -29.06 -44.86
C MET C 284 -5.24 -28.21 -44.42
N LEU C 285 -4.98 -27.15 -43.66
CA LEU C 285 -6.05 -26.23 -43.21
C LEU C 285 -6.83 -25.61 -44.37
N HIS C 286 -6.23 -25.52 -45.55
CA HIS C 286 -6.91 -24.96 -46.71
C HIS C 286 -7.70 -26.03 -47.45
N LEU C 287 -7.26 -27.29 -47.38
CA LEU C 287 -7.89 -28.36 -48.15
C LEU C 287 -9.15 -28.86 -47.47
N MET C 288 -9.06 -29.10 -46.17
CA MET C 288 -10.18 -29.65 -45.41
C MET C 288 -11.34 -28.68 -45.39
N HIS C 289 -11.01 -27.38 -45.41
CA HIS C 289 -12.01 -26.30 -45.36
C HIS C 289 -13.00 -26.49 -46.52
N PRO C 290 -14.33 -26.57 -46.22
CA PRO C 290 -15.33 -26.91 -47.23
C PRO C 290 -15.41 -25.97 -48.44
N LYS C 291 -14.97 -24.72 -48.29
CA LYS C 291 -14.90 -23.75 -49.39
C LYS C 291 -13.98 -24.24 -50.51
N ASN C 292 -12.85 -24.85 -50.12
CA ASN C 292 -11.83 -25.31 -51.06
C ASN C 292 -12.09 -26.76 -51.49
N LYS C 293 -13.36 -27.14 -51.66
CA LYS C 293 -13.76 -28.54 -51.89
C LYS C 293 -13.58 -28.96 -53.33
N LYS C 294 -13.50 -27.96 -54.22
CA LYS C 294 -13.08 -28.15 -55.62
C LYS C 294 -11.64 -28.63 -55.70
N TRP C 295 -10.83 -28.27 -54.70
CA TRP C 295 -9.39 -28.57 -54.64
C TRP C 295 -9.10 -29.86 -53.88
N LEU C 296 -9.75 -30.02 -52.73
CA LEU C 296 -9.64 -31.24 -51.94
C LEU C 296 -9.86 -32.48 -52.81
N ASP C 297 -11.00 -32.53 -53.51
CA ASP C 297 -11.33 -33.65 -54.37
C ASP C 297 -10.37 -33.72 -55.56
N LYS C 298 -9.92 -32.55 -56.05
CA LYS C 298 -8.87 -32.51 -57.08
C LYS C 298 -7.60 -33.19 -56.57
N LEU C 299 -7.27 -32.92 -55.31
CA LEU C 299 -6.14 -33.56 -54.66
C LEU C 299 -6.45 -35.03 -54.50
N HIS C 300 -7.68 -35.35 -54.14
CA HIS C 300 -8.06 -36.76 -54.02
C HIS C 300 -7.90 -37.51 -55.33
N LYS C 301 -8.51 -37.02 -56.41
CA LYS C 301 -8.40 -37.66 -57.73
C LYS C 301 -6.94 -37.92 -58.13
N GLU C 302 -6.05 -36.98 -57.82
CA GLU C 302 -4.63 -37.19 -58.02
C GLU C 302 -4.12 -38.34 -57.17
N ILE C 303 -4.40 -38.31 -55.86
CA ILE C 303 -3.78 -39.28 -54.94
C ILE C 303 -4.49 -40.61 -54.75
N ASP C 304 -5.73 -40.73 -55.21
CA ASP C 304 -6.50 -41.96 -54.99
C ASP C 304 -5.89 -43.14 -55.77
N GLU C 305 -5.32 -42.86 -56.94
CA GLU C 305 -4.70 -43.88 -57.77
C GLU C 305 -3.53 -44.57 -57.08
N PHE C 306 -2.78 -43.79 -56.31
CA PHE C 306 -1.50 -44.23 -55.74
C PHE C 306 -1.55 -45.58 -55.02
N PRO C 307 -0.47 -46.37 -55.15
CA PRO C 307 -0.36 -47.58 -54.32
C PRO C 307 -0.25 -47.23 -52.84
N ALA C 308 -0.65 -48.14 -51.98
CA ALA C 308 -0.48 -47.99 -50.53
C ALA C 308 0.98 -47.72 -50.16
N GLN C 309 1.89 -48.11 -51.05
CA GLN C 309 3.34 -47.90 -50.88
C GLN C 309 3.90 -47.00 -51.99
N LEU C 310 4.25 -45.77 -51.64
CA LEU C 310 4.73 -44.81 -52.63
C LEU C 310 6.21 -44.99 -52.93
N ASN C 311 6.60 -44.46 -54.09
CA ASN C 311 7.98 -44.40 -54.50
C ASN C 311 8.38 -42.97 -54.90
N TYR C 312 9.68 -42.71 -54.88
CA TYR C 312 10.27 -41.46 -55.36
C TYR C 312 9.51 -40.93 -56.59
N ASP C 313 9.44 -41.75 -57.63
CA ASP C 313 8.83 -41.36 -58.91
C ASP C 313 7.42 -40.78 -58.74
N ASN C 314 6.63 -41.42 -57.86
CA ASN C 314 5.26 -40.98 -57.56
C ASN C 314 5.22 -39.58 -57.00
N VAL C 315 5.80 -39.42 -55.82
CA VAL C 315 5.89 -38.11 -55.20
C VAL C 315 6.59 -37.12 -56.12
N MET C 316 7.67 -37.54 -56.75
CA MET C 316 8.49 -36.59 -57.51
C MET C 316 7.84 -36.11 -58.80
N ASP C 317 7.18 -37.01 -59.53
CA ASP C 317 6.65 -36.68 -60.86
C ASP C 317 5.10 -36.67 -60.92
N GLU C 318 4.47 -37.66 -60.30
CA GLU C 318 3.02 -37.83 -60.41
C GLU C 318 2.19 -37.04 -59.36
N MET C 319 2.70 -35.89 -58.91
CA MET C 319 1.97 -35.07 -57.94
C MET C 319 2.04 -33.55 -58.17
N PRO C 320 1.87 -33.12 -59.43
CA PRO C 320 2.02 -31.70 -59.81
C PRO C 320 1.05 -30.74 -59.14
N PHE C 321 -0.11 -31.24 -58.70
CA PHE C 321 -1.12 -30.40 -58.04
C PHE C 321 -0.86 -30.33 -56.55
N ALA C 322 -0.58 -31.48 -55.93
CA ALA C 322 -0.24 -31.50 -54.51
C ALA C 322 0.78 -30.41 -54.27
N GLU C 323 1.79 -30.42 -55.13
CA GLU C 323 2.84 -29.42 -55.09
C GLU C 323 2.32 -28.00 -55.27
N ARG C 324 1.35 -27.81 -56.16
CA ARG C 324 0.79 -26.48 -56.41
C ARG C 324 0.11 -25.90 -55.18
N CYS C 325 -0.49 -26.79 -54.37
CA CYS C 325 -1.14 -26.46 -53.08
C CYS C 325 -0.09 -26.13 -52.00
N VAL C 326 0.96 -26.95 -51.92
CA VAL C 326 2.07 -26.70 -50.98
C VAL C 326 2.81 -25.42 -51.36
N ARG C 327 3.08 -25.24 -52.65
CA ARG C 327 3.69 -23.99 -53.12
C ARG C 327 2.72 -22.80 -52.88
N GLU C 328 1.41 -23.04 -53.01
CA GLU C 328 0.45 -21.96 -52.83
C GLU C 328 0.32 -21.62 -51.32
N SER C 329 0.42 -22.64 -50.46
CA SER C 329 0.43 -22.39 -49.02
C SER C 329 1.59 -21.47 -48.62
N ILE C 330 2.76 -21.77 -49.18
CA ILE C 330 3.96 -20.97 -48.96
C ILE C 330 3.85 -19.62 -49.66
N ARG C 331 3.17 -19.56 -50.80
CA ARG C 331 2.90 -18.27 -51.45
C ARG C 331 1.97 -17.40 -50.63
N ARG C 332 0.93 -18.01 -50.07
CA ARG C 332 -0.14 -17.24 -49.42
C ARG C 332 0.36 -16.65 -48.12
N ASP C 333 0.93 -17.54 -47.29
CA ASP C 333 1.57 -17.19 -46.04
C ASP C 333 2.99 -17.81 -45.93
N PRO C 334 4.04 -17.02 -46.25
CA PRO C 334 5.41 -17.53 -46.20
C PRO C 334 5.88 -17.64 -44.76
N PRO C 335 6.49 -18.78 -44.38
CA PRO C 335 6.95 -18.84 -43.00
C PRO C 335 8.16 -17.94 -42.67
N LEU C 336 9.02 -17.67 -43.64
CA LEU C 336 10.08 -16.69 -43.42
C LEU C 336 9.63 -15.39 -44.06
N LEU C 337 9.09 -14.49 -43.26
CA LEU C 337 8.36 -13.31 -43.74
C LEU C 337 9.25 -12.39 -44.51
N MET C 338 10.55 -12.53 -44.27
CA MET C 338 11.48 -11.53 -44.68
C MET C 338 12.88 -12.09 -44.73
N VAL C 339 13.71 -11.58 -45.63
CA VAL C 339 15.13 -11.91 -45.63
C VAL C 339 15.97 -10.64 -45.78
N MET C 340 17.14 -10.67 -45.12
CA MET C 340 17.92 -9.49 -44.82
C MET C 340 19.32 -9.61 -45.40
N ARG C 341 19.91 -8.45 -45.70
CA ARG C 341 21.34 -8.35 -46.03
C ARG C 341 21.94 -7.05 -45.51
N MET C 342 23.25 -7.05 -45.28
CA MET C 342 23.94 -5.83 -44.84
C MET C 342 24.58 -5.15 -46.05
N VAL C 343 24.40 -3.83 -46.16
CA VAL C 343 24.88 -3.10 -47.31
C VAL C 343 26.36 -2.73 -47.10
N LYS C 344 27.24 -3.47 -47.76
CA LYS C 344 28.68 -3.22 -47.66
C LYS C 344 29.11 -2.19 -48.68
N ALA C 345 28.87 -2.44 -49.97
CA ALA C 345 29.04 -1.37 -50.96
C ALA C 345 27.66 -0.86 -51.41
N GLU C 346 27.56 0.44 -51.68
CA GLU C 346 26.26 1.01 -52.00
C GLU C 346 25.73 0.53 -53.34
N VAL C 347 24.51 -0.01 -53.29
CA VAL C 347 23.88 -0.65 -54.44
C VAL C 347 22.77 0.21 -55.02
N LYS C 348 22.19 -0.28 -56.10
CA LYS C 348 21.16 0.40 -56.84
C LYS C 348 19.92 -0.52 -56.89
N VAL C 349 18.74 0.07 -56.71
CA VAL C 349 17.44 -0.63 -56.79
C VAL C 349 16.41 0.25 -57.49
N GLY C 350 15.73 -0.31 -58.48
CA GLY C 350 14.79 0.46 -59.30
C GLY C 350 15.40 1.79 -59.68
N SER C 351 14.71 2.87 -59.31
CA SER C 351 15.20 4.21 -59.57
C SER C 351 16.10 4.73 -58.45
N TYR C 352 16.27 3.95 -57.38
CA TYR C 352 16.98 4.42 -56.19
C TYR C 352 18.33 3.74 -55.94
N VAL C 353 19.07 4.32 -55.00
CA VAL C 353 20.36 3.82 -54.56
C VAL C 353 20.20 3.55 -53.07
N VAL C 354 20.79 2.46 -52.59
CA VAL C 354 20.74 2.14 -51.17
C VAL C 354 22.13 2.33 -50.60
N PRO C 355 22.26 3.20 -49.56
CA PRO C 355 23.59 3.41 -49.01
C PRO C 355 24.05 2.25 -48.11
N LYS C 356 25.30 1.87 -48.32
CA LYS C 356 26.06 1.10 -47.37
C LYS C 356 25.68 1.56 -45.98
N GLY C 357 25.45 0.62 -45.08
CA GLY C 357 25.01 0.94 -43.72
C GLY C 357 23.61 0.44 -43.45
N ASP C 358 22.72 0.55 -44.44
CA ASP C 358 21.37 0.04 -44.25
C ASP C 358 21.38 -1.47 -44.04
N ILE C 359 20.30 -1.97 -43.48
CA ILE C 359 19.94 -3.37 -43.67
C ILE C 359 19.07 -3.25 -44.88
N ILE C 360 19.06 -4.27 -45.70
CA ILE C 360 18.19 -4.28 -46.85
C ILE C 360 17.46 -5.61 -46.87
N ALA C 361 16.16 -5.54 -47.12
CA ALA C 361 15.30 -6.68 -46.98
C ALA C 361 14.28 -6.78 -48.10
N CYS C 362 13.82 -8.01 -48.31
CA CYS C 362 13.00 -8.34 -49.45
C CYS C 362 12.02 -9.35 -48.90
N SER C 363 10.73 -9.06 -48.94
CA SER C 363 9.79 -9.83 -48.16
C SER C 363 9.00 -10.82 -48.98
N PRO C 364 9.21 -12.12 -48.75
CA PRO C 364 8.27 -13.04 -49.34
C PRO C 364 6.82 -12.67 -49.06
N LEU C 365 6.55 -11.91 -47.99
CA LEU C 365 5.19 -11.57 -47.62
C LEU C 365 4.71 -10.42 -48.49
N LEU C 366 5.31 -9.24 -48.33
CA LEU C 366 4.85 -8.05 -49.07
C LEU C 366 4.78 -8.28 -50.60
N SER C 367 5.68 -9.12 -51.10
CA SER C 367 5.75 -9.48 -52.53
C SER C 367 4.70 -10.53 -52.92
N HIS C 368 4.40 -11.47 -52.02
CA HIS C 368 3.31 -12.40 -52.32
C HIS C 368 1.92 -11.76 -52.21
N HIS C 369 1.88 -10.49 -51.82
CA HIS C 369 0.62 -9.73 -51.72
C HIS C 369 0.65 -8.46 -52.56
N ASP C 370 1.57 -8.46 -53.53
CA ASP C 370 1.58 -7.49 -54.60
C ASP C 370 0.41 -7.79 -55.52
N GLU C 371 -0.43 -6.79 -55.75
CA GLU C 371 -1.67 -6.98 -56.51
C GLU C 371 -1.42 -7.43 -57.98
N GLU C 372 -0.44 -6.82 -58.66
CA GLU C 372 -0.08 -7.20 -60.05
C GLU C 372 0.48 -8.62 -60.14
N ALA C 373 1.24 -9.05 -59.15
CA ALA C 373 1.93 -10.32 -59.24
C ALA C 373 1.02 -11.41 -58.75
N PHE C 374 0.22 -11.04 -57.75
CA PHE C 374 -0.76 -11.90 -57.17
C PHE C 374 -2.04 -11.12 -56.85
N PRO C 375 -3.04 -11.14 -57.79
CA PRO C 375 -4.32 -10.47 -57.55
C PRO C 375 -5.29 -11.26 -56.65
N ASN C 376 -5.84 -10.58 -55.65
CA ASN C 376 -6.54 -11.24 -54.56
C ASN C 376 -5.57 -12.20 -53.87
N PRO C 377 -4.47 -11.63 -53.34
CA PRO C 377 -3.43 -12.43 -52.73
C PRO C 377 -3.94 -13.29 -51.57
N ARG C 378 -4.92 -12.78 -50.81
CA ARG C 378 -5.48 -13.50 -49.67
C ARG C 378 -6.21 -14.77 -50.10
N LEU C 379 -6.76 -14.75 -51.30
CA LEU C 379 -7.41 -15.94 -51.82
C LEU C 379 -6.38 -17.02 -52.11
N TRP C 380 -6.50 -18.15 -51.41
CA TRP C 380 -5.76 -19.35 -51.78
C TRP C 380 -6.22 -19.73 -53.16
N ASP C 381 -5.31 -20.27 -53.98
CA ASP C 381 -5.65 -20.70 -55.36
C ASP C 381 -4.54 -21.58 -55.96
N PRO C 382 -4.49 -22.88 -55.62
CA PRO C 382 -3.42 -23.73 -56.12
C PRO C 382 -3.16 -23.56 -57.61
N GLU C 383 -4.13 -22.96 -58.30
CA GLU C 383 -4.17 -22.87 -59.75
C GLU C 383 -3.61 -21.55 -60.30
N ARG C 384 -3.36 -20.57 -59.44
CA ARG C 384 -2.81 -19.30 -59.92
C ARG C 384 -1.36 -19.48 -60.27
N ASP C 385 -0.84 -18.52 -61.02
CA ASP C 385 0.57 -18.43 -61.30
C ASP C 385 1.05 -17.00 -61.18
N GLU C 386 2.37 -16.84 -61.04
CA GLU C 386 2.95 -15.51 -60.84
C GLU C 386 2.77 -14.65 -62.09
N LYS C 387 1.94 -13.62 -61.97
CA LYS C 387 1.71 -12.65 -63.06
C LYS C 387 2.91 -11.71 -63.23
N VAL C 388 3.93 -11.87 -62.39
CA VAL C 388 5.22 -11.21 -62.52
C VAL C 388 6.32 -12.24 -62.23
N ASP C 389 7.31 -12.32 -63.10
CA ASP C 389 8.29 -13.38 -63.00
C ASP C 389 9.37 -13.15 -61.97
N GLY C 390 9.83 -14.26 -61.39
CA GLY C 390 10.71 -14.22 -60.23
C GLY C 390 10.08 -13.63 -58.97
N ALA C 391 8.77 -13.84 -58.82
CA ALA C 391 7.99 -13.14 -57.78
C ALA C 391 7.72 -13.96 -56.54
N PHE C 392 7.48 -15.24 -56.71
CA PHE C 392 7.36 -16.12 -55.57
C PHE C 392 8.77 -16.33 -54.98
N ILE C 393 9.08 -15.66 -53.88
CA ILE C 393 10.39 -15.79 -53.29
C ILE C 393 10.32 -16.59 -51.99
N GLY C 394 9.62 -17.73 -52.07
CA GLY C 394 9.26 -18.49 -50.90
C GLY C 394 10.49 -19.19 -50.38
N PHE C 395 11.22 -19.83 -51.29
CA PHE C 395 12.46 -20.52 -50.93
C PHE C 395 13.66 -19.66 -51.26
N GLY C 396 13.43 -18.35 -51.26
CA GLY C 396 14.47 -17.40 -51.52
C GLY C 396 14.87 -17.41 -52.97
N ALA C 397 15.61 -16.39 -53.36
CA ALA C 397 16.19 -16.34 -54.69
C ALA C 397 17.71 -16.19 -54.64
N GLY C 398 18.36 -16.58 -55.72
CA GLY C 398 19.75 -16.20 -56.03
C GLY C 398 20.91 -17.07 -55.58
N VAL C 399 21.97 -16.40 -55.14
CA VAL C 399 23.14 -17.07 -54.60
C VAL C 399 22.68 -17.94 -53.44
N HIS C 400 21.73 -17.39 -52.67
CA HIS C 400 21.27 -17.98 -51.41
C HIS C 400 19.90 -18.63 -51.52
N LYS C 401 19.55 -19.14 -52.70
CA LYS C 401 18.32 -19.91 -52.83
C LYS C 401 18.35 -21.12 -51.90
N CYS C 402 17.17 -21.55 -51.45
CA CYS C 402 17.10 -22.56 -50.38
C CYS C 402 17.58 -23.91 -50.85
N ILE C 403 18.60 -24.44 -50.20
CA ILE C 403 19.14 -25.74 -50.56
C ILE C 403 18.35 -26.89 -49.92
N GLY C 404 17.41 -26.55 -49.04
CA GLY C 404 16.48 -27.54 -48.44
C GLY C 404 15.20 -27.79 -49.22
N GLN C 405 14.95 -26.95 -50.20
CA GLN C 405 13.69 -26.91 -50.92
C GLN C 405 13.20 -28.24 -51.41
N LYS C 406 14.05 -29.01 -52.08
CA LYS C 406 13.58 -30.29 -52.62
C LYS C 406 13.17 -31.21 -51.50
N PHE C 407 13.99 -31.28 -50.46
CA PHE C 407 13.69 -32.19 -49.38
C PHE C 407 12.41 -31.81 -48.65
N ALA C 408 12.26 -30.52 -48.37
CA ALA C 408 11.02 -30.05 -47.78
C ALA C 408 9.82 -30.55 -48.60
N LEU C 409 9.76 -30.13 -49.85
CA LEU C 409 8.63 -30.47 -50.73
C LEU C 409 8.30 -31.94 -50.72
N LEU C 410 9.32 -32.79 -50.75
CA LEU C 410 9.12 -34.25 -50.70
C LEU C 410 8.33 -34.60 -49.43
N GLN C 411 8.89 -34.19 -48.30
CA GLN C 411 8.30 -34.43 -47.01
C GLN C 411 6.82 -34.06 -47.09
N VAL C 412 6.57 -32.76 -47.18
CA VAL C 412 5.21 -32.19 -47.09
C VAL C 412 4.26 -32.94 -48.03
N LYS C 413 4.69 -33.18 -49.26
CA LYS C 413 3.90 -33.98 -50.20
C LYS C 413 3.64 -35.39 -49.70
N THR C 414 4.69 -36.08 -49.24
CA THR C 414 4.51 -37.44 -48.77
C THR C 414 3.57 -37.45 -47.57
N ILE C 415 3.65 -36.43 -46.72
CA ILE C 415 2.73 -36.30 -45.58
C ILE C 415 1.31 -35.98 -46.04
N LEU C 416 1.15 -34.94 -46.86
CA LEU C 416 -0.15 -34.60 -47.45
C LEU C 416 -0.85 -35.86 -47.95
N ALA C 417 -0.18 -36.56 -48.87
CA ALA C 417 -0.66 -37.84 -49.42
C ALA C 417 -1.12 -38.85 -48.37
N THR C 418 -0.25 -39.24 -47.43
CA THR C 418 -0.67 -40.22 -46.41
C THR C 418 -1.92 -39.75 -45.66
N ALA C 419 -1.78 -38.66 -44.93
CA ALA C 419 -2.85 -38.09 -44.11
C ALA C 419 -4.23 -38.20 -44.75
N PHE C 420 -4.37 -37.69 -45.97
CA PHE C 420 -5.66 -37.67 -46.65
C PHE C 420 -6.13 -39.03 -47.18
N ARG C 421 -5.22 -39.99 -47.37
CA ARG C 421 -5.65 -41.36 -47.68
C ARG C 421 -6.46 -41.96 -46.52
N GLU C 422 -5.89 -41.92 -45.32
CA GLU C 422 -6.43 -42.67 -44.19
C GLU C 422 -7.51 -41.93 -43.40
N TYR C 423 -7.64 -40.63 -43.60
CA TYR C 423 -8.47 -39.79 -42.71
C TYR C 423 -9.28 -38.70 -43.45
N ASP C 424 -9.99 -37.90 -42.68
CA ASP C 424 -10.56 -36.65 -43.18
C ASP C 424 -10.67 -35.62 -42.06
N PHE C 425 -10.58 -34.35 -42.43
CA PHE C 425 -10.37 -33.31 -41.44
C PHE C 425 -11.42 -32.20 -41.54
N GLN C 426 -12.03 -31.90 -40.40
CA GLN C 426 -12.91 -30.76 -40.28
C GLN C 426 -12.30 -29.80 -39.30
N LEU C 427 -12.09 -28.59 -39.76
CA LEU C 427 -11.46 -27.59 -38.93
C LEU C 427 -12.52 -26.99 -38.07
N LEU C 428 -12.34 -27.12 -36.77
CA LEU C 428 -13.33 -26.67 -35.86
C LEU C 428 -13.17 -25.19 -35.91
N ARG C 429 -13.45 -24.62 -37.08
CA ARG C 429 -13.43 -23.19 -37.24
C ARG C 429 -14.17 -22.79 -38.51
N ASP C 430 -14.66 -21.56 -38.53
CA ASP C 430 -15.34 -21.00 -39.70
C ASP C 430 -14.39 -20.81 -40.86
N GLU C 431 -13.19 -20.36 -40.53
CA GLU C 431 -12.25 -19.86 -41.51
C GLU C 431 -10.93 -20.53 -41.32
N VAL C 432 -10.05 -20.34 -42.28
CA VAL C 432 -8.71 -20.90 -42.16
C VAL C 432 -7.99 -20.04 -41.10
N PRO C 433 -7.14 -20.67 -40.25
CA PRO C 433 -6.60 -19.91 -39.11
C PRO C 433 -5.88 -18.61 -39.49
N ASP C 434 -5.88 -17.67 -38.55
CA ASP C 434 -5.22 -16.37 -38.69
C ASP C 434 -3.70 -16.54 -38.55
N PRO C 435 -2.92 -15.90 -39.45
CA PRO C 435 -1.47 -15.85 -39.25
C PRO C 435 -1.07 -15.38 -37.85
N ASP C 436 -0.11 -16.07 -37.24
CA ASP C 436 0.44 -15.68 -35.95
C ASP C 436 1.80 -15.00 -36.19
N TYR C 437 1.76 -13.68 -36.34
CA TYR C 437 2.97 -12.93 -36.68
C TYR C 437 3.91 -12.69 -35.48
N HIS C 438 3.47 -13.03 -34.26
CA HIS C 438 4.30 -12.89 -33.05
C HIS C 438 5.67 -13.56 -33.23
N THR C 439 5.65 -14.87 -33.47
CA THR C 439 6.85 -15.72 -33.51
C THR C 439 7.71 -15.50 -34.76
N MET C 440 8.97 -15.94 -34.73
CA MET C 440 9.92 -15.54 -35.79
C MET C 440 9.85 -16.35 -37.09
N VAL C 441 9.64 -17.67 -37.00
CA VAL C 441 9.08 -18.43 -38.13
C VAL C 441 7.58 -18.46 -37.90
N VAL C 442 6.84 -18.10 -38.94
CA VAL C 442 5.44 -17.71 -38.82
C VAL C 442 4.50 -18.73 -39.44
N GLY C 443 3.35 -18.91 -38.82
CA GLY C 443 2.43 -19.91 -39.25
C GLY C 443 1.07 -19.72 -38.63
N PRO C 444 0.24 -20.76 -38.73
CA PRO C 444 -1.14 -20.66 -38.28
C PRO C 444 -1.21 -20.52 -36.77
N THR C 445 -2.23 -19.84 -36.25
CA THR C 445 -2.30 -19.50 -34.82
C THR C 445 -2.57 -20.78 -34.03
N LEU C 446 -1.59 -21.19 -33.22
CA LEU C 446 -1.61 -22.48 -32.51
C LEU C 446 -2.98 -22.91 -32.00
N ASN C 447 -3.53 -22.12 -31.08
CA ASN C 447 -4.75 -22.52 -30.38
C ASN C 447 -5.88 -22.63 -31.40
N GLN C 448 -5.77 -21.86 -32.47
CA GLN C 448 -6.73 -21.93 -33.56
C GLN C 448 -6.68 -23.20 -34.42
N CYS C 449 -5.53 -23.82 -34.61
CA CYS C 449 -5.45 -24.95 -35.55
C CYS C 449 -5.98 -26.21 -34.91
N LEU C 450 -7.23 -26.16 -34.50
CA LEU C 450 -7.83 -27.27 -33.81
C LEU C 450 -8.71 -28.01 -34.79
N VAL C 451 -8.47 -29.29 -34.97
CA VAL C 451 -9.07 -29.99 -36.09
C VAL C 451 -9.66 -31.30 -35.68
N LYS C 452 -10.90 -31.56 -36.09
CA LYS C 452 -11.50 -32.87 -35.90
C LYS C 452 -11.11 -33.83 -37.04
N TYR C 453 -10.36 -34.88 -36.71
CA TYR C 453 -10.04 -35.93 -37.68
C TYR C 453 -11.12 -37.01 -37.66
N THR C 454 -11.39 -37.61 -38.82
CA THR C 454 -12.34 -38.72 -38.93
C THR C 454 -11.68 -39.82 -39.75
N ARG C 455 -11.45 -40.98 -39.14
CA ARG C 455 -10.84 -42.12 -39.85
C ARG C 455 -11.75 -42.54 -40.99
N LYS C 456 -11.15 -42.96 -42.12
CA LYS C 456 -11.93 -43.37 -43.30
C LYS C 456 -12.30 -44.86 -43.32
N LYS C 457 -11.40 -45.70 -42.79
CA LYS C 457 -11.58 -47.18 -42.79
C LYS C 457 -12.90 -47.64 -42.14
N LYS D 10 -12.88 -8.72 56.11
CA LYS D 10 -12.45 -7.38 56.50
C LYS D 10 -12.97 -6.37 55.50
N LEU D 11 -14.01 -6.76 54.78
CA LEU D 11 -14.44 -6.05 53.62
C LEU D 11 -15.73 -5.36 53.89
N PRO D 12 -15.88 -4.13 53.47
CA PRO D 12 -17.17 -3.52 53.77
C PRO D 12 -18.24 -4.34 53.11
N PRO D 13 -19.48 -4.27 53.76
CA PRO D 13 -20.47 -5.20 53.23
C PRO D 13 -21.04 -4.69 51.94
N VAL D 14 -21.61 -5.59 51.16
CA VAL D 14 -22.13 -5.29 49.84
C VAL D 14 -23.62 -4.98 49.95
N TYR D 15 -24.06 -3.84 49.44
CA TYR D 15 -25.49 -3.63 49.32
C TYR D 15 -25.93 -4.41 48.09
N PRO D 16 -26.82 -5.40 48.28
CA PRO D 16 -27.18 -6.40 47.27
C PRO D 16 -27.68 -5.84 45.95
N VAL D 17 -27.69 -6.69 44.93
CA VAL D 17 -27.70 -6.26 43.53
C VAL D 17 -28.89 -6.77 42.71
N THR D 18 -29.87 -5.90 42.51
CA THR D 18 -31.05 -6.19 41.72
C THR D 18 -30.71 -6.51 40.27
N VAL D 19 -29.91 -5.67 39.64
CA VAL D 19 -29.66 -5.77 38.20
C VAL D 19 -28.17 -5.90 37.92
N PRO D 20 -27.70 -7.07 37.39
CA PRO D 20 -26.25 -7.18 37.31
C PRO D 20 -25.55 -6.19 36.37
N PHE D 21 -26.16 -5.87 35.23
CA PHE D 21 -25.49 -5.07 34.21
C PHE D 21 -25.06 -3.67 34.68
N LEU D 22 -25.97 -2.94 35.34
CA LEU D 22 -25.63 -1.56 35.70
C LEU D 22 -25.88 -1.16 37.17
N GLY D 23 -26.01 -2.15 38.05
CA GLY D 23 -25.98 -1.91 39.50
C GLY D 23 -26.97 -0.91 40.06
N HIS D 24 -26.49 0.00 40.91
CA HIS D 24 -27.40 0.84 41.66
C HIS D 24 -27.55 2.23 41.03
N ILE D 25 -26.91 2.43 39.89
CA ILE D 25 -26.91 3.76 39.29
C ILE D 25 -28.32 4.29 39.06
N VAL D 26 -29.27 3.38 38.84
CA VAL D 26 -30.67 3.75 38.64
C VAL D 26 -31.20 4.50 39.87
N GLN D 27 -31.22 3.81 41.02
CA GLN D 27 -31.78 4.37 42.26
C GLN D 27 -30.93 5.52 42.76
N PHE D 28 -29.65 5.24 42.96
CA PHE D 28 -28.71 6.28 43.36
C PHE D 28 -28.89 7.54 42.51
N GLY D 29 -29.01 7.35 41.21
CA GLY D 29 -29.15 8.48 40.32
C GLY D 29 -30.31 9.35 40.73
N LYS D 30 -31.48 8.72 40.88
CA LYS D 30 -32.75 9.44 40.98
C LYS D 30 -32.96 10.08 42.36
N ASN D 31 -32.77 9.31 43.42
CA ASN D 31 -32.62 9.91 44.74
C ASN D 31 -31.47 9.31 45.53
N PRO D 32 -30.32 10.03 45.59
CA PRO D 32 -29.08 9.52 46.19
C PRO D 32 -29.17 9.38 47.70
N LEU D 33 -29.48 10.48 48.39
CA LEU D 33 -29.60 10.52 49.84
C LEU D 33 -30.40 9.34 50.36
N GLU D 34 -31.65 9.23 49.94
CA GLU D 34 -32.58 8.24 50.48
C GLU D 34 -32.01 6.86 50.27
N PHE D 35 -31.29 6.68 49.18
CA PHE D 35 -30.69 5.39 48.82
C PHE D 35 -29.53 5.05 49.74
N MET D 36 -28.65 6.02 49.94
CA MET D 36 -27.45 5.81 50.72
C MET D 36 -27.86 5.54 52.17
N GLN D 37 -28.76 6.39 52.67
CA GLN D 37 -29.39 6.16 53.98
C GLN D 37 -29.98 4.74 54.13
N ARG D 38 -30.67 4.27 53.10
CA ARG D 38 -31.30 2.95 53.09
C ARG D 38 -30.23 1.86 53.20
N CYS D 39 -29.27 1.92 52.29
CA CYS D 39 -28.06 1.12 52.39
C CYS D 39 -27.54 1.14 53.81
N LYS D 40 -27.28 2.34 54.32
CA LYS D 40 -26.67 2.55 55.63
C LYS D 40 -27.43 1.88 56.76
N ARG D 41 -28.75 1.91 56.64
CA ARG D 41 -29.65 1.34 57.62
C ARG D 41 -29.73 -0.18 57.43
N ASP D 42 -30.24 -0.62 56.29
CA ASP D 42 -30.39 -2.04 56.00
C ASP D 42 -29.08 -2.82 56.17
N LEU D 43 -27.95 -2.10 56.13
CA LEU D 43 -26.64 -2.73 56.29
C LEU D 43 -26.03 -2.48 57.65
N LYS D 44 -26.65 -1.60 58.43
CA LYS D 44 -26.19 -1.29 59.79
C LYS D 44 -24.71 -0.98 59.80
N SER D 45 -24.33 -0.08 58.89
CA SER D 45 -22.96 0.42 58.78
C SER D 45 -22.90 1.79 58.10
N GLY D 46 -21.92 2.58 58.51
CA GLY D 46 -21.56 3.77 57.77
C GLY D 46 -20.86 3.38 56.49
N VAL D 47 -19.86 2.52 56.63
CA VAL D 47 -19.07 2.12 55.49
C VAL D 47 -19.64 0.87 54.81
N PHE D 48 -20.09 1.07 53.58
CA PHE D 48 -20.73 0.03 52.80
C PHE D 48 -20.33 0.20 51.34
N THR D 49 -20.45 -0.88 50.57
CA THR D 49 -20.02 -0.87 49.17
C THR D 49 -21.20 -1.02 48.22
N ILE D 50 -21.15 -0.35 47.06
CA ILE D 50 -22.19 -0.49 46.06
C ILE D 50 -21.58 -0.75 44.69
N SER D 51 -22.41 -1.07 43.73
CA SER D 51 -21.94 -1.42 42.39
C SER D 51 -22.43 -0.50 41.28
N ILE D 52 -21.52 0.26 40.69
CA ILE D 52 -21.86 1.08 39.53
C ILE D 52 -21.12 0.60 38.30
N GLY D 53 -21.84 0.49 37.18
CA GLY D 53 -21.37 -0.31 36.07
C GLY D 53 -21.16 -1.66 36.70
N GLY D 54 -20.08 -2.32 36.34
CA GLY D 54 -19.60 -3.45 37.14
C GLY D 54 -18.97 -2.98 38.44
N GLN D 55 -18.41 -1.77 38.43
CA GLN D 55 -17.46 -1.29 39.46
C GLN D 55 -17.98 -1.19 40.89
N ARG D 56 -17.16 -1.69 41.81
CA ARG D 56 -17.39 -1.52 43.25
C ARG D 56 -17.16 -0.09 43.69
N VAL D 57 -17.98 0.41 44.61
CA VAL D 57 -17.86 1.78 45.10
C VAL D 57 -18.12 1.79 46.60
N THR D 58 -17.05 1.77 47.39
CA THR D 58 -17.17 1.82 48.82
C THR D 58 -17.38 3.23 49.30
N ILE D 59 -18.49 3.46 49.98
CA ILE D 59 -18.77 4.76 50.53
C ILE D 59 -18.49 4.77 52.03
N VAL D 60 -17.54 5.59 52.43
CA VAL D 60 -17.24 5.84 53.83
C VAL D 60 -18.28 6.82 54.37
N GLY D 61 -19.33 6.28 54.97
CA GLY D 61 -20.49 7.06 55.39
C GLY D 61 -20.68 7.10 56.90
N ASP D 62 -19.63 7.51 57.61
CA ASP D 62 -19.50 7.39 59.06
C ASP D 62 -18.56 8.50 59.46
N PRO D 63 -19.07 9.59 60.00
CA PRO D 63 -18.21 10.76 60.05
C PRO D 63 -16.97 10.53 60.88
N HIS D 64 -17.05 9.58 61.78
CA HIS D 64 -15.89 9.23 62.56
C HIS D 64 -14.68 8.83 61.69
N GLU D 65 -14.94 8.24 60.52
CA GLU D 65 -13.89 7.83 59.58
C GLU D 65 -13.54 8.80 58.45
N HIS D 66 -14.06 10.01 58.44
CA HIS D 66 -13.66 10.98 57.39
C HIS D 66 -12.13 11.17 57.22
N SER D 67 -11.37 11.12 58.32
CA SER D 67 -9.91 11.28 58.29
C SER D 67 -9.20 10.18 57.57
N ARG D 68 -9.85 9.04 57.48
CA ARG D 68 -9.24 7.92 56.84
C ARG D 68 -9.41 8.05 55.35
N PHE D 69 -10.49 8.67 54.90
CA PHE D 69 -10.58 9.02 53.48
C PHE D 69 -9.81 10.32 53.08
N PHE D 70 -9.79 11.36 53.91
CA PHE D 70 -9.16 12.64 53.51
C PHE D 70 -7.67 12.80 53.76
N SER D 71 -7.06 11.86 54.50
CA SER D 71 -5.66 12.07 54.89
C SER D 71 -4.60 11.33 54.06
N PRO D 72 -4.95 10.18 53.42
CA PRO D 72 -3.87 9.53 52.67
C PRO D 72 -3.43 10.39 51.52
N ARG D 73 -2.21 10.17 51.04
CA ARG D 73 -1.66 11.03 50.01
C ARG D 73 -2.15 10.52 48.66
N ASN D 74 -2.01 11.36 47.64
CA ASN D 74 -2.58 11.07 46.33
C ASN D 74 -2.10 9.76 45.79
N GLU D 75 -0.83 9.50 46.06
CA GLU D 75 -0.17 8.33 45.54
C GLU D 75 -0.74 7.06 46.18
N ILE D 76 -1.71 7.24 47.10
CA ILE D 76 -2.40 6.13 47.77
C ILE D 76 -3.89 6.11 47.42
N LEU D 77 -4.60 7.18 47.75
CA LEU D 77 -5.97 7.32 47.30
C LEU D 77 -5.96 8.40 46.26
N SER D 78 -6.15 8.00 45.00
CA SER D 78 -5.85 8.88 43.88
C SER D 78 -7.03 9.62 43.28
N PRO D 79 -6.99 10.97 43.28
CA PRO D 79 -8.03 11.78 42.68
C PRO D 79 -8.08 11.79 41.17
N ARG D 80 -6.97 11.58 40.46
CA ARG D 80 -6.98 11.85 38.99
C ARG D 80 -7.80 10.87 38.23
N GLU D 81 -7.72 9.60 38.61
CA GLU D 81 -8.30 8.52 37.81
C GLU D 81 -9.82 8.62 37.69
N VAL D 82 -10.45 9.62 38.30
CA VAL D 82 -11.90 9.80 38.10
C VAL D 82 -12.29 11.19 37.64
N TYR D 83 -11.38 12.14 37.70
CA TYR D 83 -11.64 13.46 37.18
C TYR D 83 -11.09 13.56 35.76
N THR D 84 -10.90 12.41 35.08
CA THR D 84 -10.36 12.46 33.72
C THR D 84 -11.29 13.25 32.80
N ILE D 85 -12.57 13.29 33.13
CA ILE D 85 -13.57 14.00 32.34
C ILE D 85 -13.24 15.48 32.25
N MET D 86 -12.24 15.93 33.02
CA MET D 86 -11.85 17.34 33.05
C MET D 86 -10.64 17.67 32.17
N THR D 87 -9.89 16.65 31.75
CA THR D 87 -8.65 16.91 31.01
C THR D 87 -8.82 17.90 29.85
N PRO D 88 -9.88 17.79 29.04
CA PRO D 88 -10.11 18.78 27.98
C PRO D 88 -10.41 20.22 28.42
N VAL D 89 -10.72 20.42 29.69
CA VAL D 89 -11.29 21.68 30.16
C VAL D 89 -10.19 22.52 30.80
N PHE D 90 -9.37 21.90 31.64
CA PHE D 90 -8.21 22.56 32.23
C PHE D 90 -7.05 22.37 31.26
N GLY D 91 -7.00 21.19 30.65
CA GLY D 91 -6.10 20.95 29.53
C GLY D 91 -5.13 19.83 29.80
N GLU D 92 -4.49 19.35 28.75
CA GLU D 92 -3.59 18.22 28.89
C GLU D 92 -2.43 18.58 29.77
N GLY D 93 -2.03 17.65 30.63
CA GLY D 93 -0.95 17.87 31.57
C GLY D 93 -1.18 18.98 32.58
N VAL D 94 -2.41 19.46 32.70
CA VAL D 94 -2.73 20.51 33.63
C VAL D 94 -3.67 19.99 34.70
N ALA D 95 -3.45 20.42 35.94
CA ALA D 95 -4.19 19.88 37.08
C ALA D 95 -4.11 18.36 37.10
N TYR D 96 -5.25 17.70 37.19
CA TYR D 96 -5.30 16.24 37.34
C TYR D 96 -4.59 15.50 36.21
N ALA D 97 -4.48 16.18 35.07
CA ALA D 97 -3.75 15.68 33.94
C ALA D 97 -2.28 15.53 34.26
N ALA D 98 -1.78 16.42 35.11
CA ALA D 98 -0.36 16.45 35.44
C ALA D 98 0.02 15.43 36.49
N PRO D 99 1.34 15.17 36.70
CA PRO D 99 1.63 14.31 37.83
C PRO D 99 1.48 15.08 39.14
N TYR D 100 1.34 14.30 40.21
CA TYR D 100 0.85 14.78 41.49
C TYR D 100 1.71 15.85 42.08
N PRO D 101 3.06 15.73 42.01
CA PRO D 101 3.78 16.84 42.62
C PRO D 101 3.60 18.15 41.87
N ARG D 102 3.58 18.10 40.54
CA ARG D 102 3.29 19.30 39.73
C ARG D 102 1.85 19.78 39.89
N MET D 103 0.93 18.85 40.07
CA MET D 103 -0.45 19.21 40.30
C MET D 103 -0.45 20.09 41.54
N ARG D 104 0.29 19.62 42.52
CA ARG D 104 0.36 20.27 43.80
C ARG D 104 0.80 21.71 43.60
N GLU D 105 1.83 21.86 42.79
CA GLU D 105 2.47 23.13 42.64
C GLU D 105 1.46 24.12 42.11
N GLN D 106 0.73 23.67 41.11
CA GLN D 106 -0.20 24.54 40.40
C GLN D 106 -1.35 24.93 41.30
N LEU D 107 -1.85 23.96 42.06
CA LEU D 107 -2.93 24.28 42.95
C LEU D 107 -2.48 25.22 44.05
N ASN D 108 -1.25 25.09 44.52
CA ASN D 108 -0.75 26.01 45.49
C ASN D 108 -0.70 27.40 44.89
N PHE D 109 -0.35 27.46 43.61
CA PHE D 109 -0.30 28.73 42.92
C PHE D 109 -1.66 29.38 42.98
N LEU D 110 -2.68 28.57 42.73
CA LEU D 110 -4.04 29.08 42.78
C LEU D 110 -4.44 29.55 44.17
N ALA D 111 -4.12 28.77 45.17
CA ALA D 111 -4.51 29.11 46.51
C ALA D 111 -3.91 30.43 46.83
N GLU D 112 -2.62 30.54 46.56
CA GLU D 112 -1.89 31.76 46.82
C GLU D 112 -2.52 32.97 46.16
N GLU D 113 -3.45 32.74 45.24
CA GLU D 113 -4.12 33.83 44.54
C GLU D 113 -5.39 34.30 45.26
N LEU D 114 -6.15 33.32 45.78
CA LEU D 114 -7.43 33.54 46.50
C LEU D 114 -7.30 33.38 48.03
N THR D 115 -6.24 33.97 48.60
CA THR D 115 -6.05 33.98 50.07
C THR D 115 -6.44 35.34 50.62
N ILE D 116 -7.01 35.31 51.82
CA ILE D 116 -7.43 36.52 52.55
C ILE D 116 -6.48 37.72 52.48
N ALA D 117 -5.19 37.49 52.27
CA ALA D 117 -4.26 38.59 52.04
C ALA D 117 -4.73 39.53 50.89
N LYS D 118 -5.19 38.94 49.79
CA LYS D 118 -5.43 39.70 48.56
C LYS D 118 -6.83 40.27 48.42
N PHE D 119 -7.62 40.20 49.48
CA PHE D 119 -9.07 40.45 49.39
C PHE D 119 -9.44 41.90 49.59
N GLN D 120 -8.43 42.76 49.68
CA GLN D 120 -8.65 44.11 50.11
C GLN D 120 -9.71 44.82 49.28
N ASN D 121 -9.49 44.84 47.97
CA ASN D 121 -10.30 45.69 47.10
C ASN D 121 -11.63 45.08 46.74
N PHE D 122 -11.84 43.85 47.19
CA PHE D 122 -12.84 42.99 46.61
C PHE D 122 -14.28 43.34 46.99
N VAL D 123 -14.52 43.69 48.24
CA VAL D 123 -15.88 43.96 48.67
C VAL D 123 -16.49 45.14 47.91
N PRO D 124 -15.84 46.30 47.94
CA PRO D 124 -16.49 47.37 47.21
C PRO D 124 -16.71 46.88 45.79
N ALA D 125 -15.74 46.12 45.27
CA ALA D 125 -15.84 45.61 43.93
C ALA D 125 -17.13 44.83 43.81
N ILE D 126 -17.38 44.01 44.82
CA ILE D 126 -18.56 43.17 44.82
C ILE D 126 -19.82 44.02 44.91
N GLN D 127 -19.83 44.93 45.87
CA GLN D 127 -21.05 45.68 46.12
C GLN D 127 -21.47 46.41 44.88
N HIS D 128 -20.50 47.08 44.29
CA HIS D 128 -20.74 47.80 43.05
C HIS D 128 -21.51 46.92 42.08
N GLU D 129 -21.01 45.71 41.85
CA GLU D 129 -21.57 44.82 40.84
C GLU D 129 -23.00 44.40 41.19
N VAL D 130 -23.23 44.08 42.46
CA VAL D 130 -24.58 43.76 42.92
C VAL D 130 -25.48 44.99 42.77
N ARG D 131 -25.05 46.11 43.35
CA ARG D 131 -25.84 47.34 43.26
C ARG D 131 -26.03 47.67 41.79
N LYS D 132 -25.02 47.40 41.00
CA LYS D 132 -25.13 47.48 39.55
C LYS D 132 -26.23 46.54 39.04
N PHE D 133 -26.20 45.29 39.48
CA PHE D 133 -27.12 44.29 38.95
C PHE D 133 -28.58 44.57 39.31
N MET D 134 -28.82 45.01 40.53
CA MET D 134 -30.19 45.15 41.01
C MET D 134 -30.90 46.15 40.13
N ALA D 135 -30.21 47.26 39.87
CA ALA D 135 -30.77 48.33 39.07
C ALA D 135 -31.12 47.85 37.67
N GLU D 136 -30.26 47.03 37.08
CA GLU D 136 -30.54 46.56 35.73
C GLU D 136 -31.72 45.58 35.68
N ASN D 137 -32.04 44.92 36.79
CA ASN D 137 -33.18 44.00 36.80
C ASN D 137 -34.24 44.28 37.84
N TRP D 138 -33.84 44.57 39.08
CA TRP D 138 -34.84 44.81 40.14
C TRP D 138 -35.35 46.26 40.24
N LYS D 139 -36.03 46.71 39.19
CA LYS D 139 -36.42 48.12 39.02
C LYS D 139 -37.61 48.60 39.85
N GLU D 140 -38.66 47.80 39.89
CA GLU D 140 -39.95 48.23 40.40
C GLU D 140 -39.94 48.27 41.92
N ASP D 141 -40.91 48.98 42.51
CA ASP D 141 -41.11 48.88 43.95
C ASP D 141 -41.36 47.44 44.40
N GLU D 142 -41.74 46.57 43.46
CA GLU D 142 -41.78 45.12 43.69
C GLU D 142 -41.85 44.34 42.37
N GLY D 143 -41.55 43.03 42.42
CA GLY D 143 -41.55 42.21 41.20
C GLY D 143 -41.14 40.75 41.34
N VAL D 144 -41.09 40.08 40.18
CA VAL D 144 -40.96 38.61 40.08
C VAL D 144 -39.63 38.20 39.48
N ILE D 145 -38.95 37.27 40.15
CA ILE D 145 -37.66 36.74 39.70
C ILE D 145 -37.57 35.22 39.89
N ASN D 146 -36.66 34.60 39.14
CA ASN D 146 -36.13 33.29 39.48
C ASN D 146 -34.78 33.52 40.17
N LEU D 147 -34.65 32.99 41.38
CA LEU D 147 -33.49 33.30 42.22
C LEU D 147 -32.19 32.72 41.66
N LEU D 148 -32.24 31.43 41.35
CA LEU D 148 -31.06 30.70 40.92
C LEU D 148 -30.36 31.34 39.73
N GLU D 149 -31.14 31.77 38.76
CA GLU D 149 -30.60 32.40 37.56
C GLU D 149 -30.03 33.75 37.94
N ASP D 150 -30.66 34.40 38.91
CA ASP D 150 -30.22 35.72 39.36
C ASP D 150 -28.99 35.67 40.28
N CYS D 151 -28.89 34.68 41.15
CA CYS D 151 -27.66 34.51 41.90
C CYS D 151 -26.56 34.01 40.96
N GLY D 152 -26.93 33.12 40.04
CA GLY D 152 -26.05 32.69 38.96
C GLY D 152 -25.33 33.84 38.30
N ALA D 153 -26.06 34.90 37.99
CA ALA D 153 -25.47 36.04 37.32
C ALA D 153 -24.61 36.87 38.26
N MET D 154 -25.08 37.06 39.48
CA MET D 154 -24.34 37.84 40.47
C MET D 154 -23.00 37.20 40.83
N ILE D 155 -23.01 35.91 41.19
CA ILE D 155 -21.78 35.14 41.47
C ILE D 155 -20.74 35.31 40.33
N ILE D 156 -21.16 35.09 39.09
CA ILE D 156 -20.25 35.24 37.95
C ILE D 156 -19.87 36.70 37.67
N ASN D 157 -20.83 37.63 37.64
CA ASN D 157 -20.46 39.04 37.51
C ASN D 157 -19.40 39.46 38.52
N THR D 158 -19.68 39.20 39.80
CA THR D 158 -18.84 39.67 40.91
C THR D 158 -17.52 38.96 41.01
N ALA D 159 -17.43 37.73 40.51
CA ALA D 159 -16.16 37.07 40.51
C ALA D 159 -15.25 37.83 39.54
N CYS D 160 -15.69 37.98 38.30
CA CYS D 160 -14.87 38.67 37.29
C CYS D 160 -14.49 40.09 37.67
N GLN D 161 -15.19 40.71 38.61
CA GLN D 161 -14.83 42.04 39.04
C GLN D 161 -13.63 41.99 39.98
N CYS D 162 -13.75 41.25 41.09
CA CYS D 162 -12.62 41.01 41.97
C CYS D 162 -11.41 40.50 41.21
N LEU D 163 -11.63 39.47 40.41
CA LEU D 163 -10.56 38.61 39.97
C LEU D 163 -9.90 39.01 38.66
N PHE D 164 -10.62 39.65 37.74
CA PHE D 164 -9.96 40.22 36.56
C PHE D 164 -9.86 41.74 36.64
N GLY D 165 -8.74 42.27 36.14
CA GLY D 165 -8.52 43.70 36.10
C GLY D 165 -9.18 44.31 34.88
N GLU D 166 -9.33 45.65 34.91
CA GLU D 166 -10.10 46.41 33.91
C GLU D 166 -9.85 45.98 32.46
N ASP D 167 -8.59 45.98 32.03
CA ASP D 167 -8.24 45.64 30.64
C ASP D 167 -8.77 44.29 30.14
N LEU D 168 -8.71 43.28 31.00
CA LEU D 168 -9.26 41.97 30.67
C LEU D 168 -10.76 42.13 30.58
N ARG D 169 -11.37 42.78 31.58
CA ARG D 169 -12.82 42.92 31.58
C ARG D 169 -13.30 43.45 30.23
N LYS D 170 -12.70 44.54 29.75
CA LYS D 170 -13.03 45.07 28.40
C LYS D 170 -13.03 43.98 27.33
N ARG D 171 -11.92 43.26 27.21
CA ARG D 171 -11.79 42.21 26.19
C ARG D 171 -12.71 41.01 26.47
N LEU D 172 -13.14 40.84 27.71
CA LEU D 172 -14.01 39.72 28.08
C LEU D 172 -14.90 40.05 29.28
N ASN D 173 -16.19 40.27 29.03
CA ASN D 173 -17.10 40.62 30.11
C ASN D 173 -17.87 39.39 30.61
N ALA D 174 -18.23 39.45 31.89
CA ALA D 174 -18.92 38.36 32.60
C ALA D 174 -19.94 37.59 31.76
N ARG D 175 -20.83 38.33 31.09
CA ARG D 175 -21.89 37.69 30.30
C ARG D 175 -21.28 36.74 29.29
N HIS D 176 -20.24 37.21 28.60
CA HIS D 176 -19.61 36.41 27.57
C HIS D 176 -18.79 35.25 28.16
N PHE D 177 -18.07 35.53 29.26
CA PHE D 177 -17.21 34.53 29.88
C PHE D 177 -18.03 33.41 30.51
N ALA D 178 -19.21 33.75 31.02
CA ALA D 178 -20.12 32.76 31.59
C ALA D 178 -20.62 31.85 30.47
N GLN D 179 -20.59 32.39 29.25
CA GLN D 179 -20.91 31.63 28.05
C GLN D 179 -19.92 30.53 27.72
N LEU D 180 -18.64 30.87 27.76
CA LEU D 180 -17.59 29.95 27.42
C LEU D 180 -17.61 28.79 28.37
N LEU D 181 -17.78 29.09 29.63
CA LEU D 181 -17.76 28.08 30.64
C LEU D 181 -18.85 27.10 30.34
N SER D 182 -19.97 27.62 29.86
CA SER D 182 -21.16 26.83 29.64
C SER D 182 -20.94 25.73 28.63
N LYS D 183 -20.19 26.08 27.60
CA LYS D 183 -19.94 25.18 26.50
C LYS D 183 -19.08 24.00 26.91
N MET D 184 -18.05 24.31 27.69
CA MET D 184 -17.13 23.30 28.22
C MET D 184 -17.88 22.37 29.14
N GLU D 185 -18.72 23.00 29.94
CA GLU D 185 -19.47 22.28 30.90
C GLU D 185 -20.36 21.32 30.17
N SER D 186 -20.88 21.78 29.05
CA SER D 186 -21.71 21.00 28.17
C SER D 186 -20.97 19.79 27.66
N SER D 187 -19.70 19.97 27.39
CA SER D 187 -18.84 18.89 26.97
C SER D 187 -18.76 17.73 27.97
N LEU D 188 -18.88 17.99 29.26
CA LEU D 188 -18.79 16.87 30.26
C LEU D 188 -19.87 15.75 30.27
N ILE D 189 -19.45 14.48 30.45
CA ILE D 189 -20.38 13.35 30.65
C ILE D 189 -20.17 12.84 32.08
N PRO D 190 -21.20 12.97 32.93
CA PRO D 190 -21.10 12.58 34.35
C PRO D 190 -20.95 11.07 34.59
N ALA D 191 -21.53 10.25 33.73
CA ALA D 191 -21.39 8.80 33.83
C ALA D 191 -19.91 8.43 33.87
N ALA D 192 -19.11 9.33 33.31
CA ALA D 192 -17.67 9.10 33.11
C ALA D 192 -16.80 9.16 34.38
N VAL D 193 -17.39 9.58 35.49
CA VAL D 193 -16.73 9.58 36.78
C VAL D 193 -16.66 8.17 37.34
N PHE D 194 -17.73 7.40 37.18
CA PHE D 194 -17.79 6.03 37.66
C PHE D 194 -17.30 5.04 36.62
N MET D 195 -17.18 5.52 35.38
CA MET D 195 -16.79 4.71 34.25
C MET D 195 -15.97 5.58 33.30
N PRO D 196 -14.70 5.86 33.63
CA PRO D 196 -13.90 6.77 32.82
C PRO D 196 -13.33 6.12 31.58
N TRP D 197 -13.23 4.80 31.60
CA TRP D 197 -13.04 3.99 30.41
C TRP D 197 -13.95 4.39 29.23
N LEU D 198 -15.22 4.70 29.50
CA LEU D 198 -16.07 5.33 28.46
C LEU D 198 -15.36 6.38 27.59
N LEU D 199 -14.39 7.09 28.15
CA LEU D 199 -13.71 8.13 27.41
C LEU D 199 -12.59 7.56 26.54
N ARG D 200 -12.32 6.27 26.69
CA ARG D 200 -11.32 5.61 25.85
C ARG D 200 -11.90 5.36 24.45
N LEU D 201 -13.07 4.74 24.37
CA LEU D 201 -13.78 4.52 23.09
C LEU D 201 -14.19 5.86 22.44
N PRO D 202 -14.46 5.85 21.14
CA PRO D 202 -14.66 7.12 20.44
C PRO D 202 -15.93 7.79 20.85
N LEU D 203 -16.02 9.09 20.60
CA LEU D 203 -17.16 9.88 21.07
C LEU D 203 -17.59 10.91 20.07
N PRO D 204 -18.86 11.42 20.18
CA PRO D 204 -19.17 12.47 19.21
C PRO D 204 -18.28 13.68 19.42
N GLN D 205 -18.06 14.44 18.35
CA GLN D 205 -17.05 15.52 18.32
C GLN D 205 -17.31 16.66 19.31
N SER D 206 -18.52 17.21 19.26
CA SER D 206 -19.05 18.08 20.32
C SER D 206 -18.09 19.12 20.91
N ALA D 207 -17.47 19.95 20.08
CA ALA D 207 -16.51 20.92 20.63
C ALA D 207 -16.64 22.39 20.21
N ARG D 208 -17.73 22.98 20.69
CA ARG D 208 -17.81 24.42 20.91
C ARG D 208 -16.85 24.73 22.04
N CYS D 209 -16.73 23.77 22.96
CA CYS D 209 -15.91 23.95 24.13
C CYS D 209 -14.51 24.23 23.64
N ARG D 210 -14.14 23.48 22.62
CA ARG D 210 -12.83 23.55 22.05
C ARG D 210 -12.61 24.96 21.64
N GLU D 211 -13.62 25.50 20.99
CA GLU D 211 -13.59 26.85 20.52
C GLU D 211 -13.45 27.70 21.74
N ALA D 212 -14.21 27.34 22.76
CA ALA D 212 -14.29 28.11 23.96
C ALA D 212 -12.98 28.22 24.70
N ARG D 213 -12.34 27.08 24.93
CA ARG D 213 -11.09 27.10 25.67
C ARG D 213 -10.13 27.95 24.86
N ALA D 214 -10.15 27.73 23.55
CA ALA D 214 -9.23 28.44 22.68
C ALA D 214 -9.48 29.94 22.66
N GLU D 215 -10.73 30.34 22.62
CA GLU D 215 -11.05 31.75 22.55
C GLU D 215 -10.56 32.38 23.84
N LEU D 216 -10.76 31.68 24.94
CA LEU D 216 -10.33 32.18 26.21
C LEU D 216 -8.83 32.27 26.23
N GLN D 217 -8.18 31.22 25.75
CA GLN D 217 -6.74 31.19 25.79
C GLN D 217 -6.25 32.26 24.85
N LYS D 218 -6.86 32.31 23.67
CA LYS D 218 -6.41 33.23 22.67
C LYS D 218 -6.49 34.62 23.24
N ILE D 219 -7.60 34.92 23.89
CA ILE D 219 -7.83 36.27 24.38
C ILE D 219 -6.82 36.65 25.44
N LEU D 220 -6.59 35.74 26.37
CA LEU D 220 -5.64 35.98 27.45
C LEU D 220 -4.29 36.26 26.82
N GLY D 221 -3.98 35.48 25.79
CA GLY D 221 -2.67 35.58 25.15
C GLY D 221 -2.45 37.00 24.66
N GLU D 222 -3.45 37.54 24.00
CA GLU D 222 -3.37 38.87 23.46
C GLU D 222 -3.19 39.82 24.61
N ILE D 223 -3.86 39.54 25.71
CA ILE D 223 -3.84 40.46 26.83
C ILE D 223 -2.44 40.56 27.42
N ILE D 224 -1.75 39.44 27.48
CA ILE D 224 -0.43 39.41 28.10
C ILE D 224 0.52 40.31 27.34
N VAL D 225 0.42 40.24 26.03
CA VAL D 225 1.30 40.99 25.14
C VAL D 225 1.11 42.48 25.32
N ALA D 226 -0.16 42.87 25.43
CA ALA D 226 -0.52 44.26 25.62
C ALA D 226 0.06 44.78 26.92
N ARG D 227 -0.02 43.98 27.97
CA ARG D 227 0.54 44.37 29.24
C ARG D 227 2.04 44.44 29.11
N GLU D 228 2.62 43.35 28.63
CA GLU D 228 4.05 43.28 28.42
C GLU D 228 4.43 44.45 27.54
N LYS D 229 3.62 44.66 26.52
CA LYS D 229 3.90 45.71 25.57
C LYS D 229 3.87 47.07 26.21
N GLU D 230 2.95 47.26 27.14
CA GLU D 230 2.73 48.58 27.72
C GLU D 230 3.40 48.75 29.07
N GLU D 231 4.27 47.82 29.44
CA GLU D 231 4.87 47.88 30.78
C GLU D 231 5.54 49.24 30.90
N ALA D 232 6.09 49.72 29.79
CA ALA D 232 6.57 51.09 29.71
C ALA D 232 5.38 52.04 29.64
N SER D 239 -1.65 43.48 40.83
CA SER D 239 -2.41 43.18 39.63
C SER D 239 -3.48 42.12 39.95
N ASP D 240 -4.31 41.82 38.95
CA ASP D 240 -5.39 40.86 39.09
C ASP D 240 -4.87 39.43 39.21
N LEU D 241 -5.80 38.48 39.25
CA LEU D 241 -5.48 37.07 39.31
C LEU D 241 -4.48 36.67 38.23
N LEU D 242 -4.82 37.02 37.00
CA LEU D 242 -3.98 36.70 35.85
C LEU D 242 -2.60 37.24 36.06
N GLY D 243 -2.50 38.40 36.70
CA GLY D 243 -1.22 38.97 37.05
C GLY D 243 -0.43 38.02 37.92
N GLY D 244 -1.11 37.44 38.90
CA GLY D 244 -0.44 36.61 39.87
C GLY D 244 0.09 35.33 39.30
N LEU D 245 -0.66 34.72 38.40
CA LEU D 245 -0.23 33.43 37.84
C LEU D 245 1.01 33.62 36.99
N LEU D 246 1.03 34.75 36.30
CA LEU D 246 2.16 35.14 35.49
C LEU D 246 3.47 35.42 36.23
N LYS D 247 3.42 35.55 37.55
CA LYS D 247 4.65 35.64 38.34
C LYS D 247 5.01 34.30 39.01
N ALA D 248 4.10 33.34 38.94
CA ALA D 248 4.26 32.06 39.63
C ALA D 248 5.43 31.34 39.03
N VAL D 249 6.29 30.82 39.89
CA VAL D 249 7.46 30.05 39.50
C VAL D 249 7.43 28.67 40.09
N TYR D 250 7.80 27.68 39.31
CA TYR D 250 7.94 26.32 39.82
C TYR D 250 9.22 26.13 40.64
N ARG D 251 9.33 25.02 41.36
CA ARG D 251 10.59 24.69 42.04
C ARG D 251 11.61 24.32 41.00
N ASP D 252 11.10 23.92 39.85
CA ASP D 252 11.84 23.70 38.63
C ASP D 252 12.55 24.99 38.20
N GLY D 253 11.95 26.13 38.49
CA GLY D 253 12.53 27.43 38.17
C GLY D 253 11.84 28.11 36.99
N THR D 254 10.97 27.36 36.32
CA THR D 254 10.22 27.87 35.18
C THR D 254 9.04 28.70 35.63
N ARG D 255 8.21 29.10 34.67
CA ARG D 255 6.93 29.75 34.94
C ARG D 255 5.90 29.05 34.07
N MET D 256 4.62 29.30 34.32
CA MET D 256 3.58 28.50 33.65
C MET D 256 3.45 28.86 32.20
N SER D 257 3.03 27.89 31.40
CA SER D 257 2.82 28.10 29.98
C SER D 257 1.51 28.83 29.87
N LEU D 258 1.24 29.42 28.73
CA LEU D 258 -0.05 30.06 28.57
C LEU D 258 -1.12 29.01 28.80
N HIS D 259 -0.86 27.83 28.26
CA HIS D 259 -1.77 26.74 28.32
C HIS D 259 -2.15 26.40 29.75
N GLU D 260 -1.15 26.26 30.62
CA GLU D 260 -1.44 26.10 32.03
C GLU D 260 -2.09 27.36 32.61
N VAL D 261 -1.55 28.55 32.33
CA VAL D 261 -2.09 29.73 32.98
C VAL D 261 -3.57 29.75 32.71
N CYS D 262 -3.91 29.50 31.47
CA CYS D 262 -5.27 29.56 31.05
C CYS D 262 -6.07 28.53 31.81
N GLY D 263 -5.55 27.31 31.87
CA GLY D 263 -6.28 26.18 32.45
C GLY D 263 -6.56 26.45 33.89
N MET D 264 -5.73 27.28 34.51
CA MET D 264 -5.95 27.67 35.88
C MET D 264 -7.09 28.63 36.05
N ILE D 265 -7.25 29.58 35.14
CA ILE D 265 -8.37 30.51 35.24
C ILE D 265 -9.65 29.75 35.02
N VAL D 266 -9.61 28.81 34.09
CA VAL D 266 -10.78 28.02 33.84
C VAL D 266 -11.17 27.26 35.10
N ALA D 267 -10.17 26.81 35.83
CA ALA D 267 -10.44 26.11 37.07
C ALA D 267 -11.07 27.01 38.09
N ALA D 268 -10.55 28.23 38.18
CA ALA D 268 -11.00 29.15 39.23
C ALA D 268 -12.46 29.56 39.10
N MET D 269 -12.93 29.79 37.88
CA MET D 269 -14.31 30.23 37.66
C MET D 269 -15.27 29.06 37.61
N PHE D 270 -14.83 28.02 36.95
CA PHE D 270 -15.66 26.89 36.75
C PHE D 270 -16.05 26.31 38.10
N ALA D 271 -15.08 26.24 39.00
CA ALA D 271 -15.29 25.65 40.30
C ALA D 271 -16.36 26.42 41.03
N GLY D 272 -16.18 27.74 41.04
CA GLY D 272 -17.00 28.65 41.79
C GLY D 272 -18.40 28.92 41.28
N GLN D 273 -18.61 28.88 39.97
CA GLN D 273 -19.91 29.28 39.41
C GLN D 273 -21.13 28.57 40.01
N HIS D 274 -21.18 27.25 39.97
CA HIS D 274 -22.38 26.57 40.45
C HIS D 274 -22.37 26.50 41.95
N THR D 275 -21.25 26.14 42.53
CA THR D 275 -21.24 25.88 43.93
C THR D 275 -21.59 27.13 44.66
N SER D 276 -20.87 28.19 44.33
CA SER D 276 -21.04 29.42 45.06
C SER D 276 -22.44 29.87 44.87
N THR D 277 -22.94 29.71 43.65
CA THR D 277 -24.28 30.13 43.31
C THR D 277 -25.39 29.38 44.03
N ILE D 278 -25.25 28.07 44.17
CA ILE D 278 -26.27 27.29 44.84
C ILE D 278 -26.42 27.76 46.26
N THR D 279 -25.31 28.18 46.83
CA THR D 279 -25.21 28.40 48.25
C THR D 279 -25.84 29.74 48.62
N THR D 280 -25.58 30.75 47.80
CA THR D 280 -26.21 32.06 47.94
C THR D 280 -27.73 31.91 47.86
N SER D 281 -28.17 31.06 46.92
CA SER D 281 -29.58 30.81 46.69
C SER D 281 -30.21 29.96 47.77
N TRP D 282 -29.65 28.78 48.01
CA TRP D 282 -30.15 27.94 49.10
C TRP D 282 -30.27 28.76 50.37
N SER D 283 -29.30 29.66 50.60
CA SER D 283 -29.29 30.44 51.85
C SER D 283 -30.38 31.48 51.95
N MET D 284 -30.79 32.05 50.81
CA MET D 284 -31.79 33.11 50.82
C MET D 284 -33.16 32.52 51.01
N LEU D 285 -33.44 31.51 50.20
CA LEU D 285 -34.63 30.69 50.38
C LEU D 285 -34.83 30.36 51.87
N HIS D 286 -33.83 29.73 52.49
CA HIS D 286 -33.92 29.45 53.92
C HIS D 286 -34.24 30.72 54.72
N LEU D 287 -33.50 31.80 54.48
CA LEU D 287 -33.66 33.02 55.28
C LEU D 287 -34.93 33.86 55.03
N MET D 288 -35.49 33.80 53.82
CA MET D 288 -36.70 34.58 53.50
C MET D 288 -37.99 33.87 53.95
N HIS D 289 -37.85 32.60 54.34
CA HIS D 289 -39.00 31.77 54.59
C HIS D 289 -39.70 32.19 55.84
N PRO D 290 -41.03 32.22 55.79
CA PRO D 290 -41.78 32.85 56.85
C PRO D 290 -41.33 32.33 58.17
N LYS D 291 -41.08 31.03 58.25
CA LYS D 291 -40.69 30.45 59.50
C LYS D 291 -39.42 31.05 60.07
N ASN D 292 -38.46 31.29 59.19
CA ASN D 292 -37.08 31.46 59.59
C ASN D 292 -36.75 32.86 60.01
N LYS D 293 -37.78 33.67 60.20
CA LYS D 293 -37.58 35.07 60.49
C LYS D 293 -36.63 35.20 61.64
N LYS D 294 -36.87 34.39 62.66
CA LYS D 294 -36.05 34.41 63.86
C LYS D 294 -34.60 34.66 63.48
N TRP D 295 -34.15 33.90 62.49
CA TRP D 295 -32.81 34.04 61.98
C TRP D 295 -32.71 35.28 61.10
N LEU D 296 -33.70 35.45 60.22
CA LEU D 296 -33.64 36.52 59.24
C LEU D 296 -33.54 37.82 60.01
N ASP D 297 -34.34 37.94 61.05
CA ASP D 297 -34.22 39.09 61.88
C ASP D 297 -32.86 39.13 62.56
N LYS D 298 -32.39 37.99 63.05
CA LYS D 298 -31.14 37.96 63.77
C LYS D 298 -30.05 38.45 62.86
N LEU D 299 -30.14 38.02 61.62
CA LEU D 299 -29.21 38.48 60.63
C LEU D 299 -29.34 39.98 60.45
N HIS D 300 -30.56 40.50 60.54
CA HIS D 300 -30.72 41.93 60.33
C HIS D 300 -30.09 42.73 61.45
N LYS D 301 -30.10 42.17 62.64
CA LYS D 301 -29.40 42.77 63.74
C LYS D 301 -27.95 42.87 63.33
N GLU D 302 -27.40 41.73 62.89
CA GLU D 302 -25.99 41.69 62.54
C GLU D 302 -25.69 42.70 61.44
N ILE D 303 -26.62 42.83 60.51
CA ILE D 303 -26.35 43.56 59.29
C ILE D 303 -26.76 45.00 59.31
N ASP D 304 -27.28 45.52 60.42
CA ASP D 304 -27.76 46.93 60.38
C ASP D 304 -26.89 48.00 61.03
N GLU D 305 -25.73 47.62 61.56
CA GLU D 305 -24.74 48.57 62.11
C GLU D 305 -23.82 49.06 60.98
N PHE D 306 -24.15 48.68 59.74
CA PHE D 306 -23.24 48.77 58.61
C PHE D 306 -23.47 49.95 57.68
N PRO D 307 -22.41 50.78 57.45
CA PRO D 307 -22.59 51.81 56.43
C PRO D 307 -22.85 51.17 55.09
N ALA D 308 -23.34 51.97 54.16
CA ALA D 308 -23.73 51.44 52.85
C ALA D 308 -22.51 50.85 52.18
N GLN D 309 -21.41 51.58 52.24
CA GLN D 309 -20.19 51.14 51.61
C GLN D 309 -19.45 50.18 52.51
N LEU D 310 -19.86 48.91 52.44
CA LEU D 310 -19.20 47.83 53.20
C LEU D 310 -17.74 47.77 52.82
N ASN D 311 -16.89 47.43 53.80
CA ASN D 311 -15.46 47.21 53.54
C ASN D 311 -15.00 45.77 53.89
N TYR D 312 -13.69 45.56 53.92
CA TYR D 312 -13.15 44.23 54.15
C TYR D 312 -13.46 43.77 55.56
N ASP D 313 -13.21 44.64 56.53
CA ASP D 313 -13.28 44.24 57.91
C ASP D 313 -14.72 43.81 58.18
N ASN D 314 -15.65 44.61 57.64
CA ASN D 314 -17.05 44.40 57.92
C ASN D 314 -17.50 42.98 57.64
N VAL D 315 -17.22 42.50 56.45
CA VAL D 315 -17.65 41.16 56.05
C VAL D 315 -16.81 40.06 56.68
N MET D 316 -15.51 40.27 56.66
CA MET D 316 -14.60 39.28 57.14
C MET D 316 -14.71 39.04 58.64
N ASP D 317 -14.84 40.11 59.42
CA ASP D 317 -14.77 40.00 60.88
C ASP D 317 -15.94 40.62 61.64
N GLU D 318 -17.01 40.98 60.96
CA GLU D 318 -18.16 41.52 61.67
C GLU D 318 -19.46 40.82 61.29
N MET D 319 -19.34 39.60 60.74
CA MET D 319 -20.51 38.91 60.19
C MET D 319 -20.62 37.43 60.58
N PRO D 320 -20.27 37.08 61.85
CA PRO D 320 -20.26 35.64 62.11
C PRO D 320 -21.60 34.96 61.88
N PHE D 321 -22.69 35.67 62.16
CA PHE D 321 -23.98 35.06 62.02
C PHE D 321 -24.25 34.69 60.58
N ALA D 322 -23.95 35.63 59.71
CA ALA D 322 -24.22 35.41 58.31
C ALA D 322 -23.43 34.18 57.89
N GLU D 323 -22.23 34.09 58.41
CA GLU D 323 -21.37 33.01 58.04
C GLU D 323 -21.98 31.66 58.45
N ARG D 324 -22.54 31.59 59.65
CA ARG D 324 -23.16 30.37 60.10
C ARG D 324 -24.32 29.99 59.20
N CYS D 325 -25.09 30.99 58.79
CA CYS D 325 -26.22 30.72 57.93
C CYS D 325 -25.73 30.06 56.71
N VAL D 326 -24.64 30.58 56.17
CA VAL D 326 -24.17 30.10 54.91
C VAL D 326 -23.65 28.68 55.04
N ARG D 327 -22.92 28.41 56.11
CA ARG D 327 -22.38 27.09 56.34
C ARG D 327 -23.50 26.08 56.50
N GLU D 328 -24.58 26.51 57.14
CA GLU D 328 -25.66 25.61 57.42
C GLU D 328 -26.38 25.23 56.15
N SER D 329 -26.45 26.16 55.24
CA SER D 329 -27.07 25.88 53.97
C SER D 329 -26.24 24.81 53.29
N ILE D 330 -24.93 25.02 53.27
CA ILE D 330 -24.08 24.07 52.59
C ILE D 330 -24.23 22.72 53.27
N ARG D 331 -24.37 22.76 54.58
CA ARG D 331 -24.37 21.57 55.39
C ARG D 331 -25.55 20.69 55.07
N ARG D 332 -26.71 21.32 55.05
CA ARG D 332 -27.98 20.65 54.83
C ARG D 332 -28.08 20.15 53.42
N ASP D 333 -27.61 20.96 52.48
CA ASP D 333 -27.72 20.63 51.08
C ASP D 333 -26.42 20.89 50.31
N PRO D 334 -25.38 20.03 50.48
CA PRO D 334 -24.13 20.44 49.81
C PRO D 334 -24.22 20.42 48.30
N PRO D 335 -23.63 21.40 47.63
CA PRO D 335 -23.71 21.31 46.18
C PRO D 335 -22.86 20.20 45.54
N LEU D 336 -21.72 19.86 46.13
CA LEU D 336 -20.96 18.64 45.71
C LEU D 336 -21.32 17.49 46.63
N LEU D 337 -22.19 16.61 46.12
CA LEU D 337 -22.71 15.43 46.86
C LEU D 337 -21.64 14.48 47.32
N MET D 338 -20.70 14.19 46.41
CA MET D 338 -19.79 13.06 46.57
C MET D 338 -18.45 13.36 45.98
N VAL D 339 -17.42 12.99 46.70
CA VAL D 339 -16.07 13.06 46.21
C VAL D 339 -15.51 11.66 46.25
N MET D 340 -14.60 11.36 45.33
CA MET D 340 -14.02 10.02 45.28
C MET D 340 -12.61 9.97 44.72
N ARG D 341 -11.88 8.98 45.23
CA ARG D 341 -10.53 8.68 44.80
C ARG D 341 -10.54 7.24 44.34
N MET D 342 -9.42 6.83 43.80
CA MET D 342 -9.24 5.48 43.28
C MET D 342 -8.25 4.77 44.19
N VAL D 343 -8.65 3.62 44.74
CA VAL D 343 -7.81 2.95 45.75
C VAL D 343 -6.58 2.32 45.08
N LYS D 344 -5.46 3.03 45.13
CA LYS D 344 -4.24 2.56 44.51
C LYS D 344 -3.55 1.48 45.36
N ALA D 345 -3.86 1.44 46.66
CA ALA D 345 -3.32 0.39 47.56
C ALA D 345 -4.18 0.37 48.79
N GLU D 346 -4.44 -0.81 49.34
CA GLU D 346 -5.53 -0.94 50.30
C GLU D 346 -5.35 -0.02 51.50
N VAL D 347 -6.50 0.45 52.00
CA VAL D 347 -6.58 1.40 53.11
C VAL D 347 -7.41 0.88 54.29
N LYS D 348 -6.99 1.26 55.50
CA LYS D 348 -7.69 0.91 56.72
C LYS D 348 -8.83 1.92 56.88
N VAL D 349 -10.06 1.41 56.88
CA VAL D 349 -11.22 2.21 57.22
C VAL D 349 -12.00 1.53 58.35
N GLY D 350 -11.91 2.09 59.57
CA GLY D 350 -12.56 1.52 60.74
C GLY D 350 -12.21 0.06 60.95
N SER D 351 -13.24 -0.80 61.03
CA SER D 351 -13.02 -2.26 61.19
C SER D 351 -12.68 -2.93 59.86
N TYR D 352 -12.86 -2.19 58.79
CA TYR D 352 -12.83 -2.72 57.44
C TYR D 352 -11.54 -2.32 56.75
N VAL D 353 -11.15 -3.11 55.76
CA VAL D 353 -10.02 -2.81 54.89
C VAL D 353 -10.66 -2.70 53.52
N VAL D 354 -10.34 -1.65 52.76
CA VAL D 354 -10.93 -1.51 51.44
C VAL D 354 -9.90 -1.82 50.39
N PRO D 355 -10.15 -2.83 49.54
CA PRO D 355 -9.15 -3.38 48.62
C PRO D 355 -8.83 -2.44 47.48
N LYS D 356 -7.61 -2.53 46.94
CA LYS D 356 -7.21 -1.68 45.79
C LYS D 356 -8.07 -1.94 44.57
N GLY D 357 -8.21 -0.94 43.72
CA GLY D 357 -9.13 -1.05 42.60
C GLY D 357 -10.44 -0.32 42.86
N ASP D 358 -10.91 -0.31 44.10
CA ASP D 358 -12.20 0.26 44.37
C ASP D 358 -12.18 1.77 44.22
N ILE D 359 -13.33 2.33 43.87
CA ILE D 359 -13.54 3.76 43.99
C ILE D 359 -14.04 4.03 45.41
N ILE D 360 -13.13 4.43 46.29
CA ILE D 360 -13.50 4.89 47.62
C ILE D 360 -14.17 6.23 47.50
N ALA D 361 -15.29 6.44 48.17
CA ALA D 361 -15.97 7.71 48.04
C ALA D 361 -16.41 8.18 49.39
N CYS D 362 -16.54 9.49 49.51
CA CYS D 362 -16.97 10.10 50.75
C CYS D 362 -18.00 11.11 50.36
N SER D 363 -19.19 11.01 50.92
CA SER D 363 -20.29 11.82 50.48
C SER D 363 -20.62 12.87 51.51
N PRO D 364 -20.49 14.17 51.15
CA PRO D 364 -20.98 15.14 52.10
C PRO D 364 -22.46 15.09 52.38
N LEU D 365 -23.29 14.79 51.39
CA LEU D 365 -24.74 14.75 51.62
C LEU D 365 -25.04 13.69 52.67
N LEU D 366 -24.43 12.53 52.47
CA LEU D 366 -24.62 11.46 53.40
C LEU D 366 -24.14 11.88 54.76
N SER D 367 -22.93 12.43 54.82
CA SER D 367 -22.36 12.77 56.09
C SER D 367 -23.21 13.80 56.79
N HIS D 368 -23.68 14.77 56.03
CA HIS D 368 -24.40 15.87 56.63
C HIS D 368 -25.76 15.44 57.12
N HIS D 369 -26.18 14.23 56.79
CA HIS D 369 -27.39 13.69 57.37
C HIS D 369 -27.22 12.49 58.37
N ASP D 370 -26.01 12.27 58.91
CA ASP D 370 -25.84 11.28 59.98
C ASP D 370 -26.47 11.85 61.24
N GLU D 371 -27.33 11.07 61.90
CA GLU D 371 -28.20 11.60 62.97
C GLU D 371 -27.42 12.02 64.23
N GLU D 372 -26.46 11.18 64.63
CA GLU D 372 -25.51 11.50 65.70
C GLU D 372 -24.88 12.88 65.55
N ALA D 373 -24.34 13.14 64.36
CA ALA D 373 -23.51 14.30 64.09
C ALA D 373 -24.33 15.58 63.88
N PHE D 374 -25.44 15.43 63.17
CA PHE D 374 -26.39 16.52 62.97
C PHE D 374 -27.77 15.96 63.22
N PRO D 375 -28.36 16.36 64.32
CA PRO D 375 -29.70 15.95 64.69
C PRO D 375 -30.75 16.62 63.84
N ASN D 376 -31.76 15.84 63.45
CA ASN D 376 -32.82 16.34 62.64
C ASN D 376 -32.25 17.04 61.40
N PRO D 377 -31.59 16.24 60.53
CA PRO D 377 -30.80 16.93 59.54
C PRO D 377 -31.54 17.84 58.59
N ARG D 378 -32.77 17.51 58.22
CA ARG D 378 -33.45 18.29 57.18
C ARG D 378 -33.90 19.64 57.72
N LEU D 379 -33.72 19.87 59.01
CA LEU D 379 -34.04 21.16 59.62
C LEU D 379 -32.89 22.10 59.43
N TRP D 380 -33.17 23.30 58.94
CA TRP D 380 -32.10 24.26 58.73
C TRP D 380 -31.87 25.04 60.00
N ASP D 381 -30.82 24.66 60.72
CA ASP D 381 -30.52 25.24 62.04
C ASP D 381 -29.10 25.84 62.08
N PRO D 382 -28.97 27.13 61.71
CA PRO D 382 -27.70 27.82 61.69
C PRO D 382 -26.90 27.73 62.94
N GLU D 383 -27.58 27.63 64.08
CA GLU D 383 -26.85 27.61 65.36
C GLU D 383 -26.49 26.17 65.77
N ARG D 384 -26.72 25.18 64.91
CA ARG D 384 -26.35 23.81 65.24
C ARG D 384 -24.84 23.62 65.22
N ASP D 385 -24.37 22.51 65.79
CA ASP D 385 -22.93 22.24 65.87
C ASP D 385 -22.59 20.76 65.72
N GLU D 386 -21.74 20.44 64.76
CA GLU D 386 -21.42 19.03 64.51
C GLU D 386 -21.12 18.32 65.83
N LYS D 387 -21.94 17.36 66.19
CA LYS D 387 -21.69 16.63 67.40
C LYS D 387 -20.66 15.49 67.21
N VAL D 388 -20.23 15.22 65.97
CA VAL D 388 -19.00 14.41 65.72
C VAL D 388 -18.01 15.29 64.98
N ASP D 389 -16.81 15.49 65.48
CA ASP D 389 -15.93 16.52 64.88
C ASP D 389 -15.55 16.26 63.43
N GLY D 390 -15.54 17.33 62.65
CA GLY D 390 -15.18 17.26 61.26
C GLY D 390 -16.26 16.56 60.45
N ALA D 391 -17.48 16.57 60.97
CA ALA D 391 -18.56 15.96 60.26
C ALA D 391 -18.82 16.67 58.96
N PHE D 392 -18.72 18.00 59.02
CA PHE D 392 -18.94 18.87 57.90
C PHE D 392 -17.79 18.83 56.94
N ILE D 393 -18.10 18.55 55.69
CA ILE D 393 -17.10 18.40 54.66
C ILE D 393 -17.59 19.05 53.38
N GLY D 394 -18.43 20.06 53.52
CA GLY D 394 -18.89 20.80 52.38
C GLY D 394 -17.77 21.52 51.68
N PHE D 395 -16.63 21.69 52.35
CA PHE D 395 -15.45 22.20 51.67
C PHE D 395 -14.34 21.19 51.68
N GLY D 396 -14.73 19.92 51.84
CA GLY D 396 -13.79 18.83 51.91
C GLY D 396 -12.88 18.97 53.10
N ALA D 397 -11.89 18.09 53.15
CA ALA D 397 -11.02 18.05 54.29
C ALA D 397 -9.61 17.68 53.88
N GLY D 398 -8.73 17.59 54.87
CA GLY D 398 -7.36 17.11 54.72
C GLY D 398 -6.57 17.61 53.52
N VAL D 399 -5.95 16.67 52.82
CA VAL D 399 -5.06 17.01 51.72
C VAL D 399 -5.78 17.74 50.59
N HIS D 400 -7.11 17.77 50.66
CA HIS D 400 -7.94 18.37 49.62
C HIS D 400 -8.96 19.38 50.10
N LYS D 401 -8.57 20.23 51.03
CA LYS D 401 -9.46 21.24 51.49
C LYS D 401 -9.68 22.19 50.32
N CYS D 402 -10.93 22.54 50.07
CA CYS D 402 -11.24 23.55 49.06
C CYS D 402 -10.46 24.81 49.34
N ILE D 403 -9.78 25.33 48.32
CA ILE D 403 -8.89 26.50 48.42
C ILE D 403 -9.61 27.83 48.11
N GLY D 404 -10.89 27.72 47.74
CA GLY D 404 -11.69 28.87 47.40
C GLY D 404 -12.68 29.28 48.48
N GLN D 405 -12.90 28.40 49.47
CA GLN D 405 -13.87 28.75 50.52
C GLN D 405 -13.76 30.20 51.02
N LYS D 406 -12.65 30.62 51.61
CA LYS D 406 -12.54 32.02 52.05
C LYS D 406 -13.11 33.02 51.02
N PHE D 407 -12.74 32.90 49.74
CA PHE D 407 -13.28 33.79 48.74
C PHE D 407 -14.75 33.53 48.56
N ALA D 408 -15.14 32.27 48.52
CA ALA D 408 -16.53 31.94 48.29
C ALA D 408 -17.42 32.43 49.42
N LEU D 409 -16.98 32.26 50.66
CA LEU D 409 -17.73 32.81 51.78
C LEU D 409 -17.83 34.32 51.69
N LEU D 410 -16.70 34.97 51.43
CA LEU D 410 -16.68 36.43 51.41
C LEU D 410 -17.65 36.92 50.36
N GLN D 411 -17.64 36.20 49.24
CA GLN D 411 -18.44 36.59 48.11
C GLN D 411 -19.92 36.60 48.47
N VAL D 412 -20.39 35.48 48.99
CA VAL D 412 -21.80 35.30 49.29
C VAL D 412 -22.22 36.20 50.42
N LYS D 413 -21.37 36.27 51.43
CA LYS D 413 -21.71 37.01 52.62
C LYS D 413 -22.01 38.42 52.22
N THR D 414 -21.16 38.96 51.34
CA THR D 414 -21.34 40.29 50.84
C THR D 414 -22.64 40.47 50.09
N ILE D 415 -23.01 39.47 49.32
CA ILE D 415 -24.26 39.52 48.59
C ILE D 415 -25.42 39.54 49.56
N LEU D 416 -25.33 38.70 50.58
CA LEU D 416 -26.39 38.65 51.56
C LEU D 416 -26.48 40.00 52.22
N ALA D 417 -25.37 40.49 52.72
CA ALA D 417 -25.37 41.75 53.45
C ALA D 417 -25.86 42.88 52.56
N THR D 418 -25.50 42.84 51.29
CA THR D 418 -25.97 43.83 50.37
C THR D 418 -27.44 43.69 50.07
N ALA D 419 -27.86 42.49 49.69
CA ALA D 419 -29.19 42.30 49.17
C ALA D 419 -30.28 42.50 50.21
N PHE D 420 -30.16 41.81 51.34
CA PHE D 420 -31.24 41.81 52.30
C PHE D 420 -31.48 43.18 52.88
N ARG D 421 -30.43 43.98 52.95
CA ARG D 421 -30.53 45.31 53.53
C ARG D 421 -31.45 46.24 52.75
N GLU D 422 -31.32 46.23 51.43
CA GLU D 422 -32.15 47.07 50.58
C GLU D 422 -33.36 46.34 49.98
N TYR D 423 -33.57 45.10 50.38
CA TYR D 423 -34.72 44.35 49.94
C TYR D 423 -35.32 43.43 51.01
N ASP D 424 -36.53 42.99 50.73
CA ASP D 424 -37.19 41.92 51.44
C ASP D 424 -37.61 41.00 50.33
N PHE D 425 -37.91 39.75 50.67
CA PHE D 425 -38.24 38.74 49.65
C PHE D 425 -39.31 37.81 50.17
N GLN D 426 -40.01 37.15 49.27
CA GLN D 426 -40.98 36.14 49.64
C GLN D 426 -40.94 35.05 48.59
N LEU D 427 -41.16 33.82 49.00
CA LEU D 427 -41.03 32.66 48.12
C LEU D 427 -42.40 32.07 47.80
N LEU D 428 -42.68 31.80 46.53
CA LEU D 428 -44.04 31.42 46.13
C LEU D 428 -44.31 29.94 46.33
N ARG D 429 -44.06 29.47 47.54
CA ARG D 429 -44.36 28.08 47.89
C ARG D 429 -44.48 28.09 49.39
N ASP D 430 -45.17 27.09 49.94
CA ASP D 430 -45.23 26.97 51.39
C ASP D 430 -43.87 26.55 51.92
N GLU D 431 -43.16 25.75 51.12
CA GLU D 431 -41.90 25.19 51.55
C GLU D 431 -40.75 25.74 50.76
N VAL D 432 -39.59 25.70 51.39
CA VAL D 432 -38.33 25.98 50.74
C VAL D 432 -38.17 24.93 49.63
N PRO D 433 -37.60 25.31 48.48
CA PRO D 433 -37.63 24.35 47.38
C PRO D 433 -36.92 23.05 47.69
N ASP D 434 -37.28 22.02 46.94
CA ASP D 434 -36.60 20.74 46.99
C ASP D 434 -35.22 20.83 46.35
N PRO D 435 -34.29 19.94 46.74
CA PRO D 435 -33.12 19.80 45.89
C PRO D 435 -33.35 18.88 44.68
N ASP D 436 -33.04 19.43 43.51
CA ASP D 436 -33.04 18.72 42.24
C ASP D 436 -31.69 18.01 42.10
N TYR D 437 -31.70 16.69 42.27
CA TYR D 437 -30.48 15.89 42.26
C TYR D 437 -30.08 15.44 40.86
N HIS D 438 -30.65 16.03 39.81
CA HIS D 438 -30.37 15.57 38.43
C HIS D 438 -29.11 16.15 37.79
N THR D 439 -28.72 17.37 38.15
CA THR D 439 -27.51 18.00 37.63
C THR D 439 -26.31 17.44 38.38
N MET D 440 -25.09 17.61 37.87
CA MET D 440 -23.92 17.08 38.60
C MET D 440 -23.59 17.97 39.79
N VAL D 441 -23.73 19.28 39.63
CA VAL D 441 -23.69 20.14 40.79
C VAL D 441 -25.13 20.28 41.23
N VAL D 442 -25.39 20.11 42.53
CA VAL D 442 -26.76 19.93 43.02
C VAL D 442 -27.29 21.12 43.78
N GLY D 443 -28.35 21.73 43.24
CA GLY D 443 -28.91 23.00 43.76
C GLY D 443 -30.42 23.00 43.88
N PRO D 444 -31.01 24.13 44.34
CA PRO D 444 -32.45 24.08 44.55
C PRO D 444 -33.19 23.98 43.24
N THR D 445 -34.25 23.17 43.17
CA THR D 445 -34.96 22.98 41.90
C THR D 445 -35.31 24.32 41.22
N LEU D 446 -34.98 24.41 39.95
CA LEU D 446 -34.95 25.67 39.21
C LEU D 446 -36.29 26.44 39.22
N ASN D 447 -37.35 25.77 38.80
CA ASN D 447 -38.62 26.45 38.68
C ASN D 447 -39.10 26.86 40.07
N GLN D 448 -38.87 25.99 41.05
CA GLN D 448 -39.37 26.20 42.39
C GLN D 448 -38.78 27.46 42.99
N CYS D 449 -37.66 27.93 42.46
CA CYS D 449 -37.01 29.11 43.00
C CYS D 449 -37.58 30.39 42.43
N LEU D 450 -38.83 30.68 42.76
CA LEU D 450 -39.49 31.88 42.29
C LEU D 450 -39.82 32.76 43.46
N VAL D 451 -39.56 34.04 43.29
CA VAL D 451 -39.53 34.93 44.41
C VAL D 451 -40.10 36.27 44.05
N LYS D 452 -40.56 37.01 45.06
CA LYS D 452 -40.95 38.38 44.86
C LYS D 452 -40.28 39.28 45.87
N TYR D 453 -39.88 40.46 45.41
CA TYR D 453 -39.08 41.37 46.22
C TYR D 453 -39.72 42.74 46.27
N THR D 454 -39.34 43.54 47.27
CA THR D 454 -39.78 44.92 47.31
C THR D 454 -38.68 45.76 47.93
N ARG D 455 -38.47 46.96 47.40
CA ARG D 455 -37.40 47.82 47.91
C ARG D 455 -37.69 48.22 49.34
N LYS D 456 -36.65 48.54 50.08
CA LYS D 456 -36.80 48.93 51.47
C LYS D 456 -37.54 50.26 51.58
N LYS D 457 -37.16 51.22 50.74
CA LYS D 457 -37.75 52.55 50.80
C LYS D 457 -37.28 53.43 49.66
#